data_5HJC
# 
_entry.id   5HJC 
# 
_audit_conform.dict_name       mmcif_pdbx.dic 
_audit_conform.dict_version    5.398 
_audit_conform.dict_location   http://mmcif.pdb.org/dictionaries/ascii/mmcif_pdbx.dic 
# 
loop_
_database_2.database_id 
_database_2.database_code 
_database_2.pdbx_database_accession 
_database_2.pdbx_DOI 
PDB   5HJC         pdb_00005hjc 10.2210/pdb5hjc/pdb 
WWPDB D_1000217128 ?            ?                   
# 
loop_
_pdbx_audit_revision_history.ordinal 
_pdbx_audit_revision_history.data_content_type 
_pdbx_audit_revision_history.major_revision 
_pdbx_audit_revision_history.minor_revision 
_pdbx_audit_revision_history.revision_date 
1 'Structure model' 1 0 2016-04-20 
2 'Structure model' 1 1 2016-05-04 
3 'Structure model' 1 2 2023-11-08 
4 'Structure model' 1 3 2023-11-15 
5 'Structure model' 1 4 2024-11-13 
# 
_pdbx_audit_revision_details.ordinal             1 
_pdbx_audit_revision_details.revision_ordinal    1 
_pdbx_audit_revision_details.data_content_type   'Structure model' 
_pdbx_audit_revision_details.provider            repository 
_pdbx_audit_revision_details.type                'Initial release' 
_pdbx_audit_revision_details.description         ? 
_pdbx_audit_revision_details.details             ? 
# 
loop_
_pdbx_audit_revision_group.ordinal 
_pdbx_audit_revision_group.revision_ordinal 
_pdbx_audit_revision_group.data_content_type 
_pdbx_audit_revision_group.group 
1 2 'Structure model' 'Database references'    
2 3 'Structure model' 'Data collection'        
3 3 'Structure model' 'Database references'    
4 3 'Structure model' 'Derived calculations'   
5 3 'Structure model' 'Refinement description' 
6 4 'Structure model' 'Data collection'        
7 5 'Structure model' 'Structure summary'      
# 
loop_
_pdbx_audit_revision_category.ordinal 
_pdbx_audit_revision_category.revision_ordinal 
_pdbx_audit_revision_category.data_content_type 
_pdbx_audit_revision_category.category 
1  3 'Structure model' chem_comp_atom                
2  3 'Structure model' chem_comp_bond                
3  3 'Structure model' citation                      
4  3 'Structure model' database_2                    
5  3 'Structure model' pdbx_initial_refinement_model 
6  3 'Structure model' pdbx_struct_oper_list         
7  4 'Structure model' chem_comp_atom                
8  4 'Structure model' chem_comp_bond                
9  5 'Structure model' pdbx_entry_details            
10 5 'Structure model' pdbx_modification_feature     
# 
loop_
_pdbx_audit_revision_item.ordinal 
_pdbx_audit_revision_item.revision_ordinal 
_pdbx_audit_revision_item.data_content_type 
_pdbx_audit_revision_item.item 
1 3 'Structure model' '_citation.journal_id_CSD'                  
2 3 'Structure model' '_database_2.pdbx_DOI'                      
3 3 'Structure model' '_database_2.pdbx_database_accession'       
4 3 'Structure model' '_pdbx_struct_oper_list.symmetry_operation' 
5 4 'Structure model' '_chem_comp_atom.atom_id'                   
6 4 'Structure model' '_chem_comp_bond.atom_id_2'                 
# 
_pdbx_database_status.status_code                     REL 
_pdbx_database_status.status_code_sf                  REL 
_pdbx_database_status.status_code_mr                  ? 
_pdbx_database_status.entry_id                        5HJC 
_pdbx_database_status.recvd_initial_deposition_date   2016-01-13 
_pdbx_database_status.SG_entry                        N 
_pdbx_database_status.deposit_site                    RCSB 
_pdbx_database_status.process_site                    PDBJ 
_pdbx_database_status.status_code_cs                  ? 
_pdbx_database_status.methods_development_category    ? 
_pdbx_database_status.pdb_format_compatible           Y 
_pdbx_database_status.status_code_nmr_data            ? 
# 
loop_
_pdbx_database_related.content_type 
_pdbx_database_related.db_id 
_pdbx_database_related.db_name 
_pdbx_database_related.details 
unspecified 5HJB PDB . 
unspecified 5HJD PDB . 
# 
loop_
_audit_author.name 
_audit_author.pdbx_ordinal 
'Li, Y.Y.'   1 
'Zhao, D.'   2 
'Guan, H.P.' 3 
'Li, H.T.'   4 
# 
_citation.abstract                  ? 
_citation.abstract_id_CAS           ? 
_citation.book_id_ISBN              ? 
_citation.book_publisher            ? 
_citation.book_publisher_city       ? 
_citation.book_title                ? 
_citation.coordinate_linkage        ? 
_citation.country                   US 
_citation.database_id_Medline       ? 
_citation.details                   ? 
_citation.id                        primary 
_citation.journal_abbrev            Mol.Cell 
_citation.journal_id_ASTM           MOCEFL 
_citation.journal_id_CSD            2168 
_citation.journal_id_ISSN           1097-2765 
_citation.journal_full              ? 
_citation.journal_issue             ? 
_citation.journal_volume            62 
_citation.language                  ? 
_citation.page_first                181 
_citation.page_last                 193 
_citation.title                     'Molecular Coupling of Histone Crotonylation and Active Transcription by AF9 YEATS Domain' 
_citation.year                      2016 
_citation.database_id_CSD           ? 
_citation.pdbx_database_id_DOI      10.1016/j.molcel.2016.03.028 
_citation.pdbx_database_id_PubMed   27105114 
_citation.unpublished_flag          ? 
# 
loop_
_citation_author.citation_id 
_citation_author.name 
_citation_author.ordinal 
_citation_author.identifier_ORCID 
primary 'Li, Y.Y.'      1  ? 
primary 'Sabari, B.R.'  2  ? 
primary 'Panchenko, T.' 3  ? 
primary 'Wen, H.'       4  ? 
primary 'Zhao, D.'      5  ? 
primary 'Guan, H.P.'    6  ? 
primary 'Wan, L.'       7  ? 
primary 'Huang, H.'     8  ? 
primary 'Tang, Z.'      9  ? 
primary 'Zhao, Y.'      10 ? 
primary 'Roeder, R.G.'  11 ? 
primary 'Shi, X.'       12 ? 
primary 'Allis, C.D.'   13 ? 
primary 'Li, H.T.'      14 ? 
# 
loop_
_entity.id 
_entity.type 
_entity.src_method 
_entity.pdbx_description 
_entity.formula_weight 
_entity.pdbx_number_of_molecules 
_entity.pdbx_ec 
_entity.pdbx_mutation 
_entity.pdbx_fragment 
_entity.details 
1 polymer     man 'Bromodomain-containing protein 3' 13032.073 1  ? ? 'second bromodomain, UNP residues 307-416' ? 
2 polymer     syn 'peptide of Histone H3.1'          1056.258  1  ? ? ?                                          ? 
3 non-polymer syn 1,2-ETHANEDIOL                     62.068    1  ? ? ?                                          ? 
4 non-polymer syn 'CHLORIDE ION'                     35.453    1  ? ? ?                                          ? 
5 water       nat water                              18.015    52 ? ? ?                                          ? 
# 
_entity_name_com.entity_id   1 
_entity_name_com.name        'RING3-like protein' 
# 
loop_
_entity_poly.entity_id 
_entity_poly.type 
_entity_poly.nstd_linkage 
_entity_poly.nstd_monomer 
_entity_poly.pdbx_seq_one_letter_code 
_entity_poly.pdbx_seq_one_letter_code_can 
_entity_poly.pdbx_strand_id 
_entity_poly.pdbx_target_identifier 
1 'polypeptide(L)' no no  
;KLSEHLRYCDSILREMLSKKHAAYAWPFYKPVDAEALELHDYHDIIKHPMDLSTVKRKMDGREYPDAQGFAADVRLMFSN
CYKYNPPDHEVVAMARKLQDVFEMRFAKMP
;
;KLSEHLRYCDSILREMLSKKHAAYAWPFYKPVDAEALELHDYHDIIKHPMDLSTVKRKMDGREYPDAQGFAADVRLMFSN
CYKYNPPDHEVVAMARKLQDVFEMRFAKMP
;
A ? 
2 'polypeptide(L)' no yes 'APR(ALY)QLATK' APRKQLATK B ? 
# 
loop_
_pdbx_entity_nonpoly.entity_id 
_pdbx_entity_nonpoly.name 
_pdbx_entity_nonpoly.comp_id 
3 1,2-ETHANEDIOL EDO 
4 'CHLORIDE ION' CL  
5 water          HOH 
# 
loop_
_entity_poly_seq.entity_id 
_entity_poly_seq.num 
_entity_poly_seq.mon_id 
_entity_poly_seq.hetero 
1 1   LYS n 
1 2   LEU n 
1 3   SER n 
1 4   GLU n 
1 5   HIS n 
1 6   LEU n 
1 7   ARG n 
1 8   TYR n 
1 9   CYS n 
1 10  ASP n 
1 11  SER n 
1 12  ILE n 
1 13  LEU n 
1 14  ARG n 
1 15  GLU n 
1 16  MET n 
1 17  LEU n 
1 18  SER n 
1 19  LYS n 
1 20  LYS n 
1 21  HIS n 
1 22  ALA n 
1 23  ALA n 
1 24  TYR n 
1 25  ALA n 
1 26  TRP n 
1 27  PRO n 
1 28  PHE n 
1 29  TYR n 
1 30  LYS n 
1 31  PRO n 
1 32  VAL n 
1 33  ASP n 
1 34  ALA n 
1 35  GLU n 
1 36  ALA n 
1 37  LEU n 
1 38  GLU n 
1 39  LEU n 
1 40  HIS n 
1 41  ASP n 
1 42  TYR n 
1 43  HIS n 
1 44  ASP n 
1 45  ILE n 
1 46  ILE n 
1 47  LYS n 
1 48  HIS n 
1 49  PRO n 
1 50  MET n 
1 51  ASP n 
1 52  LEU n 
1 53  SER n 
1 54  THR n 
1 55  VAL n 
1 56  LYS n 
1 57  ARG n 
1 58  LYS n 
1 59  MET n 
1 60  ASP n 
1 61  GLY n 
1 62  ARG n 
1 63  GLU n 
1 64  TYR n 
1 65  PRO n 
1 66  ASP n 
1 67  ALA n 
1 68  GLN n 
1 69  GLY n 
1 70  PHE n 
1 71  ALA n 
1 72  ALA n 
1 73  ASP n 
1 74  VAL n 
1 75  ARG n 
1 76  LEU n 
1 77  MET n 
1 78  PHE n 
1 79  SER n 
1 80  ASN n 
1 81  CYS n 
1 82  TYR n 
1 83  LYS n 
1 84  TYR n 
1 85  ASN n 
1 86  PRO n 
1 87  PRO n 
1 88  ASP n 
1 89  HIS n 
1 90  GLU n 
1 91  VAL n 
1 92  VAL n 
1 93  ALA n 
1 94  MET n 
1 95  ALA n 
1 96  ARG n 
1 97  LYS n 
1 98  LEU n 
1 99  GLN n 
1 100 ASP n 
1 101 VAL n 
1 102 PHE n 
1 103 GLU n 
1 104 MET n 
1 105 ARG n 
1 106 PHE n 
1 107 ALA n 
1 108 LYS n 
1 109 MET n 
1 110 PRO n 
2 1   ALA n 
2 2   PRO n 
2 3   ARG n 
2 4   ALY n 
2 5   GLN n 
2 6   LEU n 
2 7   ALA n 
2 8   THR n 
2 9   LYS n 
# 
_entity_src_gen.entity_id                          1 
_entity_src_gen.pdbx_src_id                        1 
_entity_src_gen.pdbx_alt_source_flag               sample 
_entity_src_gen.pdbx_seq_type                      'Biological sequence' 
_entity_src_gen.pdbx_beg_seq_num                   1 
_entity_src_gen.pdbx_end_seq_num                   110 
_entity_src_gen.gene_src_common_name               Human 
_entity_src_gen.gene_src_genus                     ? 
_entity_src_gen.pdbx_gene_src_gene                 'BRD3, KIAA0043, RING3L' 
_entity_src_gen.gene_src_species                   ? 
_entity_src_gen.gene_src_strain                    ? 
_entity_src_gen.gene_src_tissue                    ? 
_entity_src_gen.gene_src_tissue_fraction           ? 
_entity_src_gen.gene_src_details                   ? 
_entity_src_gen.pdbx_gene_src_fragment             ? 
_entity_src_gen.pdbx_gene_src_scientific_name      'Homo sapiens' 
_entity_src_gen.pdbx_gene_src_ncbi_taxonomy_id     9606 
_entity_src_gen.pdbx_gene_src_variant              ? 
_entity_src_gen.pdbx_gene_src_cell_line            ? 
_entity_src_gen.pdbx_gene_src_atcc                 ? 
_entity_src_gen.pdbx_gene_src_organ                ? 
_entity_src_gen.pdbx_gene_src_organelle            ? 
_entity_src_gen.pdbx_gene_src_cell                 ? 
_entity_src_gen.pdbx_gene_src_cellular_location    ? 
_entity_src_gen.host_org_common_name               ? 
_entity_src_gen.pdbx_host_org_scientific_name      'Escherichia coli BL21(DE3)' 
_entity_src_gen.pdbx_host_org_ncbi_taxonomy_id     469008 
_entity_src_gen.host_org_genus                     ? 
_entity_src_gen.pdbx_host_org_gene                 ? 
_entity_src_gen.pdbx_host_org_organ                ? 
_entity_src_gen.host_org_species                   ? 
_entity_src_gen.pdbx_host_org_tissue               ? 
_entity_src_gen.pdbx_host_org_tissue_fraction      ? 
_entity_src_gen.pdbx_host_org_strain               'BL21(DE3)' 
_entity_src_gen.pdbx_host_org_variant              ? 
_entity_src_gen.pdbx_host_org_cell_line            ? 
_entity_src_gen.pdbx_host_org_atcc                 ? 
_entity_src_gen.pdbx_host_org_culture_collection   ? 
_entity_src_gen.pdbx_host_org_cell                 ? 
_entity_src_gen.pdbx_host_org_organelle            ? 
_entity_src_gen.pdbx_host_org_cellular_location    ? 
_entity_src_gen.pdbx_host_org_vector_type          ? 
_entity_src_gen.pdbx_host_org_vector               ? 
_entity_src_gen.host_org_details                   ? 
_entity_src_gen.expression_system_id               ? 
_entity_src_gen.plasmid_name                       ? 
_entity_src_gen.plasmid_details                    ? 
_entity_src_gen.pdbx_description                   ? 
# 
_pdbx_entity_src_syn.entity_id              2 
_pdbx_entity_src_syn.pdbx_src_id            1 
_pdbx_entity_src_syn.pdbx_alt_source_flag   sample 
_pdbx_entity_src_syn.pdbx_beg_seq_num       1 
_pdbx_entity_src_syn.pdbx_end_seq_num       9 
_pdbx_entity_src_syn.organism_scientific    'Homo sapiens' 
_pdbx_entity_src_syn.organism_common_name   Human 
_pdbx_entity_src_syn.ncbi_taxonomy_id       9606 
_pdbx_entity_src_syn.details                ? 
# 
loop_
_chem_comp.id 
_chem_comp.type 
_chem_comp.mon_nstd_flag 
_chem_comp.name 
_chem_comp.pdbx_synonyms 
_chem_comp.formula 
_chem_comp.formula_weight 
ALA 'L-peptide linking' y ALANINE             ?                 'C3 H7 N O2'     89.093  
ALY 'L-peptide linking' n 'N(6)-ACETYLLYSINE' ?                 'C8 H16 N2 O3'   188.224 
ARG 'L-peptide linking' y ARGININE            ?                 'C6 H15 N4 O2 1' 175.209 
ASN 'L-peptide linking' y ASPARAGINE          ?                 'C4 H8 N2 O3'    132.118 
ASP 'L-peptide linking' y 'ASPARTIC ACID'     ?                 'C4 H7 N O4'     133.103 
CL  non-polymer         . 'CHLORIDE ION'      ?                 'Cl -1'          35.453  
CYS 'L-peptide linking' y CYSTEINE            ?                 'C3 H7 N O2 S'   121.158 
EDO non-polymer         . 1,2-ETHANEDIOL      'ETHYLENE GLYCOL' 'C2 H6 O2'       62.068  
GLN 'L-peptide linking' y GLUTAMINE           ?                 'C5 H10 N2 O3'   146.144 
GLU 'L-peptide linking' y 'GLUTAMIC ACID'     ?                 'C5 H9 N O4'     147.129 
GLY 'peptide linking'   y GLYCINE             ?                 'C2 H5 N O2'     75.067  
HIS 'L-peptide linking' y HISTIDINE           ?                 'C6 H10 N3 O2 1' 156.162 
HOH non-polymer         . WATER               ?                 'H2 O'           18.015  
ILE 'L-peptide linking' y ISOLEUCINE          ?                 'C6 H13 N O2'    131.173 
LEU 'L-peptide linking' y LEUCINE             ?                 'C6 H13 N O2'    131.173 
LYS 'L-peptide linking' y LYSINE              ?                 'C6 H15 N2 O2 1' 147.195 
MET 'L-peptide linking' y METHIONINE          ?                 'C5 H11 N O2 S'  149.211 
PHE 'L-peptide linking' y PHENYLALANINE       ?                 'C9 H11 N O2'    165.189 
PRO 'L-peptide linking' y PROLINE             ?                 'C5 H9 N O2'     115.130 
SER 'L-peptide linking' y SERINE              ?                 'C3 H7 N O3'     105.093 
THR 'L-peptide linking' y THREONINE           ?                 'C4 H9 N O3'     119.119 
TRP 'L-peptide linking' y TRYPTOPHAN          ?                 'C11 H12 N2 O2'  204.225 
TYR 'L-peptide linking' y TYROSINE            ?                 'C9 H11 N O3'    181.189 
VAL 'L-peptide linking' y VALINE              ?                 'C5 H11 N O2'    117.146 
# 
loop_
_pdbx_poly_seq_scheme.asym_id 
_pdbx_poly_seq_scheme.entity_id 
_pdbx_poly_seq_scheme.seq_id 
_pdbx_poly_seq_scheme.mon_id 
_pdbx_poly_seq_scheme.ndb_seq_num 
_pdbx_poly_seq_scheme.pdb_seq_num 
_pdbx_poly_seq_scheme.auth_seq_num 
_pdbx_poly_seq_scheme.pdb_mon_id 
_pdbx_poly_seq_scheme.auth_mon_id 
_pdbx_poly_seq_scheme.pdb_strand_id 
_pdbx_poly_seq_scheme.pdb_ins_code 
_pdbx_poly_seq_scheme.hetero 
A 1 1   LYS 1   307 307 LYS LYS A . n 
A 1 2   LEU 2   308 308 LEU LEU A . n 
A 1 3   SER 3   309 309 SER SER A . n 
A 1 4   GLU 4   310 310 GLU GLU A . n 
A 1 5   HIS 5   311 311 HIS HIS A . n 
A 1 6   LEU 6   312 312 LEU LEU A . n 
A 1 7   ARG 7   313 313 ARG ARG A . n 
A 1 8   TYR 8   314 314 TYR TYR A . n 
A 1 9   CYS 9   315 315 CYS CYS A . n 
A 1 10  ASP 10  316 316 ASP ASP A . n 
A 1 11  SER 11  317 317 SER SER A . n 
A 1 12  ILE 12  318 318 ILE ILE A . n 
A 1 13  LEU 13  319 319 LEU LEU A . n 
A 1 14  ARG 14  320 320 ARG ARG A . n 
A 1 15  GLU 15  321 321 GLU GLU A . n 
A 1 16  MET 16  322 322 MET MET A . n 
A 1 17  LEU 17  323 323 LEU LEU A . n 
A 1 18  SER 18  324 324 SER SER A . n 
A 1 19  LYS 19  325 325 LYS LYS A . n 
A 1 20  LYS 20  326 326 LYS LYS A . n 
A 1 21  HIS 21  327 327 HIS HIS A . n 
A 1 22  ALA 22  328 328 ALA ALA A . n 
A 1 23  ALA 23  329 329 ALA ALA A . n 
A 1 24  TYR 24  330 330 TYR TYR A . n 
A 1 25  ALA 25  331 331 ALA ALA A . n 
A 1 26  TRP 26  332 332 TRP TRP A . n 
A 1 27  PRO 27  333 333 PRO PRO A . n 
A 1 28  PHE 28  334 334 PHE PHE A . n 
A 1 29  TYR 29  335 335 TYR TYR A . n 
A 1 30  LYS 30  336 336 LYS LYS A . n 
A 1 31  PRO 31  337 337 PRO PRO A . n 
A 1 32  VAL 32  338 338 VAL VAL A . n 
A 1 33  ASP 33  339 339 ASP ASP A . n 
A 1 34  ALA 34  340 340 ALA ALA A . n 
A 1 35  GLU 35  341 341 GLU GLU A . n 
A 1 36  ALA 36  342 342 ALA ALA A . n 
A 1 37  LEU 37  343 343 LEU LEU A . n 
A 1 38  GLU 38  344 344 GLU GLU A . n 
A 1 39  LEU 39  345 345 LEU LEU A . n 
A 1 40  HIS 40  346 346 HIS HIS A . n 
A 1 41  ASP 41  347 347 ASP ASP A . n 
A 1 42  TYR 42  348 348 TYR TYR A . n 
A 1 43  HIS 43  349 349 HIS HIS A . n 
A 1 44  ASP 44  350 350 ASP ASP A . n 
A 1 45  ILE 45  351 351 ILE ILE A . n 
A 1 46  ILE 46  352 352 ILE ILE A . n 
A 1 47  LYS 47  353 353 LYS LYS A . n 
A 1 48  HIS 48  354 354 HIS HIS A . n 
A 1 49  PRO 49  355 355 PRO PRO A . n 
A 1 50  MET 50  356 356 MET MET A . n 
A 1 51  ASP 51  357 357 ASP ASP A . n 
A 1 52  LEU 52  358 358 LEU LEU A . n 
A 1 53  SER 53  359 359 SER SER A . n 
A 1 54  THR 54  360 360 THR THR A . n 
A 1 55  VAL 55  361 361 VAL VAL A . n 
A 1 56  LYS 56  362 362 LYS LYS A . n 
A 1 57  ARG 57  363 363 ARG ARG A . n 
A 1 58  LYS 58  364 364 LYS LYS A . n 
A 1 59  MET 59  365 365 MET MET A . n 
A 1 60  ASP 60  366 366 ASP ASP A . n 
A 1 61  GLY 61  367 367 GLY GLY A . n 
A 1 62  ARG 62  368 368 ARG ARG A . n 
A 1 63  GLU 63  369 369 GLU GLU A . n 
A 1 64  TYR 64  370 370 TYR TYR A . n 
A 1 65  PRO 65  371 371 PRO PRO A . n 
A 1 66  ASP 66  372 372 ASP ASP A . n 
A 1 67  ALA 67  373 373 ALA ALA A . n 
A 1 68  GLN 68  374 374 GLN GLN A . n 
A 1 69  GLY 69  375 375 GLY GLY A . n 
A 1 70  PHE 70  376 376 PHE PHE A . n 
A 1 71  ALA 71  377 377 ALA ALA A . n 
A 1 72  ALA 72  378 378 ALA ALA A . n 
A 1 73  ASP 73  379 379 ASP ASP A . n 
A 1 74  VAL 74  380 380 VAL VAL A . n 
A 1 75  ARG 75  381 381 ARG ARG A . n 
A 1 76  LEU 76  382 382 LEU LEU A . n 
A 1 77  MET 77  383 383 MET MET A . n 
A 1 78  PHE 78  384 384 PHE PHE A . n 
A 1 79  SER 79  385 385 SER SER A . n 
A 1 80  ASN 80  386 386 ASN ASN A . n 
A 1 81  CYS 81  387 387 CYS CYS A . n 
A 1 82  TYR 82  388 388 TYR TYR A . n 
A 1 83  LYS 83  389 389 LYS LYS A . n 
A 1 84  TYR 84  390 390 TYR TYR A . n 
A 1 85  ASN 85  391 391 ASN ASN A . n 
A 1 86  PRO 86  392 392 PRO PRO A . n 
A 1 87  PRO 87  393 393 PRO PRO A . n 
A 1 88  ASP 88  394 394 ASP ASP A . n 
A 1 89  HIS 89  395 395 HIS HIS A . n 
A 1 90  GLU 90  396 396 GLU GLU A . n 
A 1 91  VAL 91  397 397 VAL VAL A . n 
A 1 92  VAL 92  398 398 VAL VAL A . n 
A 1 93  ALA 93  399 399 ALA ALA A . n 
A 1 94  MET 94  400 400 MET MET A . n 
A 1 95  ALA 95  401 401 ALA ALA A . n 
A 1 96  ARG 96  402 402 ARG ARG A . n 
A 1 97  LYS 97  403 403 LYS LYS A . n 
A 1 98  LEU 98  404 404 LEU LEU A . n 
A 1 99  GLN 99  405 405 GLN GLN A . n 
A 1 100 ASP 100 406 406 ASP ASP A . n 
A 1 101 VAL 101 407 407 VAL VAL A . n 
A 1 102 PHE 102 408 408 PHE PHE A . n 
A 1 103 GLU 103 409 409 GLU GLU A . n 
A 1 104 MET 104 410 410 MET MET A . n 
A 1 105 ARG 105 411 411 ARG ARG A . n 
A 1 106 PHE 106 412 412 PHE PHE A . n 
A 1 107 ALA 107 413 413 ALA ALA A . n 
A 1 108 LYS 108 414 414 LYS LYS A . n 
A 1 109 MET 109 415 415 MET MET A . n 
A 1 110 PRO 110 416 416 PRO PRO A . n 
B 2 1   ALA 1   15  15  ALA ALA B . n 
B 2 2   PRO 2   16  16  PRO PRO B . n 
B 2 3   ARG 3   17  17  ARG ARG B . n 
B 2 4   ALY 4   18  18  ALY ALY B . n 
B 2 5   GLN 5   19  19  GLN GLN B . n 
B 2 6   LEU 6   20  20  LEU LEU B . n 
B 2 7   ALA 7   21  21  ALA ALA B . n 
B 2 8   THR 8   22  22  THR THR B . n 
B 2 9   LYS 9   23  23  LYS LYS B . n 
# 
loop_
_pdbx_nonpoly_scheme.asym_id 
_pdbx_nonpoly_scheme.entity_id 
_pdbx_nonpoly_scheme.mon_id 
_pdbx_nonpoly_scheme.ndb_seq_num 
_pdbx_nonpoly_scheme.pdb_seq_num 
_pdbx_nonpoly_scheme.auth_seq_num 
_pdbx_nonpoly_scheme.pdb_mon_id 
_pdbx_nonpoly_scheme.auth_mon_id 
_pdbx_nonpoly_scheme.pdb_strand_id 
_pdbx_nonpoly_scheme.pdb_ins_code 
C 3 EDO 1  501 1  EDO EDO A . 
D 4 CL  1  502 1  CL  CL  A . 
E 5 HOH 1  601 47 HOH HOH A . 
E 5 HOH 2  602 48 HOH HOH A . 
E 5 HOH 3  603 44 HOH HOH A . 
E 5 HOH 4  604 2  HOH HOH A . 
E 5 HOH 5  605 11 HOH HOH A . 
E 5 HOH 6  606 55 HOH HOH A . 
E 5 HOH 7  607 54 HOH HOH A . 
E 5 HOH 8  608 20 HOH HOH A . 
E 5 HOH 9  609 10 HOH HOH A . 
E 5 HOH 10 610 5  HOH HOH A . 
E 5 HOH 11 611 29 HOH HOH A . 
E 5 HOH 12 612 18 HOH HOH A . 
E 5 HOH 13 613 3  HOH HOH A . 
E 5 HOH 14 614 4  HOH HOH A . 
E 5 HOH 15 615 33 HOH HOH A . 
E 5 HOH 16 616 32 HOH HOH A . 
E 5 HOH 17 617 12 HOH HOH A . 
E 5 HOH 18 618 50 HOH HOH A . 
E 5 HOH 19 619 22 HOH HOH A . 
E 5 HOH 20 620 17 HOH HOH A . 
E 5 HOH 21 621 28 HOH HOH A . 
E 5 HOH 22 622 8  HOH HOH A . 
E 5 HOH 23 623 15 HOH HOH A . 
E 5 HOH 24 624 24 HOH HOH A . 
E 5 HOH 25 625 16 HOH HOH A . 
E 5 HOH 26 626 23 HOH HOH A . 
E 5 HOH 27 627 31 HOH HOH A . 
E 5 HOH 28 628 26 HOH HOH A . 
E 5 HOH 29 629 21 HOH HOH A . 
E 5 HOH 30 630 30 HOH HOH A . 
E 5 HOH 31 631 19 HOH HOH A . 
E 5 HOH 32 632 13 HOH HOH A . 
E 5 HOH 33 633 25 HOH HOH A . 
E 5 HOH 34 634 27 HOH HOH A . 
E 5 HOH 35 635 7  HOH HOH A . 
E 5 HOH 36 636 9  HOH HOH A . 
E 5 HOH 37 637 36 HOH HOH A . 
E 5 HOH 38 638 56 HOH HOH A . 
E 5 HOH 39 639 43 HOH HOH A . 
E 5 HOH 40 640 57 HOH HOH A . 
E 5 HOH 41 641 49 HOH HOH A . 
E 5 HOH 42 642 59 HOH HOH A . 
E 5 HOH 43 643 52 HOH HOH A . 
E 5 HOH 44 644 34 HOH HOH A . 
E 5 HOH 45 645 60 HOH HOH A . 
E 5 HOH 46 646 58 HOH HOH A . 
E 5 HOH 47 647 53 HOH HOH A . 
F 5 HOH 1  101 1  HOH HOH B . 
F 5 HOH 2  102 14 HOH HOH B . 
F 5 HOH 3  103 51 HOH HOH B . 
F 5 HOH 4  104 41 HOH HOH B . 
F 5 HOH 5  105 6  HOH HOH B . 
# 
loop_
_software.citation_id 
_software.classification 
_software.compiler_name 
_software.compiler_version 
_software.contact_author 
_software.contact_author_email 
_software.date 
_software.description 
_software.dependencies 
_software.hardware 
_software.language 
_software.location 
_software.mods 
_software.name 
_software.os 
_software.os_version 
_software.type 
_software.version 
_software.pdbx_ordinal 
? 'data scaling'    ? ? ? ? ? ? ? ? ? ? ? SCALEPACK   ? ? ? .        1 
? refinement        ? ? ? ? ? ? ? ? ? ? ? PHENIX      ? ? ? 1.9_1692 2 
? 'data extraction' ? ? ? ? ? ? ? ? ? ? ? PDB_EXTRACT ? ? ? 3.15     3 
? 'data reduction'  ? ? ? ? ? ? ? ? ? ? ? HKL-2000    ? ? ? .        4 
? phasing           ? ? ? ? ? ? ? ? ? ? ? MOLREP      ? ? ? .        5 
# 
_cell.angle_alpha                  90.000 
_cell.angle_alpha_esd              ? 
_cell.angle_beta                   90.000 
_cell.angle_beta_esd               ? 
_cell.angle_gamma                  120.000 
_cell.angle_gamma_esd              ? 
_cell.entry_id                     5HJC 
_cell.details                      ? 
_cell.formula_units_Z              ? 
_cell.length_a                     79.768 
_cell.length_a_esd                 ? 
_cell.length_b                     79.768 
_cell.length_b_esd                 ? 
_cell.length_c                     95.262 
_cell.length_c_esd                 ? 
_cell.volume                       ? 
_cell.volume_esd                   ? 
_cell.Z_PDB                        12 
_cell.reciprocal_angle_alpha       ? 
_cell.reciprocal_angle_beta        ? 
_cell.reciprocal_angle_gamma       ? 
_cell.reciprocal_angle_alpha_esd   ? 
_cell.reciprocal_angle_beta_esd    ? 
_cell.reciprocal_angle_gamma_esd   ? 
_cell.reciprocal_length_a          ? 
_cell.reciprocal_length_b          ? 
_cell.reciprocal_length_c          ? 
_cell.reciprocal_length_a_esd      ? 
_cell.reciprocal_length_b_esd      ? 
_cell.reciprocal_length_c_esd      ? 
_cell.pdbx_unique_axis             ? 
# 
_symmetry.entry_id                         5HJC 
_symmetry.cell_setting                     ? 
_symmetry.Int_Tables_number                178 
_symmetry.space_group_name_Hall            ? 
_symmetry.space_group_name_H-M             'P 61 2 2' 
_symmetry.pdbx_full_space_group_name_H-M   ? 
# 
_exptl.absorpt_coefficient_mu     ? 
_exptl.absorpt_correction_T_max   ? 
_exptl.absorpt_correction_T_min   ? 
_exptl.absorpt_correction_type    ? 
_exptl.absorpt_process_details    ? 
_exptl.entry_id                   5HJC 
_exptl.crystals_number            1 
_exptl.details                    ? 
_exptl.method                     'X-RAY DIFFRACTION' 
_exptl.method_details             ? 
# 
_exptl_crystal.colour                      ? 
_exptl_crystal.density_diffrn              ? 
_exptl_crystal.density_Matthews            3.36 
_exptl_crystal.density_method              ? 
_exptl_crystal.density_percent_sol         63.39 
_exptl_crystal.description                 ? 
_exptl_crystal.F_000                       ? 
_exptl_crystal.id                          1 
_exptl_crystal.preparation                 ? 
_exptl_crystal.size_max                    ? 
_exptl_crystal.size_mid                    ? 
_exptl_crystal.size_min                    ? 
_exptl_crystal.size_rad                    ? 
_exptl_crystal.colour_lustre               ? 
_exptl_crystal.colour_modifier             ? 
_exptl_crystal.colour_primary              ? 
_exptl_crystal.density_meas                ? 
_exptl_crystal.density_meas_esd            ? 
_exptl_crystal.density_meas_gt             ? 
_exptl_crystal.density_meas_lt             ? 
_exptl_crystal.density_meas_temp           ? 
_exptl_crystal.density_meas_temp_esd       ? 
_exptl_crystal.density_meas_temp_gt        ? 
_exptl_crystal.density_meas_temp_lt        ? 
_exptl_crystal.pdbx_crystal_image_url      ? 
_exptl_crystal.pdbx_crystal_image_format   ? 
_exptl_crystal.pdbx_mosaicity              ? 
_exptl_crystal.pdbx_mosaicity_esd          ? 
# 
_exptl_crystal_grow.apparatus       ? 
_exptl_crystal_grow.atmosphere      ? 
_exptl_crystal_grow.crystal_id      1 
_exptl_crystal_grow.details         ? 
_exptl_crystal_grow.method          'VAPOR DIFFUSION, SITTING DROP' 
_exptl_crystal_grow.method_ref      ? 
_exptl_crystal_grow.pH              6.5 
_exptl_crystal_grow.pressure        ? 
_exptl_crystal_grow.pressure_esd    ? 
_exptl_crystal_grow.seeding         ? 
_exptl_crystal_grow.seeding_ref     ? 
_exptl_crystal_grow.temp            277 
_exptl_crystal_grow.temp_details    ? 
_exptl_crystal_grow.temp_esd        ? 
_exptl_crystal_grow.time            ? 
_exptl_crystal_grow.pdbx_details    
'30%(w/v) polyethylene glycol methyl ether 5000, 0.2 M ammonium sulfate, 0.1 M MES, 0.1 M guanidine hydrochloride' 
_exptl_crystal_grow.pdbx_pH_range   ? 
# 
_diffrn.ambient_environment    ? 
_diffrn.ambient_temp           100 
_diffrn.ambient_temp_details   ? 
_diffrn.ambient_temp_esd       ? 
_diffrn.crystal_id             1 
_diffrn.crystal_support        ? 
_diffrn.crystal_treatment      ? 
_diffrn.details                ? 
_diffrn.id                     1 
_diffrn.ambient_pressure       ? 
_diffrn.ambient_pressure_esd   ? 
_diffrn.ambient_pressure_gt    ? 
_diffrn.ambient_pressure_lt    ? 
_diffrn.ambient_temp_gt        ? 
_diffrn.ambient_temp_lt        ? 
# 
_diffrn_detector.details                      ? 
_diffrn_detector.detector                     CCD 
_diffrn_detector.diffrn_id                    1 
_diffrn_detector.type                         MARRESEARCH 
_diffrn_detector.area_resol_mean              ? 
_diffrn_detector.dtime                        ? 
_diffrn_detector.pdbx_frames_total            ? 
_diffrn_detector.pdbx_collection_time_total   ? 
_diffrn_detector.pdbx_collection_date         2014-11-08 
# 
_diffrn_radiation.collimation                      ? 
_diffrn_radiation.diffrn_id                        1 
_diffrn_radiation.filter_edge                      ? 
_diffrn_radiation.inhomogeneity                    ? 
_diffrn_radiation.monochromator                    ? 
_diffrn_radiation.polarisn_norm                    ? 
_diffrn_radiation.polarisn_ratio                   ? 
_diffrn_radiation.probe                            ? 
_diffrn_radiation.type                             ? 
_diffrn_radiation.xray_symbol                      ? 
_diffrn_radiation.wavelength_id                    1 
_diffrn_radiation.pdbx_monochromatic_or_laue_m_l   M 
_diffrn_radiation.pdbx_wavelength_list             ? 
_diffrn_radiation.pdbx_wavelength                  ? 
_diffrn_radiation.pdbx_diffrn_protocol             'SINGLE WAVELENGTH' 
_diffrn_radiation.pdbx_analyzer                    ? 
_diffrn_radiation.pdbx_scattering_type             x-ray 
# 
_diffrn_radiation_wavelength.id           1 
_diffrn_radiation_wavelength.wavelength   0.9791 
_diffrn_radiation_wavelength.wt           1.0 
# 
_diffrn_source.current                     ? 
_diffrn_source.details                     ? 
_diffrn_source.diffrn_id                   1 
_diffrn_source.power                       ? 
_diffrn_source.size                        ? 
_diffrn_source.source                      SYNCHROTRON 
_diffrn_source.target                      ? 
_diffrn_source.type                        'SSRF BEAMLINE BL17U' 
_diffrn_source.voltage                     ? 
_diffrn_source.take-off_angle              ? 
_diffrn_source.pdbx_wavelength_list        0.9791 
_diffrn_source.pdbx_wavelength             ? 
_diffrn_source.pdbx_synchrotron_beamline   BL17U 
_diffrn_source.pdbx_synchrotron_site       SSRF 
# 
_reflns.B_iso_Wilson_estimate            33.200 
_reflns.entry_id                         5HJC 
_reflns.data_reduction_details           ? 
_reflns.data_reduction_method            ? 
_reflns.d_resolution_high                2.600 
_reflns.d_resolution_low                 50.000 
_reflns.details                          ? 
_reflns.limit_h_max                      ? 
_reflns.limit_h_min                      ? 
_reflns.limit_k_max                      ? 
_reflns.limit_k_min                      ? 
_reflns.limit_l_max                      ? 
_reflns.limit_l_min                      ? 
_reflns.number_all                       ? 
_reflns.number_obs                       5939 
_reflns.observed_criterion               ? 
_reflns.observed_criterion_F_max         ? 
_reflns.observed_criterion_F_min         ? 
_reflns.observed_criterion_I_max         ? 
_reflns.observed_criterion_I_min         ? 
_reflns.observed_criterion_sigma_F       ? 
_reflns.observed_criterion_sigma_I       ? 
_reflns.percent_possible_obs             99.500 
_reflns.R_free_details                   ? 
_reflns.Rmerge_F_all                     ? 
_reflns.Rmerge_F_obs                     ? 
_reflns.Friedel_coverage                 ? 
_reflns.number_gt                        ? 
_reflns.threshold_expression             ? 
_reflns.pdbx_redundancy                  6.700 
_reflns.pdbx_Rmerge_I_obs                0.186 
_reflns.pdbx_Rmerge_I_all                ? 
_reflns.pdbx_Rsym_value                  ? 
_reflns.pdbx_netI_over_av_sigmaI         16.805 
_reflns.pdbx_netI_over_sigmaI            7.000 
_reflns.pdbx_res_netI_over_av_sigmaI_2   ? 
_reflns.pdbx_res_netI_over_sigmaI_2      ? 
_reflns.pdbx_chi_squared                 ? 
_reflns.pdbx_scaling_rejects             ? 
_reflns.pdbx_d_res_high_opt              ? 
_reflns.pdbx_d_res_low_opt               ? 
_reflns.pdbx_d_res_opt_method            ? 
_reflns.phase_calculation_details        ? 
_reflns.pdbx_Rrim_I_all                  ? 
_reflns.pdbx_Rpim_I_all                  ? 
_reflns.pdbx_d_opt                       ? 
_reflns.pdbx_number_measured_all         ? 
_reflns.pdbx_diffrn_id                   1 
_reflns.pdbx_ordinal                     1 
_reflns.pdbx_CC_half                     ? 
_reflns.pdbx_R_split                     ? 
# 
loop_
_reflns_shell.d_res_high 
_reflns_shell.d_res_low 
_reflns_shell.meanI_over_sigI_all 
_reflns_shell.meanI_over_sigI_obs 
_reflns_shell.number_measured_all 
_reflns_shell.number_measured_obs 
_reflns_shell.number_possible 
_reflns_shell.number_unique_all 
_reflns_shell.number_unique_obs 
_reflns_shell.percent_possible_all 
_reflns_shell.percent_possible_obs 
_reflns_shell.Rmerge_F_all 
_reflns_shell.Rmerge_F_obs 
_reflns_shell.Rmerge_I_all 
_reflns_shell.Rmerge_I_obs 
_reflns_shell.meanI_over_sigI_gt 
_reflns_shell.meanI_over_uI_all 
_reflns_shell.meanI_over_uI_gt 
_reflns_shell.number_measured_gt 
_reflns_shell.number_unique_gt 
_reflns_shell.percent_possible_gt 
_reflns_shell.Rmerge_F_gt 
_reflns_shell.Rmerge_I_gt 
_reflns_shell.pdbx_redundancy 
_reflns_shell.pdbx_Rsym_value 
_reflns_shell.pdbx_chi_squared 
_reflns_shell.pdbx_netI_over_sigmaI_all 
_reflns_shell.pdbx_netI_over_sigmaI_obs 
_reflns_shell.pdbx_Rrim_I_all 
_reflns_shell.pdbx_Rpim_I_all 
_reflns_shell.pdbx_rejects 
_reflns_shell.pdbx_ordinal 
_reflns_shell.pdbx_diffrn_id 
_reflns_shell.pdbx_CC_half 
_reflns_shell.pdbx_R_split 
2.600 2.640  ? ? ? ? ? ? ? 100.000 ? ? ? ? 0.796 ? ? ? ? ? ? ? ? 7.100 ? ? ? ? ? ? ? 1  1 ? ? 
2.640 2.690  ? ? ? ? ? ? ? 100.000 ? ? ? ? 0.756 ? ? ? ? ? ? ? ? 6.900 ? ? ? ? ? ? ? 2  1 ? ? 
2.690 2.740  ? ? ? ? ? ? ? 100.000 ? ? ? ? 0.631 ? ? ? ? ? ? ? ? 7.000 ? ? ? ? ? ? ? 3  1 ? ? 
2.740 2.800  ? ? ? ? ? ? ? 100.000 ? ? ? ? 0.476 ? ? ? ? ? ? ? ? 7.000 ? ? ? ? ? ? ? 4  1 ? ? 
2.800 2.860  ? ? ? ? ? ? ? 100.000 ? ? ? ? 0.469 ? ? ? ? ? ? ? ? 7.000 ? ? ? ? ? ? ? 5  1 ? ? 
2.860 2.930  ? ? ? ? ? ? ? 100.000 ? ? ? ? 0.407 ? ? ? ? ? ? ? ? 7.000 ? ? ? ? ? ? ? 6  1 ? ? 
2.930 3.000  ? ? ? ? ? ? ? 100.000 ? ? ? ? 0.347 ? ? ? ? ? ? ? ? 6.900 ? ? ? ? ? ? ? 7  1 ? ? 
3.000 3.080  ? ? ? ? ? ? ? 100.000 ? ? ? ? 0.290 ? ? ? ? ? ? ? ? 6.900 ? ? ? ? ? ? ? 8  1 ? ? 
3.080 3.170  ? ? ? ? ? ? ? 100.000 ? ? ? ? 0.275 ? ? ? ? ? ? ? ? 6.900 ? ? ? ? ? ? ? 9  1 ? ? 
3.170 3.280  ? ? ? ? ? ? ? 100.000 ? ? ? ? 0.215 ? ? ? ? ? ? ? ? 6.900 ? ? ? ? ? ? ? 10 1 ? ? 
3.280 3.390  ? ? ? ? ? ? ? 100.000 ? ? ? ? 0.207 ? ? ? ? ? ? ? ? 6.800 ? ? ? ? ? ? ? 11 1 ? ? 
3.390 3.530  ? ? ? ? ? ? ? 100.000 ? ? ? ? 0.166 ? ? ? ? ? ? ? ? 6.800 ? ? ? ? ? ? ? 12 1 ? ? 
3.530 3.690  ? ? ? ? ? ? ? 100.000 ? ? ? ? 0.150 ? ? ? ? ? ? ? ? 6.600 ? ? ? ? ? ? ? 13 1 ? ? 
3.690 3.880  ? ? ? ? ? ? ? 100.000 ? ? ? ? 0.145 ? ? ? ? ? ? ? ? 6.700 ? ? ? ? ? ? ? 14 1 ? ? 
3.880 4.130  ? ? ? ? ? ? ? 100.000 ? ? ? ? 0.145 ? ? ? ? ? ? ? ? 6.500 ? ? ? ? ? ? ? 15 1 ? ? 
4.130 4.450  ? ? ? ? ? ? ? 100.000 ? ? ? ? 0.135 ? ? ? ? ? ? ? ? 6.400 ? ? ? ? ? ? ? 16 1 ? ? 
4.450 4.890  ? ? ? ? ? ? ? 99.700  ? ? ? ? 0.126 ? ? ? ? ? ? ? ? 6.500 ? ? ? ? ? ? ? 17 1 ? ? 
4.890 5.600  ? ? ? ? ? ? ? 99.400  ? ? ? ? 0.119 ? ? ? ? ? ? ? ? 6.200 ? ? ? ? ? ? ? 18 1 ? ? 
5.600 7.050  ? ? ? ? ? ? ? 98.800  ? ? ? ? 0.119 ? ? ? ? ? ? ? ? 6.400 ? ? ? ? ? ? ? 19 1 ? ? 
7.050 50.000 ? ? ? ? ? ? ? 94.500  ? ? ? ? 0.106 ? ? ? ? ? ? ? ? 5.800 ? ? ? ? ? ? ? 20 1 ? ? 
# 
_refine.aniso_B[1][1]                            ? 
_refine.aniso_B[1][2]                            ? 
_refine.aniso_B[1][3]                            ? 
_refine.aniso_B[2][2]                            ? 
_refine.aniso_B[2][3]                            ? 
_refine.aniso_B[3][3]                            ? 
_refine.B_iso_max                                75.140 
_refine.B_iso_mean                               31.2308 
_refine.B_iso_min                                13.770 
_refine.correlation_coeff_Fo_to_Fc               ? 
_refine.correlation_coeff_Fo_to_Fc_free          ? 
_refine.details                                  ? 
_refine.diff_density_max                         ? 
_refine.diff_density_max_esd                     ? 
_refine.diff_density_min                         ? 
_refine.diff_density_min_esd                     ? 
_refine.diff_density_rms                         ? 
_refine.diff_density_rms_esd                     ? 
_refine.entry_id                                 5HJC 
_refine.pdbx_refine_id                           'X-RAY DIFFRACTION' 
_refine.ls_abs_structure_details                 ? 
_refine.ls_abs_structure_Flack                   ? 
_refine.ls_abs_structure_Flack_esd               ? 
_refine.ls_abs_structure_Rogers                  ? 
_refine.ls_abs_structure_Rogers_esd              ? 
_refine.ls_d_res_high                            2.600 
_refine.ls_d_res_low                             28.8520 
_refine.ls_extinction_coef                       ? 
_refine.ls_extinction_coef_esd                   ? 
_refine.ls_extinction_expression                 ? 
_refine.ls_extinction_method                     ? 
_refine.ls_goodness_of_fit_all                   ? 
_refine.ls_goodness_of_fit_all_esd               ? 
_refine.ls_goodness_of_fit_obs                   ? 
_refine.ls_goodness_of_fit_obs_esd               ? 
_refine.ls_hydrogen_treatment                    ? 
_refine.ls_matrix_type                           ? 
_refine.ls_number_constraints                    ? 
_refine.ls_number_parameters                     ? 
_refine.ls_number_reflns_all                     ? 
_refine.ls_number_reflns_obs                     5923 
_refine.ls_number_reflns_R_free                  291 
_refine.ls_number_reflns_R_work                  ? 
_refine.ls_number_restraints                     ? 
_refine.ls_percent_reflns_obs                    99.8700 
_refine.ls_percent_reflns_R_free                 4.9100 
_refine.ls_R_factor_all                          ? 
_refine.ls_R_factor_obs                          0.2195 
_refine.ls_R_factor_R_free                       0.2691 
_refine.ls_R_factor_R_free_error                 ? 
_refine.ls_R_factor_R_free_error_details         ? 
_refine.ls_R_factor_R_work                       0.2171 
_refine.ls_R_Fsqd_factor_obs                     ? 
_refine.ls_R_I_factor_obs                        ? 
_refine.ls_redundancy_reflns_all                 ? 
_refine.ls_redundancy_reflns_obs                 ? 
_refine.ls_restrained_S_all                      ? 
_refine.ls_restrained_S_obs                      ? 
_refine.ls_shift_over_esd_max                    ? 
_refine.ls_shift_over_esd_mean                   ? 
_refine.ls_structure_factor_coef                 ? 
_refine.ls_weighting_details                     ? 
_refine.ls_weighting_scheme                      ? 
_refine.ls_wR_factor_all                         ? 
_refine.ls_wR_factor_obs                         ? 
_refine.ls_wR_factor_R_free                      ? 
_refine.ls_wR_factor_R_work                      ? 
_refine.occupancy_max                            ? 
_refine.occupancy_min                            ? 
_refine.solvent_model_details                    ? 
_refine.solvent_model_param_bsol                 ? 
_refine.solvent_model_param_ksol                 ? 
_refine.ls_R_factor_gt                           ? 
_refine.ls_goodness_of_fit_gt                    ? 
_refine.ls_goodness_of_fit_ref                   ? 
_refine.ls_shift_over_su_max                     ? 
_refine.ls_shift_over_su_max_lt                  ? 
_refine.ls_shift_over_su_mean                    ? 
_refine.ls_shift_over_su_mean_lt                 ? 
_refine.pdbx_ls_sigma_I                          ? 
_refine.pdbx_ls_sigma_F                          1.350 
_refine.pdbx_ls_sigma_Fsqd                       ? 
_refine.pdbx_data_cutoff_high_absF               ? 
_refine.pdbx_data_cutoff_high_rms_absF           ? 
_refine.pdbx_data_cutoff_low_absF                ? 
_refine.pdbx_isotropic_thermal_model             ? 
_refine.pdbx_ls_cross_valid_method               'FREE R-VALUE' 
_refine.pdbx_method_to_determine_struct          'MOLECULAR REPLACEMENT' 
_refine.pdbx_starting_model                      2OO1 
_refine.pdbx_stereochemistry_target_values       ? 
_refine.pdbx_R_Free_selection_details            ? 
_refine.pdbx_stereochem_target_val_spec_case     ? 
_refine.pdbx_overall_ESU_R                       ? 
_refine.pdbx_overall_ESU_R_Free                  ? 
_refine.pdbx_solvent_vdw_probe_radii             1.1100 
_refine.pdbx_solvent_ion_probe_radii             ? 
_refine.pdbx_solvent_shrinkage_radii             0.9000 
_refine.pdbx_real_space_R                        ? 
_refine.pdbx_density_correlation                 ? 
_refine.pdbx_pd_number_of_powder_patterns        ? 
_refine.pdbx_pd_number_of_points                 ? 
_refine.pdbx_pd_meas_number_of_points            ? 
_refine.pdbx_pd_proc_ls_prof_R_factor            ? 
_refine.pdbx_pd_proc_ls_prof_wR_factor           ? 
_refine.pdbx_pd_Marquardt_correlation_coeff      ? 
_refine.pdbx_pd_Fsqrd_R_factor                   ? 
_refine.pdbx_pd_ls_matrix_band_width             ? 
_refine.pdbx_overall_phase_error                 25.4000 
_refine.pdbx_overall_SU_R_free_Cruickshank_DPI   ? 
_refine.pdbx_overall_SU_R_free_Blow_DPI          ? 
_refine.pdbx_overall_SU_R_Blow_DPI               ? 
_refine.pdbx_TLS_residual_ADP_flag               ? 
_refine.pdbx_diffrn_id                           1 
_refine.overall_SU_B                             ? 
_refine.overall_SU_ML                            0.3300 
_refine.overall_SU_R_Cruickshank_DPI             ? 
_refine.overall_SU_R_free                        ? 
_refine.overall_FOM_free_R_set                   ? 
_refine.overall_FOM_work_R_set                   ? 
_refine.pdbx_average_fsc_overall                 ? 
_refine.pdbx_average_fsc_work                    ? 
_refine.pdbx_average_fsc_free                    ? 
# 
_refine_hist.cycle_id                         final 
_refine_hist.pdbx_refine_id                   'X-RAY DIFRACTION' 
_refine_hist.d_res_high                       2.600 
_refine_hist.d_res_low                        28.8520 
_refine_hist.pdbx_number_atoms_ligand         5 
_refine_hist.number_atoms_solvent             52 
_refine_hist.number_atoms_total               1043 
_refine_hist.pdbx_number_residues_total       119 
_refine_hist.pdbx_B_iso_mean_ligand           41.24 
_refine_hist.pdbx_B_iso_mean_solvent          29.59 
_refine_hist.pdbx_number_atoms_protein        986 
_refine_hist.pdbx_number_atoms_nucleic_acid   0 
# 
loop_
_refine_ls_restr.pdbx_refine_id 
_refine_ls_restr.criterion 
_refine_ls_restr.dev_ideal 
_refine_ls_restr.dev_ideal_target 
_refine_ls_restr.number 
_refine_ls_restr.rejects 
_refine_ls_restr.type 
_refine_ls_restr.weight 
_refine_ls_restr.pdbx_restraint_function 
'X-RAY DIFFRACTION' ? 0.002  ? 1015 ? f_bond_d           ? ? 
'X-RAY DIFFRACTION' ? 0.637  ? 1363 ? f_angle_d          ? ? 
'X-RAY DIFFRACTION' ? 0.027  ? 138  ? f_chiral_restr     ? ? 
'X-RAY DIFFRACTION' ? 0.004  ? 176  ? f_plane_restr      ? ? 
'X-RAY DIFFRACTION' ? 13.010 ? 393  ? f_dihedral_angle_d ? ? 
# 
loop_
_refine_ls_shell.pdbx_refine_id 
_refine_ls_shell.d_res_high 
_refine_ls_shell.d_res_low 
_refine_ls_shell.number_reflns_all 
_refine_ls_shell.number_reflns_obs 
_refine_ls_shell.number_reflns_R_free 
_refine_ls_shell.number_reflns_R_work 
_refine_ls_shell.percent_reflns_obs 
_refine_ls_shell.percent_reflns_R_free 
_refine_ls_shell.R_factor_all 
_refine_ls_shell.R_factor_obs 
_refine_ls_shell.R_factor_R_free 
_refine_ls_shell.R_factor_R_free_error 
_refine_ls_shell.R_factor_R_work 
_refine_ls_shell.redundancy_reflns_all 
_refine_ls_shell.redundancy_reflns_obs 
_refine_ls_shell.wR_factor_all 
_refine_ls_shell.wR_factor_obs 
_refine_ls_shell.wR_factor_R_free 
_refine_ls_shell.wR_factor_R_work 
_refine_ls_shell.pdbx_total_number_of_bins_used 
_refine_ls_shell.pdbx_phase_error 
_refine_ls_shell.pdbx_fsc_work 
_refine_ls_shell.pdbx_fsc_free 
'X-RAY DIFFRACTION' 2.5974 3.2717  2882 . 148 2734 100.0000 . . . 0.3365 . 0.2529 . . . . . . 2 . . . 
'X-RAY DIFFRACTION' 3.2717 28.8537 3041 . 143 2898 100.0000 . . . 0.2337 . 0.2008 . . . . . . 2 . . . 
# 
_struct.entry_id                     5HJC 
_struct.title                        'BRD3 second bromodomain in complex with histone H3 acetylation at K18' 
_struct.pdbx_model_details           ? 
_struct.pdbx_formula_weight          ? 
_struct.pdbx_formula_weight_method   ? 
_struct.pdbx_model_type_details      ? 
_struct.pdbx_CASP_flag               ? 
# 
_struct_keywords.entry_id        5HJC 
_struct_keywords.text            
'Complex, BRD3, Bromodomain, histone peptide, acetyllysine, H3K18, SIGNALING PROTEIN-PEPTIDE complex' 
_struct_keywords.pdbx_keywords   'SIGNALING PROTEIN/PEPTIDE' 
# 
loop_
_struct_asym.id 
_struct_asym.pdbx_blank_PDB_chainid_flag 
_struct_asym.pdbx_modified 
_struct_asym.entity_id 
_struct_asym.details 
A N N 1 ? 
B N N 2 ? 
C N N 3 ? 
D N N 4 ? 
E N N 5 ? 
F N N 5 ? 
# 
loop_
_struct_ref.id 
_struct_ref.db_name 
_struct_ref.db_code 
_struct_ref.pdbx_db_accession 
_struct_ref.pdbx_db_isoform 
_struct_ref.entity_id 
_struct_ref.pdbx_seq_one_letter_code 
_struct_ref.pdbx_align_begin 
1 UNP BRD3_HUMAN Q15059 ? 1 
;KLSEHLRYCDSILREMLSKKHAAYAWPFYKPVDAEALELHDYHDIIKHPMDLSTVKRKMDGREYPDAQGFAADVRLMFSN
CYKYNPPDHEVVAMARKLQDVFEMRFAKMP
;
307 
2 UNP H31_HUMAN  P68431 ? 2 APRKQLATK 16  
# 
loop_
_struct_ref_seq.align_id 
_struct_ref_seq.ref_id 
_struct_ref_seq.pdbx_PDB_id_code 
_struct_ref_seq.pdbx_strand_id 
_struct_ref_seq.seq_align_beg 
_struct_ref_seq.pdbx_seq_align_beg_ins_code 
_struct_ref_seq.seq_align_end 
_struct_ref_seq.pdbx_seq_align_end_ins_code 
_struct_ref_seq.pdbx_db_accession 
_struct_ref_seq.db_align_beg 
_struct_ref_seq.pdbx_db_align_beg_ins_code 
_struct_ref_seq.db_align_end 
_struct_ref_seq.pdbx_db_align_end_ins_code 
_struct_ref_seq.pdbx_auth_seq_align_beg 
_struct_ref_seq.pdbx_auth_seq_align_end 
1 1 5HJC A 1 ? 110 ? Q15059 307 ? 416 ? 307 416 
2 2 5HJC B 1 ? 9   ? P68431 16  ? 24  ? 15  23  
# 
_pdbx_struct_assembly.id                   1 
_pdbx_struct_assembly.details              author_and_software_defined_assembly 
_pdbx_struct_assembly.method_details       PISA 
_pdbx_struct_assembly.oligomeric_details   dimeric 
_pdbx_struct_assembly.oligomeric_count     2 
# 
loop_
_pdbx_struct_assembly_prop.biol_id 
_pdbx_struct_assembly_prop.type 
_pdbx_struct_assembly_prop.value 
_pdbx_struct_assembly_prop.details 
1 'ABSA (A^2)' 1320 ? 
1 MORE         -8   ? 
1 'SSA (A^2)'  7260 ? 
# 
_pdbx_struct_assembly_gen.assembly_id       1 
_pdbx_struct_assembly_gen.oper_expression   1 
_pdbx_struct_assembly_gen.asym_id_list      A,B,C,D,E,F 
# 
_pdbx_struct_oper_list.id                   1 
_pdbx_struct_oper_list.type                 'identity operation' 
_pdbx_struct_oper_list.name                 1_555 
_pdbx_struct_oper_list.symmetry_operation   x,y,z 
_pdbx_struct_oper_list.matrix[1][1]         1.0000000000 
_pdbx_struct_oper_list.matrix[1][2]         0.0000000000 
_pdbx_struct_oper_list.matrix[1][3]         0.0000000000 
_pdbx_struct_oper_list.vector[1]            0.0000000000 
_pdbx_struct_oper_list.matrix[2][1]         0.0000000000 
_pdbx_struct_oper_list.matrix[2][2]         1.0000000000 
_pdbx_struct_oper_list.matrix[2][3]         0.0000000000 
_pdbx_struct_oper_list.vector[2]            0.0000000000 
_pdbx_struct_oper_list.matrix[3][1]         0.0000000000 
_pdbx_struct_oper_list.matrix[3][2]         0.0000000000 
_pdbx_struct_oper_list.matrix[3][3]         1.0000000000 
_pdbx_struct_oper_list.vector[3]            0.0000000000 
# 
loop_
_struct_conf.conf_type_id 
_struct_conf.id 
_struct_conf.pdbx_PDB_helix_id 
_struct_conf.beg_label_comp_id 
_struct_conf.beg_label_asym_id 
_struct_conf.beg_label_seq_id 
_struct_conf.pdbx_beg_PDB_ins_code 
_struct_conf.end_label_comp_id 
_struct_conf.end_label_asym_id 
_struct_conf.end_label_seq_id 
_struct_conf.pdbx_end_PDB_ins_code 
_struct_conf.beg_auth_comp_id 
_struct_conf.beg_auth_asym_id 
_struct_conf.beg_auth_seq_id 
_struct_conf.end_auth_comp_id 
_struct_conf.end_auth_asym_id 
_struct_conf.end_auth_seq_id 
_struct_conf.pdbx_PDB_helix_class 
_struct_conf.details 
_struct_conf.pdbx_PDB_helix_length 
HELX_P HELX_P1 AA1 SER A 3  ? LEU A 17  ? SER A 309 LEU A 323 1 ? 15 
HELX_P HELX_P2 AA2 SER A 18 ? LYS A 20  ? SER A 324 LYS A 326 5 ? 3  
HELX_P HELX_P3 AA3 HIS A 21 ? TRP A 26  ? HIS A 327 TRP A 332 1 ? 6  
HELX_P HELX_P4 AA4 PRO A 27 ? TYR A 29  ? PRO A 333 TYR A 335 5 ? 3  
HELX_P HELX_P5 AA5 ASP A 41 ? ILE A 46  ? ASP A 347 ILE A 352 1 ? 6  
HELX_P HELX_P6 AA6 ASP A 51 ? GLY A 61  ? ASP A 357 GLY A 367 1 ? 11 
HELX_P HELX_P7 AA7 ASP A 66 ? ASN A 85  ? ASP A 372 ASN A 391 1 ? 20 
HELX_P HELX_P8 AA8 HIS A 89 ? LYS A 108 ? HIS A 395 LYS A 414 1 ? 20 
# 
_struct_conf_type.id          HELX_P 
_struct_conf_type.criteria    ? 
_struct_conf_type.reference   ? 
# 
loop_
_struct_conn.id 
_struct_conn.conn_type_id 
_struct_conn.pdbx_leaving_atom_flag 
_struct_conn.pdbx_PDB_id 
_struct_conn.ptnr1_label_asym_id 
_struct_conn.ptnr1_label_comp_id 
_struct_conn.ptnr1_label_seq_id 
_struct_conn.ptnr1_label_atom_id 
_struct_conn.pdbx_ptnr1_label_alt_id 
_struct_conn.pdbx_ptnr1_PDB_ins_code 
_struct_conn.pdbx_ptnr1_standard_comp_id 
_struct_conn.ptnr1_symmetry 
_struct_conn.ptnr2_label_asym_id 
_struct_conn.ptnr2_label_comp_id 
_struct_conn.ptnr2_label_seq_id 
_struct_conn.ptnr2_label_atom_id 
_struct_conn.pdbx_ptnr2_label_alt_id 
_struct_conn.pdbx_ptnr2_PDB_ins_code 
_struct_conn.ptnr1_auth_asym_id 
_struct_conn.ptnr1_auth_comp_id 
_struct_conn.ptnr1_auth_seq_id 
_struct_conn.ptnr2_auth_asym_id 
_struct_conn.ptnr2_auth_comp_id 
_struct_conn.ptnr2_auth_seq_id 
_struct_conn.ptnr2_symmetry 
_struct_conn.pdbx_ptnr3_label_atom_id 
_struct_conn.pdbx_ptnr3_label_seq_id 
_struct_conn.pdbx_ptnr3_label_comp_id 
_struct_conn.pdbx_ptnr3_label_asym_id 
_struct_conn.pdbx_ptnr3_label_alt_id 
_struct_conn.pdbx_ptnr3_PDB_ins_code 
_struct_conn.details 
_struct_conn.pdbx_dist_value 
_struct_conn.pdbx_value_order 
_struct_conn.pdbx_role 
covale1 covale both ? B ARG 3 C ? ? ? 1_555 B ALY 4 N ? ? B ARG 17 B ALY 18 1_555 ? ? ? ? ? ? ? 1.330 ? ? 
covale2 covale both ? B ALY 4 C ? ? ? 1_555 B GLN 5 N ? ? B ALY 18 B GLN 19 1_555 ? ? ? ? ? ? ? 1.330 ? ? 
# 
_struct_conn_type.id          covale 
_struct_conn_type.criteria    ? 
_struct_conn_type.reference   ? 
# 
_pdbx_modification_feature.ordinal                            1 
_pdbx_modification_feature.label_comp_id                      ALY 
_pdbx_modification_feature.label_asym_id                      B 
_pdbx_modification_feature.label_seq_id                       4 
_pdbx_modification_feature.label_alt_id                       ? 
_pdbx_modification_feature.modified_residue_label_comp_id     . 
_pdbx_modification_feature.modified_residue_label_asym_id     . 
_pdbx_modification_feature.modified_residue_label_seq_id      . 
_pdbx_modification_feature.modified_residue_label_alt_id      . 
_pdbx_modification_feature.auth_comp_id                       ALY 
_pdbx_modification_feature.auth_asym_id                       B 
_pdbx_modification_feature.auth_seq_id                        18 
_pdbx_modification_feature.PDB_ins_code                       ? 
_pdbx_modification_feature.symmetry                           1_555 
_pdbx_modification_feature.modified_residue_auth_comp_id      . 
_pdbx_modification_feature.modified_residue_auth_asym_id      . 
_pdbx_modification_feature.modified_residue_auth_seq_id       . 
_pdbx_modification_feature.modified_residue_PDB_ins_code      . 
_pdbx_modification_feature.modified_residue_symmetry          . 
_pdbx_modification_feature.comp_id_linking_atom               . 
_pdbx_modification_feature.modified_residue_id_linking_atom   . 
_pdbx_modification_feature.modified_residue_id                LYS 
_pdbx_modification_feature.ref_pcm_id                         1 
_pdbx_modification_feature.ref_comp_id                        ALY 
_pdbx_modification_feature.type                               Acetylation 
_pdbx_modification_feature.category                           'Named protein modification' 
# 
_struct_site.id                   AC1 
_struct_site.pdbx_evidence_code   Software 
_struct_site.pdbx_auth_asym_id    A 
_struct_site.pdbx_auth_comp_id    EDO 
_struct_site.pdbx_auth_seq_id     501 
_struct_site.pdbx_auth_ins_code   ? 
_struct_site.pdbx_num_residues    4 
_struct_site.details              'binding site for residue EDO A 501' 
# 
loop_
_struct_site_gen.id 
_struct_site_gen.site_id 
_struct_site_gen.pdbx_num_res 
_struct_site_gen.label_comp_id 
_struct_site_gen.label_asym_id 
_struct_site_gen.label_seq_id 
_struct_site_gen.pdbx_auth_ins_code 
_struct_site_gen.auth_comp_id 
_struct_site_gen.auth_asym_id 
_struct_site_gen.auth_seq_id 
_struct_site_gen.label_atom_id 
_struct_site_gen.label_alt_id 
_struct_site_gen.symmetry 
_struct_site_gen.details 
1 AC1 4 HIS A 5  ? HIS A 311 . ? 1_555 ? 
2 AC1 4 ASP A 66 ? ASP A 372 . ? 1_555 ? 
3 AC1 4 ALA A 67 ? ALA A 373 . ? 1_555 ? 
4 AC1 4 GLN A 68 ? GLN A 374 . ? 1_555 ? 
# 
_pdbx_entry_details.entry_id                   5HJC 
_pdbx_entry_details.compound_details           ? 
_pdbx_entry_details.source_details             ? 
_pdbx_entry_details.nonpolymer_details         ? 
_pdbx_entry_details.sequence_details           ? 
_pdbx_entry_details.has_ligand_of_interest     ? 
_pdbx_entry_details.has_protein_modification   Y 
# 
_pdbx_struct_mod_residue.id               1 
_pdbx_struct_mod_residue.label_asym_id    B 
_pdbx_struct_mod_residue.label_comp_id    ALY 
_pdbx_struct_mod_residue.label_seq_id     4 
_pdbx_struct_mod_residue.auth_asym_id     B 
_pdbx_struct_mod_residue.auth_comp_id     ALY 
_pdbx_struct_mod_residue.auth_seq_id      18 
_pdbx_struct_mod_residue.PDB_ins_code     ? 
_pdbx_struct_mod_residue.parent_comp_id   LYS 
_pdbx_struct_mod_residue.details          'modified residue' 
# 
loop_
_chem_comp_atom.comp_id 
_chem_comp_atom.atom_id 
_chem_comp_atom.type_symbol 
_chem_comp_atom.pdbx_aromatic_flag 
_chem_comp_atom.pdbx_stereo_config 
_chem_comp_atom.pdbx_ordinal 
ALA N    N  N N 1   
ALA CA   C  N S 2   
ALA C    C  N N 3   
ALA O    O  N N 4   
ALA CB   C  N N 5   
ALA OXT  O  N N 6   
ALA H    H  N N 7   
ALA H2   H  N N 8   
ALA HA   H  N N 9   
ALA HB1  H  N N 10  
ALA HB2  H  N N 11  
ALA HB3  H  N N 12  
ALA HXT  H  N N 13  
ALY OH   O  N N 14  
ALY CH   C  N N 15  
ALY CH3  C  N N 16  
ALY NZ   N  N N 17  
ALY CE   C  N N 18  
ALY CD   C  N N 19  
ALY CG   C  N N 20  
ALY CB   C  N N 21  
ALY CA   C  N S 22  
ALY N    N  N N 23  
ALY C    C  N N 24  
ALY O    O  N N 25  
ALY OXT  O  N N 26  
ALY HH31 H  N N 27  
ALY HH32 H  N N 28  
ALY HH33 H  N N 29  
ALY HZ   H  N N 30  
ALY HE3  H  N N 31  
ALY HE2  H  N N 32  
ALY HD3  H  N N 33  
ALY HD2  H  N N 34  
ALY HG3  H  N N 35  
ALY HG2  H  N N 36  
ALY HB3  H  N N 37  
ALY HB2  H  N N 38  
ALY HA   H  N N 39  
ALY H    H  N N 40  
ALY H2   H  N N 41  
ALY HXT  H  N N 42  
ARG N    N  N N 43  
ARG CA   C  N S 44  
ARG C    C  N N 45  
ARG O    O  N N 46  
ARG CB   C  N N 47  
ARG CG   C  N N 48  
ARG CD   C  N N 49  
ARG NE   N  N N 50  
ARG CZ   C  N N 51  
ARG NH1  N  N N 52  
ARG NH2  N  N N 53  
ARG OXT  O  N N 54  
ARG H    H  N N 55  
ARG H2   H  N N 56  
ARG HA   H  N N 57  
ARG HB2  H  N N 58  
ARG HB3  H  N N 59  
ARG HG2  H  N N 60  
ARG HG3  H  N N 61  
ARG HD2  H  N N 62  
ARG HD3  H  N N 63  
ARG HE   H  N N 64  
ARG HH11 H  N N 65  
ARG HH12 H  N N 66  
ARG HH21 H  N N 67  
ARG HH22 H  N N 68  
ARG HXT  H  N N 69  
ASN N    N  N N 70  
ASN CA   C  N S 71  
ASN C    C  N N 72  
ASN O    O  N N 73  
ASN CB   C  N N 74  
ASN CG   C  N N 75  
ASN OD1  O  N N 76  
ASN ND2  N  N N 77  
ASN OXT  O  N N 78  
ASN H    H  N N 79  
ASN H2   H  N N 80  
ASN HA   H  N N 81  
ASN HB2  H  N N 82  
ASN HB3  H  N N 83  
ASN HD21 H  N N 84  
ASN HD22 H  N N 85  
ASN HXT  H  N N 86  
ASP N    N  N N 87  
ASP CA   C  N S 88  
ASP C    C  N N 89  
ASP O    O  N N 90  
ASP CB   C  N N 91  
ASP CG   C  N N 92  
ASP OD1  O  N N 93  
ASP OD2  O  N N 94  
ASP OXT  O  N N 95  
ASP H    H  N N 96  
ASP H2   H  N N 97  
ASP HA   H  N N 98  
ASP HB2  H  N N 99  
ASP HB3  H  N N 100 
ASP HD2  H  N N 101 
ASP HXT  H  N N 102 
CL  CL   CL N N 103 
CYS N    N  N N 104 
CYS CA   C  N R 105 
CYS C    C  N N 106 
CYS O    O  N N 107 
CYS CB   C  N N 108 
CYS SG   S  N N 109 
CYS OXT  O  N N 110 
CYS H    H  N N 111 
CYS H2   H  N N 112 
CYS HA   H  N N 113 
CYS HB2  H  N N 114 
CYS HB3  H  N N 115 
CYS HG   H  N N 116 
CYS HXT  H  N N 117 
EDO C1   C  N N 118 
EDO O1   O  N N 119 
EDO C2   C  N N 120 
EDO O2   O  N N 121 
EDO H11  H  N N 122 
EDO H12  H  N N 123 
EDO HO1  H  N N 124 
EDO H21  H  N N 125 
EDO H22  H  N N 126 
EDO HO2  H  N N 127 
GLN N    N  N N 128 
GLN CA   C  N S 129 
GLN C    C  N N 130 
GLN O    O  N N 131 
GLN CB   C  N N 132 
GLN CG   C  N N 133 
GLN CD   C  N N 134 
GLN OE1  O  N N 135 
GLN NE2  N  N N 136 
GLN OXT  O  N N 137 
GLN H    H  N N 138 
GLN H2   H  N N 139 
GLN HA   H  N N 140 
GLN HB2  H  N N 141 
GLN HB3  H  N N 142 
GLN HG2  H  N N 143 
GLN HG3  H  N N 144 
GLN HE21 H  N N 145 
GLN HE22 H  N N 146 
GLN HXT  H  N N 147 
GLU N    N  N N 148 
GLU CA   C  N S 149 
GLU C    C  N N 150 
GLU O    O  N N 151 
GLU CB   C  N N 152 
GLU CG   C  N N 153 
GLU CD   C  N N 154 
GLU OE1  O  N N 155 
GLU OE2  O  N N 156 
GLU OXT  O  N N 157 
GLU H    H  N N 158 
GLU H2   H  N N 159 
GLU HA   H  N N 160 
GLU HB2  H  N N 161 
GLU HB3  H  N N 162 
GLU HG2  H  N N 163 
GLU HG3  H  N N 164 
GLU HE2  H  N N 165 
GLU HXT  H  N N 166 
GLY N    N  N N 167 
GLY CA   C  N N 168 
GLY C    C  N N 169 
GLY O    O  N N 170 
GLY OXT  O  N N 171 
GLY H    H  N N 172 
GLY H2   H  N N 173 
GLY HA2  H  N N 174 
GLY HA3  H  N N 175 
GLY HXT  H  N N 176 
HIS N    N  N N 177 
HIS CA   C  N S 178 
HIS C    C  N N 179 
HIS O    O  N N 180 
HIS CB   C  N N 181 
HIS CG   C  Y N 182 
HIS ND1  N  Y N 183 
HIS CD2  C  Y N 184 
HIS CE1  C  Y N 185 
HIS NE2  N  Y N 186 
HIS OXT  O  N N 187 
HIS H    H  N N 188 
HIS H2   H  N N 189 
HIS HA   H  N N 190 
HIS HB2  H  N N 191 
HIS HB3  H  N N 192 
HIS HD1  H  N N 193 
HIS HD2  H  N N 194 
HIS HE1  H  N N 195 
HIS HE2  H  N N 196 
HIS HXT  H  N N 197 
HOH O    O  N N 198 
HOH H1   H  N N 199 
HOH H2   H  N N 200 
ILE N    N  N N 201 
ILE CA   C  N S 202 
ILE C    C  N N 203 
ILE O    O  N N 204 
ILE CB   C  N S 205 
ILE CG1  C  N N 206 
ILE CG2  C  N N 207 
ILE CD1  C  N N 208 
ILE OXT  O  N N 209 
ILE H    H  N N 210 
ILE H2   H  N N 211 
ILE HA   H  N N 212 
ILE HB   H  N N 213 
ILE HG12 H  N N 214 
ILE HG13 H  N N 215 
ILE HG21 H  N N 216 
ILE HG22 H  N N 217 
ILE HG23 H  N N 218 
ILE HD11 H  N N 219 
ILE HD12 H  N N 220 
ILE HD13 H  N N 221 
ILE HXT  H  N N 222 
LEU N    N  N N 223 
LEU CA   C  N S 224 
LEU C    C  N N 225 
LEU O    O  N N 226 
LEU CB   C  N N 227 
LEU CG   C  N N 228 
LEU CD1  C  N N 229 
LEU CD2  C  N N 230 
LEU OXT  O  N N 231 
LEU H    H  N N 232 
LEU H2   H  N N 233 
LEU HA   H  N N 234 
LEU HB2  H  N N 235 
LEU HB3  H  N N 236 
LEU HG   H  N N 237 
LEU HD11 H  N N 238 
LEU HD12 H  N N 239 
LEU HD13 H  N N 240 
LEU HD21 H  N N 241 
LEU HD22 H  N N 242 
LEU HD23 H  N N 243 
LEU HXT  H  N N 244 
LYS N    N  N N 245 
LYS CA   C  N S 246 
LYS C    C  N N 247 
LYS O    O  N N 248 
LYS CB   C  N N 249 
LYS CG   C  N N 250 
LYS CD   C  N N 251 
LYS CE   C  N N 252 
LYS NZ   N  N N 253 
LYS OXT  O  N N 254 
LYS H    H  N N 255 
LYS H2   H  N N 256 
LYS HA   H  N N 257 
LYS HB2  H  N N 258 
LYS HB3  H  N N 259 
LYS HG2  H  N N 260 
LYS HG3  H  N N 261 
LYS HD2  H  N N 262 
LYS HD3  H  N N 263 
LYS HE2  H  N N 264 
LYS HE3  H  N N 265 
LYS HZ1  H  N N 266 
LYS HZ2  H  N N 267 
LYS HZ3  H  N N 268 
LYS HXT  H  N N 269 
MET N    N  N N 270 
MET CA   C  N S 271 
MET C    C  N N 272 
MET O    O  N N 273 
MET CB   C  N N 274 
MET CG   C  N N 275 
MET SD   S  N N 276 
MET CE   C  N N 277 
MET OXT  O  N N 278 
MET H    H  N N 279 
MET H2   H  N N 280 
MET HA   H  N N 281 
MET HB2  H  N N 282 
MET HB3  H  N N 283 
MET HG2  H  N N 284 
MET HG3  H  N N 285 
MET HE1  H  N N 286 
MET HE2  H  N N 287 
MET HE3  H  N N 288 
MET HXT  H  N N 289 
PHE N    N  N N 290 
PHE CA   C  N S 291 
PHE C    C  N N 292 
PHE O    O  N N 293 
PHE CB   C  N N 294 
PHE CG   C  Y N 295 
PHE CD1  C  Y N 296 
PHE CD2  C  Y N 297 
PHE CE1  C  Y N 298 
PHE CE2  C  Y N 299 
PHE CZ   C  Y N 300 
PHE OXT  O  N N 301 
PHE H    H  N N 302 
PHE H2   H  N N 303 
PHE HA   H  N N 304 
PHE HB2  H  N N 305 
PHE HB3  H  N N 306 
PHE HD1  H  N N 307 
PHE HD2  H  N N 308 
PHE HE1  H  N N 309 
PHE HE2  H  N N 310 
PHE HZ   H  N N 311 
PHE HXT  H  N N 312 
PRO N    N  N N 313 
PRO CA   C  N S 314 
PRO C    C  N N 315 
PRO O    O  N N 316 
PRO CB   C  N N 317 
PRO CG   C  N N 318 
PRO CD   C  N N 319 
PRO OXT  O  N N 320 
PRO H    H  N N 321 
PRO HA   H  N N 322 
PRO HB2  H  N N 323 
PRO HB3  H  N N 324 
PRO HG2  H  N N 325 
PRO HG3  H  N N 326 
PRO HD2  H  N N 327 
PRO HD3  H  N N 328 
PRO HXT  H  N N 329 
SER N    N  N N 330 
SER CA   C  N S 331 
SER C    C  N N 332 
SER O    O  N N 333 
SER CB   C  N N 334 
SER OG   O  N N 335 
SER OXT  O  N N 336 
SER H    H  N N 337 
SER H2   H  N N 338 
SER HA   H  N N 339 
SER HB2  H  N N 340 
SER HB3  H  N N 341 
SER HG   H  N N 342 
SER HXT  H  N N 343 
THR N    N  N N 344 
THR CA   C  N S 345 
THR C    C  N N 346 
THR O    O  N N 347 
THR CB   C  N R 348 
THR OG1  O  N N 349 
THR CG2  C  N N 350 
THR OXT  O  N N 351 
THR H    H  N N 352 
THR H2   H  N N 353 
THR HA   H  N N 354 
THR HB   H  N N 355 
THR HG1  H  N N 356 
THR HG21 H  N N 357 
THR HG22 H  N N 358 
THR HG23 H  N N 359 
THR HXT  H  N N 360 
TRP N    N  N N 361 
TRP CA   C  N S 362 
TRP C    C  N N 363 
TRP O    O  N N 364 
TRP CB   C  N N 365 
TRP CG   C  Y N 366 
TRP CD1  C  Y N 367 
TRP CD2  C  Y N 368 
TRP NE1  N  Y N 369 
TRP CE2  C  Y N 370 
TRP CE3  C  Y N 371 
TRP CZ2  C  Y N 372 
TRP CZ3  C  Y N 373 
TRP CH2  C  Y N 374 
TRP OXT  O  N N 375 
TRP H    H  N N 376 
TRP H2   H  N N 377 
TRP HA   H  N N 378 
TRP HB2  H  N N 379 
TRP HB3  H  N N 380 
TRP HD1  H  N N 381 
TRP HE1  H  N N 382 
TRP HE3  H  N N 383 
TRP HZ2  H  N N 384 
TRP HZ3  H  N N 385 
TRP HH2  H  N N 386 
TRP HXT  H  N N 387 
TYR N    N  N N 388 
TYR CA   C  N S 389 
TYR C    C  N N 390 
TYR O    O  N N 391 
TYR CB   C  N N 392 
TYR CG   C  Y N 393 
TYR CD1  C  Y N 394 
TYR CD2  C  Y N 395 
TYR CE1  C  Y N 396 
TYR CE2  C  Y N 397 
TYR CZ   C  Y N 398 
TYR OH   O  N N 399 
TYR OXT  O  N N 400 
TYR H    H  N N 401 
TYR H2   H  N N 402 
TYR HA   H  N N 403 
TYR HB2  H  N N 404 
TYR HB3  H  N N 405 
TYR HD1  H  N N 406 
TYR HD2  H  N N 407 
TYR HE1  H  N N 408 
TYR HE2  H  N N 409 
TYR HH   H  N N 410 
TYR HXT  H  N N 411 
VAL N    N  N N 412 
VAL CA   C  N S 413 
VAL C    C  N N 414 
VAL O    O  N N 415 
VAL CB   C  N N 416 
VAL CG1  C  N N 417 
VAL CG2  C  N N 418 
VAL OXT  O  N N 419 
VAL H    H  N N 420 
VAL H2   H  N N 421 
VAL HA   H  N N 422 
VAL HB   H  N N 423 
VAL HG11 H  N N 424 
VAL HG12 H  N N 425 
VAL HG13 H  N N 426 
VAL HG21 H  N N 427 
VAL HG22 H  N N 428 
VAL HG23 H  N N 429 
VAL HXT  H  N N 430 
# 
loop_
_chem_comp_bond.comp_id 
_chem_comp_bond.atom_id_1 
_chem_comp_bond.atom_id_2 
_chem_comp_bond.value_order 
_chem_comp_bond.pdbx_aromatic_flag 
_chem_comp_bond.pdbx_stereo_config 
_chem_comp_bond.pdbx_ordinal 
ALA N   CA   sing N N 1   
ALA N   H    sing N N 2   
ALA N   H2   sing N N 3   
ALA CA  C    sing N N 4   
ALA CA  CB   sing N N 5   
ALA CA  HA   sing N N 6   
ALA C   O    doub N N 7   
ALA C   OXT  sing N N 8   
ALA CB  HB1  sing N N 9   
ALA CB  HB2  sing N N 10  
ALA CB  HB3  sing N N 11  
ALA OXT HXT  sing N N 12  
ALY OH  CH   doub N N 13  
ALY CH  CH3  sing N N 14  
ALY CH  NZ   sing N N 15  
ALY CH3 HH31 sing N N 16  
ALY CH3 HH32 sing N N 17  
ALY CH3 HH33 sing N N 18  
ALY NZ  CE   sing N N 19  
ALY NZ  HZ   sing N N 20  
ALY CE  CD   sing N N 21  
ALY CE  HE3  sing N N 22  
ALY CE  HE2  sing N N 23  
ALY CD  CG   sing N N 24  
ALY CD  HD3  sing N N 25  
ALY CD  HD2  sing N N 26  
ALY CG  CB   sing N N 27  
ALY CG  HG3  sing N N 28  
ALY CG  HG2  sing N N 29  
ALY CB  CA   sing N N 30  
ALY CB  HB3  sing N N 31  
ALY CB  HB2  sing N N 32  
ALY CA  N    sing N N 33  
ALY CA  C    sing N N 34  
ALY CA  HA   sing N N 35  
ALY N   H    sing N N 36  
ALY N   H2   sing N N 37  
ALY C   O    doub N N 38  
ALY C   OXT  sing N N 39  
ALY OXT HXT  sing N N 40  
ARG N   CA   sing N N 41  
ARG N   H    sing N N 42  
ARG N   H2   sing N N 43  
ARG CA  C    sing N N 44  
ARG CA  CB   sing N N 45  
ARG CA  HA   sing N N 46  
ARG C   O    doub N N 47  
ARG C   OXT  sing N N 48  
ARG CB  CG   sing N N 49  
ARG CB  HB2  sing N N 50  
ARG CB  HB3  sing N N 51  
ARG CG  CD   sing N N 52  
ARG CG  HG2  sing N N 53  
ARG CG  HG3  sing N N 54  
ARG CD  NE   sing N N 55  
ARG CD  HD2  sing N N 56  
ARG CD  HD3  sing N N 57  
ARG NE  CZ   sing N N 58  
ARG NE  HE   sing N N 59  
ARG CZ  NH1  sing N N 60  
ARG CZ  NH2  doub N N 61  
ARG NH1 HH11 sing N N 62  
ARG NH1 HH12 sing N N 63  
ARG NH2 HH21 sing N N 64  
ARG NH2 HH22 sing N N 65  
ARG OXT HXT  sing N N 66  
ASN N   CA   sing N N 67  
ASN N   H    sing N N 68  
ASN N   H2   sing N N 69  
ASN CA  C    sing N N 70  
ASN CA  CB   sing N N 71  
ASN CA  HA   sing N N 72  
ASN C   O    doub N N 73  
ASN C   OXT  sing N N 74  
ASN CB  CG   sing N N 75  
ASN CB  HB2  sing N N 76  
ASN CB  HB3  sing N N 77  
ASN CG  OD1  doub N N 78  
ASN CG  ND2  sing N N 79  
ASN ND2 HD21 sing N N 80  
ASN ND2 HD22 sing N N 81  
ASN OXT HXT  sing N N 82  
ASP N   CA   sing N N 83  
ASP N   H    sing N N 84  
ASP N   H2   sing N N 85  
ASP CA  C    sing N N 86  
ASP CA  CB   sing N N 87  
ASP CA  HA   sing N N 88  
ASP C   O    doub N N 89  
ASP C   OXT  sing N N 90  
ASP CB  CG   sing N N 91  
ASP CB  HB2  sing N N 92  
ASP CB  HB3  sing N N 93  
ASP CG  OD1  doub N N 94  
ASP CG  OD2  sing N N 95  
ASP OD2 HD2  sing N N 96  
ASP OXT HXT  sing N N 97  
CYS N   CA   sing N N 98  
CYS N   H    sing N N 99  
CYS N   H2   sing N N 100 
CYS CA  C    sing N N 101 
CYS CA  CB   sing N N 102 
CYS CA  HA   sing N N 103 
CYS C   O    doub N N 104 
CYS C   OXT  sing N N 105 
CYS CB  SG   sing N N 106 
CYS CB  HB2  sing N N 107 
CYS CB  HB3  sing N N 108 
CYS SG  HG   sing N N 109 
CYS OXT HXT  sing N N 110 
EDO C1  O1   sing N N 111 
EDO C1  C2   sing N N 112 
EDO C1  H11  sing N N 113 
EDO C1  H12  sing N N 114 
EDO O1  HO1  sing N N 115 
EDO C2  O2   sing N N 116 
EDO C2  H21  sing N N 117 
EDO C2  H22  sing N N 118 
EDO O2  HO2  sing N N 119 
GLN N   CA   sing N N 120 
GLN N   H    sing N N 121 
GLN N   H2   sing N N 122 
GLN CA  C    sing N N 123 
GLN CA  CB   sing N N 124 
GLN CA  HA   sing N N 125 
GLN C   O    doub N N 126 
GLN C   OXT  sing N N 127 
GLN CB  CG   sing N N 128 
GLN CB  HB2  sing N N 129 
GLN CB  HB3  sing N N 130 
GLN CG  CD   sing N N 131 
GLN CG  HG2  sing N N 132 
GLN CG  HG3  sing N N 133 
GLN CD  OE1  doub N N 134 
GLN CD  NE2  sing N N 135 
GLN NE2 HE21 sing N N 136 
GLN NE2 HE22 sing N N 137 
GLN OXT HXT  sing N N 138 
GLU N   CA   sing N N 139 
GLU N   H    sing N N 140 
GLU N   H2   sing N N 141 
GLU CA  C    sing N N 142 
GLU CA  CB   sing N N 143 
GLU CA  HA   sing N N 144 
GLU C   O    doub N N 145 
GLU C   OXT  sing N N 146 
GLU CB  CG   sing N N 147 
GLU CB  HB2  sing N N 148 
GLU CB  HB3  sing N N 149 
GLU CG  CD   sing N N 150 
GLU CG  HG2  sing N N 151 
GLU CG  HG3  sing N N 152 
GLU CD  OE1  doub N N 153 
GLU CD  OE2  sing N N 154 
GLU OE2 HE2  sing N N 155 
GLU OXT HXT  sing N N 156 
GLY N   CA   sing N N 157 
GLY N   H    sing N N 158 
GLY N   H2   sing N N 159 
GLY CA  C    sing N N 160 
GLY CA  HA2  sing N N 161 
GLY CA  HA3  sing N N 162 
GLY C   O    doub N N 163 
GLY C   OXT  sing N N 164 
GLY OXT HXT  sing N N 165 
HIS N   CA   sing N N 166 
HIS N   H    sing N N 167 
HIS N   H2   sing N N 168 
HIS CA  C    sing N N 169 
HIS CA  CB   sing N N 170 
HIS CA  HA   sing N N 171 
HIS C   O    doub N N 172 
HIS C   OXT  sing N N 173 
HIS CB  CG   sing N N 174 
HIS CB  HB2  sing N N 175 
HIS CB  HB3  sing N N 176 
HIS CG  ND1  sing Y N 177 
HIS CG  CD2  doub Y N 178 
HIS ND1 CE1  doub Y N 179 
HIS ND1 HD1  sing N N 180 
HIS CD2 NE2  sing Y N 181 
HIS CD2 HD2  sing N N 182 
HIS CE1 NE2  sing Y N 183 
HIS CE1 HE1  sing N N 184 
HIS NE2 HE2  sing N N 185 
HIS OXT HXT  sing N N 186 
HOH O   H1   sing N N 187 
HOH O   H2   sing N N 188 
ILE N   CA   sing N N 189 
ILE N   H    sing N N 190 
ILE N   H2   sing N N 191 
ILE CA  C    sing N N 192 
ILE CA  CB   sing N N 193 
ILE CA  HA   sing N N 194 
ILE C   O    doub N N 195 
ILE C   OXT  sing N N 196 
ILE CB  CG1  sing N N 197 
ILE CB  CG2  sing N N 198 
ILE CB  HB   sing N N 199 
ILE CG1 CD1  sing N N 200 
ILE CG1 HG12 sing N N 201 
ILE CG1 HG13 sing N N 202 
ILE CG2 HG21 sing N N 203 
ILE CG2 HG22 sing N N 204 
ILE CG2 HG23 sing N N 205 
ILE CD1 HD11 sing N N 206 
ILE CD1 HD12 sing N N 207 
ILE CD1 HD13 sing N N 208 
ILE OXT HXT  sing N N 209 
LEU N   CA   sing N N 210 
LEU N   H    sing N N 211 
LEU N   H2   sing N N 212 
LEU CA  C    sing N N 213 
LEU CA  CB   sing N N 214 
LEU CA  HA   sing N N 215 
LEU C   O    doub N N 216 
LEU C   OXT  sing N N 217 
LEU CB  CG   sing N N 218 
LEU CB  HB2  sing N N 219 
LEU CB  HB3  sing N N 220 
LEU CG  CD1  sing N N 221 
LEU CG  CD2  sing N N 222 
LEU CG  HG   sing N N 223 
LEU CD1 HD11 sing N N 224 
LEU CD1 HD12 sing N N 225 
LEU CD1 HD13 sing N N 226 
LEU CD2 HD21 sing N N 227 
LEU CD2 HD22 sing N N 228 
LEU CD2 HD23 sing N N 229 
LEU OXT HXT  sing N N 230 
LYS N   CA   sing N N 231 
LYS N   H    sing N N 232 
LYS N   H2   sing N N 233 
LYS CA  C    sing N N 234 
LYS CA  CB   sing N N 235 
LYS CA  HA   sing N N 236 
LYS C   O    doub N N 237 
LYS C   OXT  sing N N 238 
LYS CB  CG   sing N N 239 
LYS CB  HB2  sing N N 240 
LYS CB  HB3  sing N N 241 
LYS CG  CD   sing N N 242 
LYS CG  HG2  sing N N 243 
LYS CG  HG3  sing N N 244 
LYS CD  CE   sing N N 245 
LYS CD  HD2  sing N N 246 
LYS CD  HD3  sing N N 247 
LYS CE  NZ   sing N N 248 
LYS CE  HE2  sing N N 249 
LYS CE  HE3  sing N N 250 
LYS NZ  HZ1  sing N N 251 
LYS NZ  HZ2  sing N N 252 
LYS NZ  HZ3  sing N N 253 
LYS OXT HXT  sing N N 254 
MET N   CA   sing N N 255 
MET N   H    sing N N 256 
MET N   H2   sing N N 257 
MET CA  C    sing N N 258 
MET CA  CB   sing N N 259 
MET CA  HA   sing N N 260 
MET C   O    doub N N 261 
MET C   OXT  sing N N 262 
MET CB  CG   sing N N 263 
MET CB  HB2  sing N N 264 
MET CB  HB3  sing N N 265 
MET CG  SD   sing N N 266 
MET CG  HG2  sing N N 267 
MET CG  HG3  sing N N 268 
MET SD  CE   sing N N 269 
MET CE  HE1  sing N N 270 
MET CE  HE2  sing N N 271 
MET CE  HE3  sing N N 272 
MET OXT HXT  sing N N 273 
PHE N   CA   sing N N 274 
PHE N   H    sing N N 275 
PHE N   H2   sing N N 276 
PHE CA  C    sing N N 277 
PHE CA  CB   sing N N 278 
PHE CA  HA   sing N N 279 
PHE C   O    doub N N 280 
PHE C   OXT  sing N N 281 
PHE CB  CG   sing N N 282 
PHE CB  HB2  sing N N 283 
PHE CB  HB3  sing N N 284 
PHE CG  CD1  doub Y N 285 
PHE CG  CD2  sing Y N 286 
PHE CD1 CE1  sing Y N 287 
PHE CD1 HD1  sing N N 288 
PHE CD2 CE2  doub Y N 289 
PHE CD2 HD2  sing N N 290 
PHE CE1 CZ   doub Y N 291 
PHE CE1 HE1  sing N N 292 
PHE CE2 CZ   sing Y N 293 
PHE CE2 HE2  sing N N 294 
PHE CZ  HZ   sing N N 295 
PHE OXT HXT  sing N N 296 
PRO N   CA   sing N N 297 
PRO N   CD   sing N N 298 
PRO N   H    sing N N 299 
PRO CA  C    sing N N 300 
PRO CA  CB   sing N N 301 
PRO CA  HA   sing N N 302 
PRO C   O    doub N N 303 
PRO C   OXT  sing N N 304 
PRO CB  CG   sing N N 305 
PRO CB  HB2  sing N N 306 
PRO CB  HB3  sing N N 307 
PRO CG  CD   sing N N 308 
PRO CG  HG2  sing N N 309 
PRO CG  HG3  sing N N 310 
PRO CD  HD2  sing N N 311 
PRO CD  HD3  sing N N 312 
PRO OXT HXT  sing N N 313 
SER N   CA   sing N N 314 
SER N   H    sing N N 315 
SER N   H2   sing N N 316 
SER CA  C    sing N N 317 
SER CA  CB   sing N N 318 
SER CA  HA   sing N N 319 
SER C   O    doub N N 320 
SER C   OXT  sing N N 321 
SER CB  OG   sing N N 322 
SER CB  HB2  sing N N 323 
SER CB  HB3  sing N N 324 
SER OG  HG   sing N N 325 
SER OXT HXT  sing N N 326 
THR N   CA   sing N N 327 
THR N   H    sing N N 328 
THR N   H2   sing N N 329 
THR CA  C    sing N N 330 
THR CA  CB   sing N N 331 
THR CA  HA   sing N N 332 
THR C   O    doub N N 333 
THR C   OXT  sing N N 334 
THR CB  OG1  sing N N 335 
THR CB  CG2  sing N N 336 
THR CB  HB   sing N N 337 
THR OG1 HG1  sing N N 338 
THR CG2 HG21 sing N N 339 
THR CG2 HG22 sing N N 340 
THR CG2 HG23 sing N N 341 
THR OXT HXT  sing N N 342 
TRP N   CA   sing N N 343 
TRP N   H    sing N N 344 
TRP N   H2   sing N N 345 
TRP CA  C    sing N N 346 
TRP CA  CB   sing N N 347 
TRP CA  HA   sing N N 348 
TRP C   O    doub N N 349 
TRP C   OXT  sing N N 350 
TRP CB  CG   sing N N 351 
TRP CB  HB2  sing N N 352 
TRP CB  HB3  sing N N 353 
TRP CG  CD1  doub Y N 354 
TRP CG  CD2  sing Y N 355 
TRP CD1 NE1  sing Y N 356 
TRP CD1 HD1  sing N N 357 
TRP CD2 CE2  doub Y N 358 
TRP CD2 CE3  sing Y N 359 
TRP NE1 CE2  sing Y N 360 
TRP NE1 HE1  sing N N 361 
TRP CE2 CZ2  sing Y N 362 
TRP CE3 CZ3  doub Y N 363 
TRP CE3 HE3  sing N N 364 
TRP CZ2 CH2  doub Y N 365 
TRP CZ2 HZ2  sing N N 366 
TRP CZ3 CH2  sing Y N 367 
TRP CZ3 HZ3  sing N N 368 
TRP CH2 HH2  sing N N 369 
TRP OXT HXT  sing N N 370 
TYR N   CA   sing N N 371 
TYR N   H    sing N N 372 
TYR N   H2   sing N N 373 
TYR CA  C    sing N N 374 
TYR CA  CB   sing N N 375 
TYR CA  HA   sing N N 376 
TYR C   O    doub N N 377 
TYR C   OXT  sing N N 378 
TYR CB  CG   sing N N 379 
TYR CB  HB2  sing N N 380 
TYR CB  HB3  sing N N 381 
TYR CG  CD1  doub Y N 382 
TYR CG  CD2  sing Y N 383 
TYR CD1 CE1  sing Y N 384 
TYR CD1 HD1  sing N N 385 
TYR CD2 CE2  doub Y N 386 
TYR CD2 HD2  sing N N 387 
TYR CE1 CZ   doub Y N 388 
TYR CE1 HE1  sing N N 389 
TYR CE2 CZ   sing Y N 390 
TYR CE2 HE2  sing N N 391 
TYR CZ  OH   sing N N 392 
TYR OH  HH   sing N N 393 
TYR OXT HXT  sing N N 394 
VAL N   CA   sing N N 395 
VAL N   H    sing N N 396 
VAL N   H2   sing N N 397 
VAL CA  C    sing N N 398 
VAL CA  CB   sing N N 399 
VAL CA  HA   sing N N 400 
VAL C   O    doub N N 401 
VAL C   OXT  sing N N 402 
VAL CB  CG1  sing N N 403 
VAL CB  CG2  sing N N 404 
VAL CB  HB   sing N N 405 
VAL CG1 HG11 sing N N 406 
VAL CG1 HG12 sing N N 407 
VAL CG1 HG13 sing N N 408 
VAL CG2 HG21 sing N N 409 
VAL CG2 HG22 sing N N 410 
VAL CG2 HG23 sing N N 411 
VAL OXT HXT  sing N N 412 
# 
_pdbx_audit_support.funding_organization   'National Natural Science Foundation of China' 
_pdbx_audit_support.country                China 
_pdbx_audit_support.grant_number           91519304 
_pdbx_audit_support.ordinal                1 
# 
_pdbx_initial_refinement_model.id               1 
_pdbx_initial_refinement_model.entity_id_list   ? 
_pdbx_initial_refinement_model.type             'experimental model' 
_pdbx_initial_refinement_model.source_name      PDB 
_pdbx_initial_refinement_model.accession_code   2OO1 
_pdbx_initial_refinement_model.details          ? 
# 
_atom_sites.entry_id                    5HJC 
_atom_sites.fract_transf_matrix[1][1]   -0.01004046 
_atom_sites.fract_transf_matrix[1][2]   0.00592387 
_atom_sites.fract_transf_matrix[1][3]   0.00858120 
_atom_sites.fract_transf_matrix[2][1]   0.00359034 
_atom_sites.fract_transf_matrix[2][2]   0.01078096 
_atom_sites.fract_transf_matrix[2][3]   0.00896856 
_atom_sites.fract_transf_matrix[3][1]   -0.00227818 
_atom_sites.fract_transf_matrix[3][2]   0.00699089 
_atom_sites.fract_transf_matrix[3][3]   -0.00749162 
_atom_sites.fract_transf_vector[1]      -0.493634 
_atom_sites.fract_transf_vector[2]      -0.406683 
_atom_sites.fract_transf_vector[3]      0.031252 
# 
loop_
_atom_type.symbol 
C  
CL 
N  
O  
S  
# 
loop_
_atom_site.group_PDB 
_atom_site.id 
_atom_site.type_symbol 
_atom_site.label_atom_id 
_atom_site.label_alt_id 
_atom_site.label_comp_id 
_atom_site.label_asym_id 
_atom_site.label_entity_id 
_atom_site.label_seq_id 
_atom_site.pdbx_PDB_ins_code 
_atom_site.Cartn_x 
_atom_site.Cartn_y 
_atom_site.Cartn_z 
_atom_site.occupancy 
_atom_site.B_iso_or_equiv 
_atom_site.pdbx_formal_charge 
_atom_site.auth_seq_id 
_atom_site.auth_comp_id 
_atom_site.auth_asym_id 
_atom_site.auth_atom_id 
_atom_site.pdbx_PDB_model_num 
ATOM   1    N  N   . LYS A 1 1   ? -18.330 4.680   14.278  1.00 69.36 ?  307 LYS A N   1 
ATOM   2    C  CA  . LYS A 1 1   ? -18.796 3.299   14.213  1.00 69.27 ?  307 LYS A CA  1 
ATOM   3    C  C   . LYS A 1 1   ? -17.678 2.308   14.511  1.00 64.00 ?  307 LYS A C   1 
ATOM   4    O  O   . LYS A 1 1   ? -17.901 1.294   15.175  1.00 65.10 ?  307 LYS A O   1 
ATOM   5    C  CB  . LYS A 1 1   ? -19.393 2.995   12.837  1.00 58.32 ?  307 LYS A CB  1 
ATOM   6    C  CG  . LYS A 1 1   ? -19.711 1.522   12.623  1.00 50.81 ?  307 LYS A CG  1 
ATOM   7    C  CD  . LYS A 1 1   ? -19.937 1.202   11.157  1.00 53.40 ?  307 LYS A CD  1 
ATOM   8    C  CE  . LYS A 1 1   ? -19.984 -0.301  10.929  1.00 48.25 ?  307 LYS A CE  1 
ATOM   9    N  NZ  . LYS A 1 1   ? -20.154 -0.641  9.489   1.00 38.15 1  307 LYS A NZ  1 
ATOM   10   N  N   . LEU A 1 2   ? -16.481 2.621   14.017  1.00 63.73 ?  308 LEU A N   1 
ATOM   11   C  CA  . LEU A 1 2   ? -15.328 1.721   14.058  1.00 57.75 ?  308 LEU A CA  1 
ATOM   12   C  C   . LEU A 1 2   ? -15.138 0.980   15.376  1.00 54.72 ?  308 LEU A C   1 
ATOM   13   O  O   . LEU A 1 2   ? -15.199 1.571   16.455  1.00 56.47 ?  308 LEU A O   1 
ATOM   14   C  CB  . LEU A 1 2   ? -14.047 2.497   13.742  1.00 50.88 ?  308 LEU A CB  1 
ATOM   15   C  CG  . LEU A 1 2   ? -13.858 2.973   12.302  1.00 53.01 ?  308 LEU A CG  1 
ATOM   16   C  CD1 . LEU A 1 2   ? -12.497 3.636   12.135  1.00 51.53 ?  308 LEU A CD1 1 
ATOM   17   C  CD2 . LEU A 1 2   ? -14.022 1.815   11.329  1.00 49.78 ?  308 LEU A CD2 1 
ATOM   18   N  N   . SER A 1 3   ? -14.910 -0.324  15.266  1.00 46.81 ?  309 SER A N   1 
ATOM   19   C  CA  . SER A 1 3   ? -14.575 -1.155  16.412  1.00 48.83 ?  309 SER A CA  1 
ATOM   20   C  C   . SER A 1 3   ? -13.187 -0.793  16.925  1.00 49.16 ?  309 SER A C   1 
ATOM   21   O  O   . SER A 1 3   ? -12.436 -0.088  16.250  1.00 48.87 ?  309 SER A O   1 
ATOM   22   C  CB  . SER A 1 3   ? -14.636 -2.635  16.035  1.00 46.71 ?  309 SER A CB  1 
ATOM   23   O  OG  . SER A 1 3   ? -13.838 -2.895  14.892  1.00 47.40 ?  309 SER A OG  1 
ATOM   24   N  N   . GLU A 1 4   ? -12.850 -1.277  18.116  1.00 45.75 ?  310 GLU A N   1 
ATOM   25   C  CA  . GLU A 1 4   ? -11.560 -0.981  18.730  1.00 48.23 ?  310 GLU A CA  1 
ATOM   26   C  C   . GLU A 1 4   ? -10.398 -1.454  17.860  1.00 50.47 ?  310 GLU A C   1 
ATOM   27   O  O   . GLU A 1 4   ? -9.385  -0.764  17.733  1.00 44.08 ?  310 GLU A O   1 
ATOM   28   C  CB  . GLU A 1 4   ? -11.462 -1.624  20.114  1.00 47.52 ?  310 GLU A CB  1 
ATOM   29   C  CG  . GLU A 1 4   ? -10.190 -1.266  20.868  1.00 53.49 ?  310 GLU A CG  1 
ATOM   30   C  CD  . GLU A 1 4   ? -9.954  -2.156  22.072  1.00 66.31 ?  310 GLU A CD  1 
ATOM   31   O  OE1 . GLU A 1 4   ? -9.587  -1.629  23.143  1.00 70.30 ?  310 GLU A OE1 1 
ATOM   32   O  OE2 . GLU A 1 4   ? -10.132 -3.386  21.942  1.00 59.94 -1 310 GLU A OE2 1 
ATOM   33   N  N   . HIS A 1 5   ? -10.551 -2.633  17.266  1.00 48.95 ?  311 HIS A N   1 
ATOM   34   C  CA  . HIS A 1 5   ? -9.523  -3.193  16.396  1.00 39.50 ?  311 HIS A CA  1 
ATOM   35   C  C   . HIS A 1 5   ? -9.360  -2.371  15.122  1.00 37.65 ?  311 HIS A C   1 
ATOM   36   O  O   . HIS A 1 5   ? -8.244  -2.149  14.658  1.00 36.72 ?  311 HIS A O   1 
ATOM   37   C  CB  . HIS A 1 5   ? -9.850  -4.646  16.045  1.00 40.19 ?  311 HIS A CB  1 
ATOM   38   C  CG  . HIS A 1 5   ? -9.456  -5.626  17.106  1.00 45.01 ?  311 HIS A CG  1 
ATOM   39   N  ND1 . HIS A 1 5   ? -9.878  -6.938  17.103  1.00 43.67 ?  311 HIS A ND1 1 
ATOM   40   C  CD2 . HIS A 1 5   ? -8.672  -5.487  18.201  1.00 44.87 ?  311 HIS A CD2 1 
ATOM   41   C  CE1 . HIS A 1 5   ? -9.376  -7.564  18.152  1.00 44.23 ?  311 HIS A CE1 1 
ATOM   42   N  NE2 . HIS A 1 5   ? -8.639  -6.705  18.834  1.00 50.95 ?  311 HIS A NE2 1 
ATOM   43   N  N   . LEU A 1 6   ? -10.478 -1.917  14.562  1.00 41.76 ?  312 LEU A N   1 
ATOM   44   C  CA  . LEU A 1 6   ? -10.444 -1.125  13.337  1.00 35.84 ?  312 LEU A CA  1 
ATOM   45   C  C   . LEU A 1 6   ? -9.983  0.307   13.605  1.00 37.00 ?  312 LEU A C   1 
ATOM   46   O  O   . LEU A 1 6   ? -9.625  1.034   12.678  1.00 41.13 ?  312 LEU A O   1 
ATOM   47   C  CB  . LEU A 1 6   ? -11.816 -1.127  12.661  1.00 41.42 ?  312 LEU A CB  1 
ATOM   48   C  CG  . LEU A 1 6   ? -12.144 -2.389  11.862  1.00 39.33 ?  312 LEU A CG  1 
ATOM   49   C  CD1 . LEU A 1 6   ? -13.570 -2.341  11.333  1.00 43.10 ?  312 LEU A CD1 1 
ATOM   50   C  CD2 . LEU A 1 6   ? -11.150 -2.565  10.721  1.00 37.30 ?  312 LEU A CD2 1 
ATOM   51   N  N   . ARG A 1 7   ? -9.992  0.708   14.873  1.00 39.55 ?  313 ARG A N   1 
ATOM   52   C  CA  . ARG A 1 7   ? -9.419  1.991   15.265  1.00 41.12 ?  313 ARG A CA  1 
ATOM   53   C  C   . ARG A 1 7   ? -7.901  1.893   15.273  1.00 37.56 ?  313 ARG A C   1 
ATOM   54   O  O   . ARG A 1 7   ? -7.203  2.822   14.869  1.00 44.47 ?  313 ARG A O   1 
ATOM   55   C  CB  . ARG A 1 7   ? -9.925  2.426   16.640  1.00 46.24 ?  313 ARG A CB  1 
ATOM   56   C  CG  . ARG A 1 7   ? -10.989 3.507   16.605  1.00 49.41 ?  313 ARG A CG  1 
ATOM   57   C  CD  . ARG A 1 7   ? -10.948 4.337   17.877  1.00 58.06 ?  313 ARG A CD  1 
ATOM   58   N  NE  . ARG A 1 7   ? -10.809 3.496   19.062  1.00 68.29 ?  313 ARG A NE  1 
ATOM   59   C  CZ  . ARG A 1 7   ? -11.830 2.958   19.720  1.00 73.63 ?  313 ARG A CZ  1 
ATOM   60   N  NH1 . ARG A 1 7   ? -13.071 3.175   19.306  1.00 73.14 1  313 ARG A NH1 1 
ATOM   61   N  NH2 . ARG A 1 7   ? -11.611 2.203   20.790  1.00 58.50 ?  313 ARG A NH2 1 
ATOM   62   N  N   . TYR A 1 8   ? -7.403  0.753   15.741  1.00 36.89 ?  314 TYR A N   1 
ATOM   63   C  CA  . TYR A 1 8   ? -5.971  0.491   15.776  1.00 35.75 ?  314 TYR A CA  1 
ATOM   64   C  C   . TYR A 1 8   ? -5.406  0.422   14.362  1.00 34.28 ?  314 TYR A C   1 
ATOM   65   O  O   . TYR A 1 8   ? -4.265  0.811   14.119  1.00 33.13 ?  314 TYR A O   1 
ATOM   66   C  CB  . TYR A 1 8   ? -5.683  -0.812  16.526  1.00 29.12 ?  314 TYR A CB  1 
ATOM   67   C  CG  . TYR A 1 8   ? -4.212  -1.079  16.758  1.00 28.65 ?  314 TYR A CG  1 
ATOM   68   C  CD1 . TYR A 1 8   ? -3.566  -0.582  17.882  1.00 34.18 ?  314 TYR A CD1 1 
ATOM   69   C  CD2 . TYR A 1 8   ? -3.472  -1.830  15.855  1.00 24.58 ?  314 TYR A CD2 1 
ATOM   70   C  CE1 . TYR A 1 8   ? -2.223  -0.824  18.099  1.00 34.26 ?  314 TYR A CE1 1 
ATOM   71   C  CE2 . TYR A 1 8   ? -2.130  -2.076  16.064  1.00 29.78 ?  314 TYR A CE2 1 
ATOM   72   C  CZ  . TYR A 1 8   ? -1.510  -1.571  17.186  1.00 36.18 ?  314 TYR A CZ  1 
ATOM   73   O  OH  . TYR A 1 8   ? -0.172  -1.816  17.396  1.00 30.92 ?  314 TYR A OH  1 
ATOM   74   N  N   . CYS A 1 9   ? -6.215  -0.075  13.432  1.00 33.27 ?  315 CYS A N   1 
ATOM   75   C  CA  . CYS A 1 9   ? -5.815  -0.161  12.034  1.00 30.51 ?  315 CYS A CA  1 
ATOM   76   C  C   . CYS A 1 9   ? -5.691  1.228   11.418  1.00 33.60 ?  315 CYS A C   1 
ATOM   77   O  O   . CYS A 1 9   ? -4.753  1.507   10.671  1.00 33.34 ?  315 CYS A O   1 
ATOM   78   C  CB  . CYS A 1 9   ? -6.813  -1.002  11.238  1.00 29.20 ?  315 CYS A CB  1 
ATOM   79   S  SG  . CYS A 1 9   ? -6.904  -2.734  11.743  1.00 31.92 ?  315 CYS A SG  1 
ATOM   80   N  N   . ASP A 1 10  ? -6.647  2.094   11.738  1.00 38.64 ?  316 ASP A N   1 
ATOM   81   C  CA  . ASP A 1 10  ? -6.630  3.467   11.255  1.00 38.22 ?  316 ASP A CA  1 
ATOM   82   C  C   . ASP A 1 10  ? -5.419  4.202   11.823  1.00 36.20 ?  316 ASP A C   1 
ATOM   83   O  O   . ASP A 1 10  ? -4.894  5.126   11.203  1.00 34.18 ?  316 ASP A O   1 
ATOM   84   C  CB  . ASP A 1 10  ? -7.927  4.187   11.635  1.00 42.54 ?  316 ASP A CB  1 
ATOM   85   C  CG  . ASP A 1 10  ? -8.186  5.414   10.783  1.00 40.94 ?  316 ASP A CG  1 
ATOM   86   O  OD1 . ASP A 1 10  ? -7.774  5.417   9.604   1.00 44.75 ?  316 ASP A OD1 1 
ATOM   87   O  OD2 . ASP A 1 10  ? -8.804  6.375   11.290  1.00 44.43 -1 316 ASP A OD2 1 
ATOM   88   N  N   . SER A 1 11  ? -4.978  3.776   13.003  1.00 33.39 ?  317 SER A N   1 
ATOM   89   C  CA  . SER A 1 11  ? -3.779  4.322   13.628  1.00 28.98 ?  317 SER A CA  1 
ATOM   90   C  C   . SER A 1 11  ? -2.534  3.919   12.847  1.00 34.18 ?  317 SER A C   1 
ATOM   91   O  O   . SER A 1 11  ? -1.647  4.738   12.610  1.00 31.47 ?  317 SER A O   1 
ATOM   92   C  CB  . SER A 1 11  ? -3.667  3.855   15.081  1.00 32.62 ?  317 SER A CB  1 
ATOM   93   O  OG  . SER A 1 11  ? -2.445  4.277   15.661  1.00 43.32 ?  317 SER A OG  1 
ATOM   94   N  N   . ILE A 1 12  ? -2.474  2.650   12.455  1.00 32.05 ?  318 ILE A N   1 
ATOM   95   C  CA  . ILE A 1 12  ? -1.369  2.144   11.644  1.00 28.65 ?  318 ILE A CA  1 
ATOM   96   C  C   . ILE A 1 12  ? -1.326  2.849   10.293  1.00 26.78 ?  318 ILE A C   1 
ATOM   97   O  O   . ILE A 1 12  ? -0.266  3.278   9.835   1.00 25.68 ?  318 ILE A O   1 
ATOM   98   C  CB  . ILE A 1 12  ? -1.484  0.623   11.413  1.00 26.52 ?  318 ILE A CB  1 
ATOM   99   C  CG1 . ILE A 1 12  ? -1.555  -0.125  12.744  1.00 29.24 ?  318 ILE A CG1 1 
ATOM   100  C  CG2 . ILE A 1 12  ? -0.315  0.117   10.584  1.00 22.12 ?  318 ILE A CG2 1 
ATOM   101  C  CD1 . ILE A 1 12  ? -1.786  -1.613  12.585  1.00 28.28 ?  318 ILE A CD1 1 
ATOM   102  N  N   . LEU A 1 13  ? -2.490  2.956   9.662   1.00 28.26 ?  319 LEU A N   1 
ATOM   103  C  CA  . LEU A 1 13  ? -2.621  3.623   8.372   1.00 31.93 ?  319 LEU A CA  1 
ATOM   104  C  C   . LEU A 1 13  ? -2.165  5.072   8.459   1.00 25.76 ?  319 LEU A C   1 
ATOM   105  O  O   . LEU A 1 13  ? -1.502  5.579   7.555   1.00 26.82 ?  319 LEU A O   1 
ATOM   106  C  CB  . LEU A 1 13  ? -4.067  3.549   7.881   1.00 26.56 ?  319 LEU A CB  1 
ATOM   107  C  CG  . LEU A 1 13  ? -4.446  4.407   6.676   1.00 30.54 ?  319 LEU A CG  1 
ATOM   108  C  CD1 . LEU A 1 13  ? -3.660  3.995   5.441   1.00 30.02 ?  319 LEU A CD1 1 
ATOM   109  C  CD2 . LEU A 1 13  ? -5.936  4.308   6.421   1.00 29.39 ?  319 LEU A CD2 1 
ATOM   110  N  N   . ARG A 1 14  ? -2.519  5.728   9.559   1.00 30.82 ?  320 ARG A N   1 
ATOM   111  C  CA  . ARG A 1 14  ? -2.136  7.114   9.788   1.00 34.17 ?  320 ARG A CA  1 
ATOM   112  C  C   . ARG A 1 14  ? -0.621  7.246   9.923   1.00 31.29 ?  320 ARG A C   1 
ATOM   113  O  O   . ARG A 1 14  ? -0.045  8.272   9.561   1.00 34.09 ?  320 ARG A O   1 
ATOM   114  C  CB  . ARG A 1 14  ? -2.841  7.656   11.035  1.00 35.07 ?  320 ARG A CB  1 
ATOM   115  C  CG  . ARG A 1 14  ? -2.755  9.161   11.212  1.00 45.83 ?  320 ARG A CG  1 
ATOM   116  C  CD  . ARG A 1 14  ? -3.759  9.652   12.244  1.00 48.23 ?  320 ARG A CD  1 
ATOM   117  N  NE  . ARG A 1 14  ? -3.616  8.966   13.526  1.00 59.89 ?  320 ARG A NE  1 
ATOM   118  C  CZ  . ARG A 1 14  ? -4.519  8.134   14.033  1.00 51.56 ?  320 ARG A CZ  1 
ATOM   119  N  NH1 . ARG A 1 14  ? -5.638  7.886   13.368  1.00 39.45 1  320 ARG A NH1 1 
ATOM   120  N  NH2 . ARG A 1 14  ? -4.304  7.553   15.206  1.00 43.36 ?  320 ARG A NH2 1 
ATOM   121  N  N   . GLU A 1 15  ? 0.021   6.201   10.438  1.00 31.58 ?  321 GLU A N   1 
ATOM   122  C  CA  . GLU A 1 15  ? 1.472   6.202   10.604  1.00 28.97 ?  321 GLU A CA  1 
ATOM   123  C  C   . GLU A 1 15  ? 2.184   5.944   9.278   1.00 28.39 ?  321 GLU A C   1 
ATOM   124  O  O   . GLU A 1 15  ? 3.240   6.519   9.008   1.00 30.27 ?  321 GLU A O   1 
ATOM   125  C  CB  . GLU A 1 15  ? 1.896   5.158   11.641  1.00 24.53 ?  321 GLU A CB  1 
ATOM   126  C  CG  . GLU A 1 15  ? 3.400   5.062   11.849  1.00 30.31 ?  321 GLU A CG  1 
ATOM   127  C  CD  . GLU A 1 15  ? 3.780   4.068   12.927  1.00 38.02 ?  321 GLU A CD  1 
ATOM   128  O  OE1 . GLU A 1 15  ? 2.893   3.663   13.707  1.00 43.10 ?  321 GLU A OE1 1 
ATOM   129  O  OE2 . GLU A 1 15  ? 4.968   3.691   12.990  1.00 39.87 -1 321 GLU A OE2 1 
ATOM   130  N  N   . MET A 1 16  ? 1.601   5.080   8.452   1.00 27.30 ?  322 MET A N   1 
ATOM   131  C  CA  . MET A 1 16  ? 2.182   4.754   7.153   1.00 25.81 ?  322 MET A CA  1 
ATOM   132  C  C   . MET A 1 16  ? 2.135   5.949   6.202   1.00 28.10 ?  322 MET A C   1 
ATOM   133  O  O   . MET A 1 16  ? 2.880   6.003   5.225   1.00 28.09 ?  322 MET A O   1 
ATOM   134  C  CB  . MET A 1 16  ? 1.465   3.554   6.525   1.00 21.64 ?  322 MET A CB  1 
ATOM   135  C  CG  . MET A 1 16  ? 1.836   2.215   7.148   1.00 27.41 ?  322 MET A CG  1 
ATOM   136  S  SD  . MET A 1 16  ? 1.162   0.796   6.258   1.00 25.43 ?  322 MET A SD  1 
ATOM   137  C  CE  . MET A 1 16  ? -0.589  0.990   6.576   1.00 22.01 ?  322 MET A CE  1 
ATOM   138  N  N   . LEU A 1 17  ? 1.264   6.909   6.500   1.00 24.05 ?  323 LEU A N   1 
ATOM   139  C  CA  . LEU A 1 17  ? 1.096   8.090   5.660   1.00 20.72 ?  323 LEU A CA  1 
ATOM   140  C  C   . LEU A 1 17  ? 1.835   9.308   6.214   1.00 24.64 ?  323 LEU A C   1 
ATOM   141  O  O   . LEU A 1 17  ? 1.801   10.385  5.620   1.00 31.06 ?  323 LEU A O   1 
ATOM   142  C  CB  . LEU A 1 17  ? -0.390  8.417   5.499   1.00 23.81 ?  323 LEU A CB  1 
ATOM   143  C  CG  . LEU A 1 17  ? -1.209  7.498   4.593   1.00 24.71 ?  323 LEU A CG  1 
ATOM   144  C  CD1 . LEU A 1 17  ? -2.697  7.762   4.771   1.00 21.67 ?  323 LEU A CD1 1 
ATOM   145  C  CD2 . LEU A 1 17  ? -0.799  7.690   3.142   1.00 20.86 ?  323 LEU A CD2 1 
ATOM   146  N  N   . SER A 1 18  ? 2.499   9.134   7.353   1.00 25.42 ?  324 SER A N   1 
ATOM   147  C  CA  . SER A 1 18  ? 3.213   10.232  7.997   1.00 28.40 ?  324 SER A CA  1 
ATOM   148  C  C   . SER A 1 18  ? 4.597   10.440  7.386   1.00 25.71 ?  324 SER A C   1 
ATOM   149  O  O   . SER A 1 18  ? 5.079   9.602   6.624   1.00 25.08 ?  324 SER A O   1 
ATOM   150  C  CB  . SER A 1 18  ? 3.338   9.977   9.500   1.00 24.80 ?  324 SER A CB  1 
ATOM   151  O  OG  . SER A 1 18  ? 4.077   8.794   9.755   1.00 28.42 ?  324 SER A OG  1 
ATOM   152  N  N   . LYS A 1 19  ? 5.234   11.556  7.734   1.00 24.37 ?  325 LYS A N   1 
ATOM   153  C  CA  . LYS A 1 19  ? 6.559   11.890  7.212   1.00 26.99 ?  325 LYS A CA  1 
ATOM   154  C  C   . LYS A 1 19  ? 7.635   10.930  7.713   1.00 28.34 ?  325 LYS A C   1 
ATOM   155  O  O   . LYS A 1 19  ? 8.736   10.880  7.164   1.00 28.14 ?  325 LYS A O   1 
ATOM   156  C  CB  . LYS A 1 19  ? 6.947   13.320  7.594   1.00 26.97 ?  325 LYS A CB  1 
ATOM   157  C  CG  . LYS A 1 19  ? 5.921   14.380  7.237   1.00 36.36 ?  325 LYS A CG  1 
ATOM   158  C  CD  . LYS A 1 19  ? 6.499   15.771  7.438   1.00 32.45 ?  325 LYS A CD  1 
ATOM   159  C  CE  . LYS A 1 19  ? 5.407   16.810  7.586   1.00 36.75 ?  325 LYS A CE  1 
ATOM   160  N  NZ  . LYS A 1 19  ? 4.631   16.602  8.838   1.00 41.39 1  325 LYS A NZ  1 
ATOM   161  N  N   . LYS A 1 20  ? 7.310   10.181  8.760   1.00 25.70 ?  326 LYS A N   1 
ATOM   162  C  CA  . LYS A 1 20  ? 8.254   9.264   9.388   1.00 24.66 ?  326 LYS A CA  1 
ATOM   163  C  C   . LYS A 1 20  ? 8.731   8.183   8.419   1.00 25.63 ?  326 LYS A C   1 
ATOM   164  O  O   . LYS A 1 20  ? 9.873   7.729   8.499   1.00 24.70 ?  326 LYS A O   1 
ATOM   165  C  CB  . LYS A 1 20  ? 7.610   8.623   10.620  1.00 27.55 ?  326 LYS A CB  1 
ATOM   166  C  CG  . LYS A 1 20  ? 8.562   7.839   11.510  1.00 30.26 ?  326 LYS A CG  1 
ATOM   167  C  CD  . LYS A 1 20  ? 7.857   7.383   12.780  1.00 31.88 ?  326 LYS A CD  1 
ATOM   168  C  CE  . LYS A 1 20  ? 8.818   6.707   13.746  1.00 57.78 ?  326 LYS A CE  1 
ATOM   169  N  NZ  . LYS A 1 20  ? 9.400   5.458   13.185  1.00 50.44 1  326 LYS A NZ  1 
ATOM   170  N  N   . HIS A 1 21  ? 7.856   7.782   7.500   1.00 21.34 ?  327 HIS A N   1 
ATOM   171  C  CA  . HIS A 1 21  ? 8.162   6.694   6.577   1.00 23.24 ?  327 HIS A CA  1 
ATOM   172  C  C   . HIS A 1 21  ? 8.105   7.130   5.114   1.00 22.26 ?  327 HIS A C   1 
ATOM   173  O  O   . HIS A 1 21  ? 8.128   6.292   4.213   1.00 19.65 ?  327 HIS A O   1 
ATOM   174  C  CB  . HIS A 1 21  ? 7.193   5.529   6.798   1.00 21.50 ?  327 HIS A CB  1 
ATOM   175  C  CG  . HIS A 1 21  ? 7.096   5.083   8.224   1.00 21.83 ?  327 HIS A CG  1 
ATOM   176  N  ND1 . HIS A 1 21  ? 8.122   4.430   8.872   1.00 22.95 ?  327 HIS A ND1 1 
ATOM   177  C  CD2 . HIS A 1 21  ? 6.091   5.189   9.125   1.00 22.86 ?  327 HIS A CD2 1 
ATOM   178  C  CE1 . HIS A 1 21  ? 7.755   4.158   10.111  1.00 23.74 ?  327 HIS A CE1 1 
ATOM   179  N  NE2 . HIS A 1 21  ? 6.526   4.608   10.291  1.00 26.59 ?  327 HIS A NE2 1 
ATOM   180  N  N   . ALA A 1 22  ? 8.047   8.441   4.888   1.00 22.57 ?  328 ALA A N   1 
ATOM   181  C  CA  . ALA A 1 22  ? 7.844   9.005   3.554   1.00 19.77 ?  328 ALA A CA  1 
ATOM   182  C  C   . ALA A 1 22  ? 8.883   8.545   2.531   1.00 21.96 ?  328 ALA A C   1 
ATOM   183  O  O   . ALA A 1 22  ? 8.590   8.462   1.339   1.00 24.17 ?  328 ALA A O   1 
ATOM   184  C  CB  . ALA A 1 22  ? 7.830   10.528  3.631   1.00 20.83 ?  328 ALA A CB  1 
ATOM   185  N  N   . ALA A 1 23  ? 10.089  8.243   3.003   1.00 19.98 ?  329 ALA A N   1 
ATOM   186  C  CA  . ALA A 1 23  ? 11.193  7.859   2.125   1.00 18.89 ?  329 ALA A CA  1 
ATOM   187  C  C   . ALA A 1 23  ? 10.879  6.604   1.314   1.00 19.95 ?  329 ALA A C   1 
ATOM   188  O  O   . ALA A 1 23  ? 11.381  6.435   0.202   1.00 21.16 ?  329 ALA A O   1 
ATOM   189  C  CB  . ALA A 1 23  ? 12.462  7.649   2.940   1.00 18.94 ?  329 ALA A CB  1 
ATOM   190  N  N   . TYR A 1 24  ? 10.047  5.732   1.872   1.00 19.85 ?  330 TYR A N   1 
ATOM   191  C  CA  . TYR A 1 24  ? 9.722   4.465   1.226   1.00 19.25 ?  330 TYR A CA  1 
ATOM   192  C  C   . TYR A 1 24  ? 8.216   4.232   1.110   1.00 19.54 ?  330 TYR A C   1 
ATOM   193  O  O   . TYR A 1 24  ? 7.782   3.190   0.620   1.00 20.27 ?  330 TYR A O   1 
ATOM   194  C  CB  . TYR A 1 24  ? 10.376  3.297   1.980   1.00 19.15 ?  330 TYR A CB  1 
ATOM   195  C  CG  . TYR A 1 24  ? 10.346  3.416   3.491   1.00 25.44 ?  330 TYR A CG  1 
ATOM   196  C  CD1 . TYR A 1 24  ? 11.375  4.046   4.178   1.00 25.21 ?  330 TYR A CD1 1 
ATOM   197  C  CD2 . TYR A 1 24  ? 9.297   2.883   4.232   1.00 24.18 ?  330 TYR A CD2 1 
ATOM   198  C  CE1 . TYR A 1 24  ? 11.358  4.153   5.555   1.00 23.39 ?  330 TYR A CE1 1 
ATOM   199  C  CE2 . TYR A 1 24  ? 9.273   2.984   5.611   1.00 19.03 ?  330 TYR A CE2 1 
ATOM   200  C  CZ  . TYR A 1 24  ? 10.306  3.622   6.266   1.00 24.21 ?  330 TYR A CZ  1 
ATOM   201  O  OH  . TYR A 1 24  ? 10.288  3.728   7.638   1.00 24.93 ?  330 TYR A OH  1 
ATOM   202  N  N   . ALA A 1 25  ? 7.423   5.203   1.549   1.00 24.47 ?  331 ALA A N   1 
ATOM   203  C  CA  . ALA A 1 25  ? 5.972   5.043   1.555   1.00 19.05 ?  331 ALA A CA  1 
ATOM   204  C  C   . ALA A 1 25  ? 5.283   5.830   0.443   1.00 20.16 ?  331 ALA A C   1 
ATOM   205  O  O   . ALA A 1 25  ? 4.152   5.518   0.071   1.00 21.13 ?  331 ALA A O   1 
ATOM   206  C  CB  . ALA A 1 25  ? 5.406   5.453   2.905   1.00 16.82 ?  331 ALA A CB  1 
ATOM   207  N  N   . TRP A 1 26  ? 5.964   6.840   -0.090  1.00 18.62 ?  332 TRP A N   1 
ATOM   208  C  CA  . TRP A 1 26  ? 5.358   7.726   -1.086  1.00 18.55 ?  332 TRP A CA  1 
ATOM   209  C  C   . TRP A 1 26  ? 4.933   7.053   -2.408  1.00 18.55 ?  332 TRP A C   1 
ATOM   210  O  O   . TRP A 1 26  ? 3.997   7.530   -3.051  1.00 22.28 ?  332 TRP A O   1 
ATOM   211  C  CB  . TRP A 1 26  ? 6.295   8.908   -1.393  1.00 19.27 ?  332 TRP A CB  1 
ATOM   212  C  CG  . TRP A 1 26  ? 7.538   8.588   -2.178  1.00 18.11 ?  332 TRP A CG  1 
ATOM   213  C  CD1 . TRP A 1 26  ? 8.792   8.387   -1.679  1.00 19.11 ?  332 TRP A CD1 1 
ATOM   214  C  CD2 . TRP A 1 26  ? 7.649   8.457   -3.603  1.00 16.74 ?  332 TRP A CD2 1 
ATOM   215  N  NE1 . TRP A 1 26  ? 9.672   8.129   -2.700  1.00 17.32 ?  332 TRP A NE1 1 
ATOM   216  C  CE2 . TRP A 1 26  ? 8.995   8.164   -3.892  1.00 14.82 ?  332 TRP A CE2 1 
ATOM   217  C  CE3 . TRP A 1 26  ? 6.738   8.549   -4.661  1.00 16.76 ?  332 TRP A CE3 1 
ATOM   218  C  CZ2 . TRP A 1 26  ? 9.456   7.964   -5.192  1.00 17.65 ?  332 TRP A CZ2 1 
ATOM   219  C  CZ3 . TRP A 1 26  ? 7.196   8.353   -5.951  1.00 16.30 ?  332 TRP A CZ3 1 
ATOM   220  C  CH2 . TRP A 1 26  ? 8.543   8.063   -6.206  1.00 17.91 ?  332 TRP A CH2 1 
ATOM   221  N  N   . PRO A 1 27  ? 5.595   5.952   -2.828  1.00 23.79 ?  333 PRO A N   1 
ATOM   222  C  CA  . PRO A 1 27  ? 5.042   5.354   -4.050  1.00 19.29 ?  333 PRO A CA  1 
ATOM   223  C  C   . PRO A 1 27  ? 3.698   4.655   -3.834  1.00 21.96 ?  333 PRO A C   1 
ATOM   224  O  O   . PRO A 1 27  ? 3.117   4.146   -4.793  1.00 19.95 ?  333 PRO A O   1 
ATOM   225  C  CB  . PRO A 1 27  ? 6.112   4.334   -4.460  1.00 15.80 ?  333 PRO A CB  1 
ATOM   226  C  CG  . PRO A 1 27  ? 7.355   4.789   -3.791  1.00 19.15 ?  333 PRO A CG  1 
ATOM   227  C  CD  . PRO A 1 27  ? 6.901   5.356   -2.487  1.00 19.51 ?  333 PRO A CD  1 
ATOM   228  N  N   . PHE A 1 28  ? 3.209   4.640   -2.597  1.00 21.70 ?  334 PHE A N   1 
ATOM   229  C  CA  . PHE A 1 28  ? 1.965   3.955   -2.278  1.00 23.10 ?  334 PHE A CA  1 
ATOM   230  C  C   . PHE A 1 28  ? 0.894   4.921   -1.776  1.00 24.40 ?  334 PHE A C   1 
ATOM   231  O  O   . PHE A 1 28  ? -0.194  4.502   -1.379  1.00 26.14 ?  334 PHE A O   1 
ATOM   232  C  CB  . PHE A 1 28  ? 2.222   2.862   -1.239  1.00 19.91 ?  334 PHE A CB  1 
ATOM   233  C  CG  . PHE A 1 28  ? 3.329   1.917   -1.616  1.00 19.68 ?  334 PHE A CG  1 
ATOM   234  C  CD1 . PHE A 1 28  ? 3.084   0.846   -2.459  1.00 16.60 ?  334 PHE A CD1 1 
ATOM   235  C  CD2 . PHE A 1 28  ? 4.612   2.102   -1.129  1.00 19.74 ?  334 PHE A CD2 1 
ATOM   236  C  CE1 . PHE A 1 28  ? 4.101   -0.025  -2.810  1.00 17.75 ?  334 PHE A CE1 1 
ATOM   237  C  CE2 . PHE A 1 28  ? 5.633   1.236   -1.475  1.00 14.62 ?  334 PHE A CE2 1 
ATOM   238  C  CZ  . PHE A 1 28  ? 5.376   0.171   -2.317  1.00 13.77 ?  334 PHE A CZ  1 
ATOM   239  N  N   . TYR A 1 29  ? 1.208   6.213   -1.798  1.00 23.67 ?  335 TYR A N   1 
ATOM   240  C  CA  . TYR A 1 29  ? 0.261   7.240   -1.373  1.00 22.11 ?  335 TYR A CA  1 
ATOM   241  C  C   . TYR A 1 29  ? -0.990  7.242   -2.244  1.00 24.04 ?  335 TYR A C   1 
ATOM   242  O  O   . TYR A 1 29  ? -2.111  7.237   -1.740  1.00 31.58 ?  335 TYR A O   1 
ATOM   243  C  CB  . TYR A 1 29  ? 0.912   8.626   -1.408  1.00 15.91 ?  335 TYR A CB  1 
ATOM   244  C  CG  . TYR A 1 29  ? 1.865   8.906   -0.269  1.00 18.39 ?  335 TYR A CG  1 
ATOM   245  C  CD1 . TYR A 1 29  ? 2.035   7.993   0.764   1.00 19.46 ?  335 TYR A CD1 1 
ATOM   246  C  CD2 . TYR A 1 29  ? 2.586   10.094  -0.218  1.00 17.27 ?  335 TYR A CD2 1 
ATOM   247  C  CE1 . TYR A 1 29  ? 2.902   8.250   1.807   1.00 17.28 ?  335 TYR A CE1 1 
ATOM   248  C  CE2 . TYR A 1 29  ? 3.455   10.358  0.825   1.00 19.79 ?  335 TYR A CE2 1 
ATOM   249  C  CZ  . TYR A 1 29  ? 3.608   9.433   1.832   1.00 17.98 ?  335 TYR A CZ  1 
ATOM   250  O  OH  . TYR A 1 29  ? 4.472   9.692   2.872   1.00 19.94 ?  335 TYR A OH  1 
ATOM   251  N  N   . LYS A 1 30  ? -0.780  7.251   -3.556  1.00 21.08 ?  336 LYS A N   1 
ATOM   252  C  CA  . LYS A 1 30  ? -1.866  7.288   -4.528  1.00 22.00 ?  336 LYS A CA  1 
ATOM   253  C  C   . LYS A 1 30  ? -1.829  6.030   -5.397  1.00 24.18 ?  336 LYS A C   1 
ATOM   254  O  O   . LYS A 1 30  ? -0.837  5.299   -5.379  1.00 25.17 ?  336 LYS A O   1 
ATOM   255  C  CB  . LYS A 1 30  ? -1.756  8.549   -5.394  1.00 29.87 ?  336 LYS A CB  1 
ATOM   256  C  CG  . LYS A 1 30  ? -1.853  9.855   -4.621  1.00 30.59 ?  336 LYS A CG  1 
ATOM   257  C  CD  . LYS A 1 30  ? -3.232  10.038  -4.010  1.00 32.26 ?  336 LYS A CD  1 
ATOM   258  C  CE  . LYS A 1 30  ? -3.355  11.398  -3.348  1.00 39.99 ?  336 LYS A CE  1 
ATOM   259  N  NZ  . LYS A 1 30  ? -4.710  11.623  -2.777  1.00 42.86 1  336 LYS A NZ  1 
ATOM   260  N  N   . PRO A 1 31  ? -2.917  5.762   -6.148  1.00 28.80 ?  337 PRO A N   1 
ATOM   261  C  CA  . PRO A 1 31  ? -2.892  4.645   -7.102  1.00 24.89 ?  337 PRO A CA  1 
ATOM   262  C  C   . PRO A 1 31  ? -1.737  4.750   -8.095  1.00 23.91 ?  337 PRO A C   1 
ATOM   263  O  O   . PRO A 1 31  ? -1.286  5.856   -8.399  1.00 28.80 ?  337 PRO A O   1 
ATOM   264  C  CB  . PRO A 1 31  ? -4.234  4.772   -7.829  1.00 18.16 ?  337 PRO A CB  1 
ATOM   265  C  CG  . PRO A 1 31  ? -5.127  5.447   -6.854  1.00 17.99 ?  337 PRO A CG  1 
ATOM   266  C  CD  . PRO A 1 31  ? -4.255  6.377   -6.058  1.00 21.42 ?  337 PRO A CD  1 
ATOM   267  N  N   . VAL A 1 32  ? -1.268  3.610   -8.589  1.00 21.93 ?  338 VAL A N   1 
ATOM   268  C  CA  . VAL A 1 32  ? -0.190  3.595   -9.571  1.00 25.55 ?  338 VAL A CA  1 
ATOM   269  C  C   . VAL A 1 32  ? -0.661  4.196   -10.887 1.00 26.45 ?  338 VAL A C   1 
ATOM   270  O  O   . VAL A 1 32  ? -1.517  3.632   -11.568 1.00 28.93 ?  338 VAL A O   1 
ATOM   271  C  CB  . VAL A 1 32  ? 0.334   2.168   -9.818  1.00 30.38 ?  338 VAL A CB  1 
ATOM   272  C  CG1 . VAL A 1 32  ? 1.334   2.158   -10.964 1.00 23.06 ?  338 VAL A CG1 1 
ATOM   273  C  CG2 . VAL A 1 32  ? 0.965   1.617   -8.555  1.00 25.35 ?  338 VAL A CG2 1 
ATOM   274  N  N   . ASP A 1 33  ? -0.102  5.349   -11.238 1.00 26.18 ?  339 ASP A N   1 
ATOM   275  C  CA  . ASP A 1 33  ? -0.473  6.024   -12.473 1.00 27.88 ?  339 ASP A CA  1 
ATOM   276  C  C   . ASP A 1 33  ? 0.181   5.341   -13.667 1.00 30.53 ?  339 ASP A C   1 
ATOM   277  O  O   . ASP A 1 33  ? 1.299   5.687   -14.054 1.00 28.82 ?  339 ASP A O   1 
ATOM   278  C  CB  . ASP A 1 33  ? -0.074  7.500   -12.424 1.00 32.43 ?  339 ASP A CB  1 
ATOM   279  C  CG  . ASP A 1 33  ? -0.839  8.345   -13.425 1.00 31.35 ?  339 ASP A CG  1 
ATOM   280  O  OD1 . ASP A 1 33  ? -1.561  7.771   -14.266 1.00 34.17 ?  339 ASP A OD1 1 
ATOM   281  O  OD2 . ASP A 1 33  ? -0.718  9.586   -13.372 1.00 33.46 -1 339 ASP A OD2 1 
ATOM   282  N  N   . ALA A 1 34  ? -0.523  4.372   -14.244 1.00 31.10 ?  340 ALA A N   1 
ATOM   283  C  CA  . ALA A 1 34  ? -0.029  3.645   -15.408 1.00 27.80 ?  340 ALA A CA  1 
ATOM   284  C  C   . ALA A 1 34  ? 0.136   4.580   -16.602 1.00 30.64 ?  340 ALA A C   1 
ATOM   285  O  O   . ALA A 1 34  ? 0.929   4.314   -17.505 1.00 35.82 ?  340 ALA A O   1 
ATOM   286  C  CB  . ALA A 1 34  ? -0.965  2.497   -15.752 1.00 25.66 ?  340 ALA A CB  1 
ATOM   287  N  N   . GLU A 1 35  ? -0.619  5.675   -16.598 1.00 33.28 ?  341 GLU A N   1 
ATOM   288  C  CA  . GLU A 1 35  ? -0.488  6.709   -17.621 1.00 31.33 ?  341 GLU A CA  1 
ATOM   289  C  C   . GLU A 1 35  ? 0.867   7.401   -17.550 1.00 27.52 ?  341 GLU A C   1 
ATOM   290  O  O   . GLU A 1 35  ? 1.680   7.292   -18.468 1.00 31.00 ?  341 GLU A O   1 
ATOM   291  C  CB  . GLU A 1 35  ? -1.594  7.758   -17.480 1.00 31.49 ?  341 GLU A CB  1 
ATOM   292  C  CG  . GLU A 1 35  ? -2.897  7.427   -18.177 1.00 32.30 ?  341 GLU A CG  1 
ATOM   293  C  CD  . GLU A 1 35  ? -3.813  8.633   -18.273 1.00 39.40 ?  341 GLU A CD  1 
ATOM   294  O  OE1 . GLU A 1 35  ? -3.627  9.448   -19.200 1.00 39.12 ?  341 GLU A OE1 1 
ATOM   295  O  OE2 . GLU A 1 35  ? -4.710  8.771   -17.415 1.00 42.52 -1 341 GLU A OE2 1 
ATOM   296  N  N   . ALA A 1 36  ? 1.093   8.115   -16.451 1.00 27.66 ?  342 ALA A N   1 
ATOM   297  C  CA  . ALA A 1 36  ? 2.289   8.935   -16.275 1.00 28.76 ?  342 ALA A CA  1 
ATOM   298  C  C   . ALA A 1 36  ? 3.569   8.115   -16.351 1.00 31.90 ?  342 ALA A C   1 
ATOM   299  O  O   . ALA A 1 36  ? 4.547   8.530   -16.970 1.00 35.36 ?  342 ALA A O   1 
ATOM   300  C  CB  . ALA A 1 36  ? 2.221   9.679   -14.947 1.00 26.56 ?  342 ALA A CB  1 
ATOM   301  N  N   . LEU A 1 37  ? 3.556   6.948   -15.716 1.00 31.43 ?  343 LEU A N   1 
ATOM   302  C  CA  . LEU A 1 37  ? 4.728   6.082   -15.689 1.00 27.97 ?  343 LEU A CA  1 
ATOM   303  C  C   . LEU A 1 37  ? 4.823   5.260   -16.972 1.00 32.07 ?  343 LEU A C   1 
ATOM   304  O  O   . LEU A 1 37  ? 5.811   4.562   -17.199 1.00 31.10 ?  343 LEU A O   1 
ATOM   305  C  CB  . LEU A 1 37  ? 4.686   5.165   -14.463 1.00 33.26 ?  343 LEU A CB  1 
ATOM   306  C  CG  . LEU A 1 37  ? 4.566   5.874   -13.109 1.00 21.05 ?  343 LEU A CG  1 
ATOM   307  C  CD1 . LEU A 1 37  ? 4.465   4.869   -11.969 1.00 28.14 ?  343 LEU A CD1 1 
ATOM   308  C  CD2 . LEU A 1 37  ? 5.729   6.829   -12.885 1.00 20.91 ?  343 LEU A CD2 1 
ATOM   309  N  N   . GLU A 1 38  ? 3.787   5.363   -17.803 1.00 33.70 ?  344 GLU A N   1 
ATOM   310  C  CA  . GLU A 1 38  ? 3.714   4.667   -19.089 1.00 33.26 ?  344 GLU A CA  1 
ATOM   311  C  C   . GLU A 1 38  ? 3.882   3.156   -18.930 1.00 32.29 ?  344 GLU A C   1 
ATOM   312  O  O   . GLU A 1 38  ? 4.704   2.534   -19.602 1.00 32.81 ?  344 GLU A O   1 
ATOM   313  C  CB  . GLU A 1 38  ? 4.759   5.225   -20.062 1.00 33.69 ?  344 GLU A CB  1 
ATOM   314  C  CG  . GLU A 1 38  ? 4.627   6.724   -20.312 1.00 42.85 ?  344 GLU A CG  1 
ATOM   315  C  CD  . GLU A 1 38  ? 5.592   7.236   -21.367 1.00 52.79 ?  344 GLU A CD  1 
ATOM   316  O  OE1 . GLU A 1 38  ? 5.218   7.245   -22.559 1.00 60.46 ?  344 GLU A OE1 1 
ATOM   317  O  OE2 . GLU A 1 38  ? 6.720   7.634   -21.005 1.00 55.78 -1 344 GLU A OE2 1 
ATOM   318  N  N   . LEU A 1 39  ? 3.090   2.579   -18.031 1.00 31.87 ?  345 LEU A N   1 
ATOM   319  C  CA  . LEU A 1 39  ? 3.096   1.140   -17.794 1.00 34.22 ?  345 LEU A CA  1 
ATOM   320  C  C   . LEU A 1 39  ? 1.915   0.494   -18.510 1.00 36.86 ?  345 LEU A C   1 
ATOM   321  O  O   . LEU A 1 39  ? 0.859   0.274   -17.916 1.00 36.44 ?  345 LEU A O   1 
ATOM   322  C  CB  . LEU A 1 39  ? 3.044   0.844   -16.294 1.00 34.33 ?  345 LEU A CB  1 
ATOM   323  C  CG  . LEU A 1 39  ? 4.058   1.606   -15.435 1.00 33.72 ?  345 LEU A CG  1 
ATOM   324  C  CD1 . LEU A 1 39  ? 3.867   1.298   -13.957 1.00 39.06 ?  345 LEU A CD1 1 
ATOM   325  C  CD2 . LEU A 1 39  ? 5.479   1.291   -15.873 1.00 29.56 ?  345 LEU A CD2 1 
ATOM   326  N  N   . HIS A 1 40  ? 2.104   0.189   -19.790 1.00 37.45 ?  346 HIS A N   1 
ATOM   327  C  CA  . HIS A 1 40  ? 1.012   -0.258  -20.654 1.00 37.50 ?  346 HIS A CA  1 
ATOM   328  C  C   . HIS A 1 40  ? 0.506   -1.661  -20.323 1.00 38.46 ?  346 HIS A C   1 
ATOM   329  O  O   . HIS A 1 40  ? -0.487  -2.117  -20.889 1.00 41.71 ?  346 HIS A O   1 
ATOM   330  C  CB  . HIS A 1 40  ? 1.452   -0.211  -22.118 1.00 38.54 ?  346 HIS A CB  1 
ATOM   331  C  CG  . HIS A 1 40  ? 2.212   1.027   -22.481 1.00 49.82 ?  346 HIS A CG  1 
ATOM   332  N  ND1 . HIS A 1 40  ? 1.680   2.294   -22.357 1.00 49.52 ?  346 HIS A ND1 1 
ATOM   333  C  CD2 . HIS A 1 40  ? 3.464   1.193   -22.969 1.00 48.37 ?  346 HIS A CD2 1 
ATOM   334  C  CE1 . HIS A 1 40  ? 2.572   3.185   -22.749 1.00 45.77 ?  346 HIS A CE1 1 
ATOM   335  N  NE2 . HIS A 1 40  ? 3.664   2.544   -23.127 1.00 52.45 ?  346 HIS A NE2 1 
ATOM   336  N  N   . ASP A 1 41  ? 1.185   -2.341  -19.406 1.00 38.22 ?  347 ASP A N   1 
ATOM   337  C  CA  . ASP A 1 41  ? 0.836   -3.717  -19.072 1.00 36.80 ?  347 ASP A CA  1 
ATOM   338  C  C   . ASP A 1 41  ? 0.461   -3.883  -17.601 1.00 31.39 ?  347 ASP A C   1 
ATOM   339  O  O   . ASP A 1 41  ? 0.240   -5.002  -17.139 1.00 34.82 ?  347 ASP A O   1 
ATOM   340  C  CB  . ASP A 1 41  ? 2.003   -4.645  -19.417 1.00 34.26 ?  347 ASP A CB  1 
ATOM   341  C  CG  . ASP A 1 41  ? 3.261   -4.315  -18.631 1.00 32.40 ?  347 ASP A CG  1 
ATOM   342  O  OD1 . ASP A 1 41  ? 3.426   -3.141  -18.232 1.00 33.95 ?  347 ASP A OD1 1 
ATOM   343  O  OD2 . ASP A 1 41  ? 4.086   -5.224  -18.409 1.00 30.87 -1 347 ASP A OD2 1 
ATOM   344  N  N   . TYR A 1 42  ? 0.389   -2.773  -16.872 1.00 24.21 ?  348 TYR A N   1 
ATOM   345  C  CA  . TYR A 1 42  ? 0.154   -2.821  -15.431 1.00 26.47 ?  348 TYR A CA  1 
ATOM   346  C  C   . TYR A 1 42  ? -1.215  -3.395  -15.075 1.00 29.47 ?  348 TYR A C   1 
ATOM   347  O  O   . TYR A 1 42  ? -1.337  -4.200  -14.152 1.00 31.56 ?  348 TYR A O   1 
ATOM   348  C  CB  . TYR A 1 42  ? 0.298   -1.427  -14.814 1.00 28.74 ?  348 TYR A CB  1 
ATOM   349  C  CG  . TYR A 1 42  ? 0.202   -1.424  -13.306 1.00 24.82 ?  348 TYR A CG  1 
ATOM   350  C  CD1 . TYR A 1 42  ? 1.298   -1.764  -12.524 1.00 22.90 ?  348 TYR A CD1 1 
ATOM   351  C  CD2 . TYR A 1 42  ? -0.985  -1.090  -12.662 1.00 23.42 ?  348 TYR A CD2 1 
ATOM   352  C  CE1 . TYR A 1 42  ? 1.218   -1.768  -11.144 1.00 22.68 ?  348 TYR A CE1 1 
ATOM   353  C  CE2 . TYR A 1 42  ? -1.075  -1.092  -11.282 1.00 26.23 ?  348 TYR A CE2 1 
ATOM   354  C  CZ  . TYR A 1 42  ? 0.029   -1.432  -10.528 1.00 28.51 ?  348 TYR A CZ  1 
ATOM   355  O  OH  . TYR A 1 42  ? -0.053  -1.436  -9.153  1.00 28.08 ?  348 TYR A OH  1 
ATOM   356  N  N   . HIS A 1 43  ? -2.240  -2.978  -15.810 1.00 29.11 ?  349 HIS A N   1 
ATOM   357  C  CA  . HIS A 1 43  ? -3.608  -3.404  -15.525 1.00 28.77 ?  349 HIS A CA  1 
ATOM   358  C  C   . HIS A 1 43  ? -3.914  -4.776  -16.119 1.00 31.15 ?  349 HIS A C   1 
ATOM   359  O  O   . HIS A 1 43  ? -4.936  -5.384  -15.804 1.00 37.69 ?  349 HIS A O   1 
ATOM   360  C  CB  . HIS A 1 43  ? -4.608  -2.368  -16.043 1.00 29.76 ?  349 HIS A CB  1 
ATOM   361  C  CG  . HIS A 1 43  ? -4.593  -1.080  -15.280 1.00 30.15 ?  349 HIS A CG  1 
ATOM   362  N  ND1 . HIS A 1 43  ? -5.140  -0.954  -14.021 1.00 25.13 ?  349 HIS A ND1 1 
ATOM   363  C  CD2 . HIS A 1 43  ? -4.100  0.140   -15.600 1.00 30.74 ?  349 HIS A CD2 1 
ATOM   364  C  CE1 . HIS A 1 43  ? -4.983  0.287   -13.597 1.00 27.91 ?  349 HIS A CE1 1 
ATOM   365  N  NE2 . HIS A 1 43  ? -4.355  0.972   -14.536 1.00 29.32 ?  349 HIS A NE2 1 
ATOM   366  N  N   . ASP A 1 44  ? -3.025  -5.253  -16.985 1.00 30.71 ?  350 ASP A N   1 
ATOM   367  C  CA  . ASP A 1 44  ? -3.133  -6.602  -17.528 1.00 37.40 ?  350 ASP A CA  1 
ATOM   368  C  C   . ASP A 1 44  ? -2.490  -7.596  -16.568 1.00 39.68 ?  350 ASP A C   1 
ATOM   369  O  O   . ASP A 1 44  ? -2.790  -8.791  -16.594 1.00 41.10 ?  350 ASP A O   1 
ATOM   370  C  CB  . ASP A 1 44  ? -2.472  -6.692  -18.903 1.00 37.09 ?  350 ASP A CB  1 
ATOM   371  C  CG  . ASP A 1 44  ? -3.184  -5.860  -19.949 1.00 50.45 ?  350 ASP A CG  1 
ATOM   372  O  OD1 . ASP A 1 44  ? -4.435  -5.831  -19.943 1.00 53.46 ?  350 ASP A OD1 1 
ATOM   373  O  OD2 . ASP A 1 44  ? -2.493  -5.234  -20.781 1.00 53.00 -1 350 ASP A OD2 1 
ATOM   374  N  N   . ILE A 1 45  ? -1.598  -7.087  -15.723 1.00 35.61 ?  351 ILE A N   1 
ATOM   375  C  CA  . ILE A 1 45  ? -0.887  -7.909  -14.753 1.00 30.35 ?  351 ILE A CA  1 
ATOM   376  C  C   . ILE A 1 45  ? -1.505  -7.767  -13.366 1.00 33.87 ?  351 ILE A C   1 
ATOM   377  O  O   . ILE A 1 45  ? -1.734  -8.759  -12.674 1.00 31.46 ?  351 ILE A O   1 
ATOM   378  C  CB  . ILE A 1 45  ? 0.608   -7.536  -14.698 1.00 24.73 ?  351 ILE A CB  1 
ATOM   379  C  CG1 . ILE A 1 45  ? 1.286   -7.892  -16.021 1.00 23.23 ?  351 ILE A CG1 1 
ATOM   380  C  CG2 . ILE A 1 45  ? 1.299   -8.241  -13.537 1.00 23.61 ?  351 ILE A CG2 1 
ATOM   381  C  CD1 . ILE A 1 45  ? 2.682   -7.344  -16.161 1.00 28.79 ?  351 ILE A CD1 1 
ATOM   382  N  N   . ILE A 1 46  ? -1.776  -6.529  -12.967 1.00 29.65 ?  352 ILE A N   1 
ATOM   383  C  CA  . ILE A 1 46  ? -2.445  -6.265  -11.698 1.00 28.03 ?  352 ILE A CA  1 
ATOM   384  C  C   . ILE A 1 46  ? -3.951  -6.156  -11.907 1.00 28.93 ?  352 ILE A C   1 
ATOM   385  O  O   . ILE A 1 46  ? -4.442  -5.172  -12.460 1.00 32.82 ?  352 ILE A O   1 
ATOM   386  C  CB  . ILE A 1 46  ? -1.929  -4.975  -11.036 1.00 27.04 ?  352 ILE A CB  1 
ATOM   387  C  CG1 . ILE A 1 46  ? -0.411  -5.039  -10.859 1.00 26.94 ?  352 ILE A CG1 1 
ATOM   388  C  CG2 . ILE A 1 46  ? -2.629  -4.741  -9.705  1.00 22.86 ?  352 ILE A CG2 1 
ATOM   389  C  CD1 . ILE A 1 46  ? 0.065   -6.263  -10.114 1.00 29.06 ?  352 ILE A CD1 1 
ATOM   390  N  N   . LYS A 1 47  ? -4.679  -7.173  -11.464 1.00 33.26 ?  353 LYS A N   1 
ATOM   391  C  CA  . LYS A 1 47  ? -6.121  -7.226  -11.667 1.00 32.32 ?  353 LYS A CA  1 
ATOM   392  C  C   . LYS A 1 47  ? -6.878  -6.418  -10.618 1.00 30.91 ?  353 LYS A C   1 
ATOM   393  O  O   . LYS A 1 47  ? -7.947  -5.869  -10.894 1.00 32.64 ?  353 LYS A O   1 
ATOM   394  C  CB  . LYS A 1 47  ? -6.601  -8.677  -11.655 1.00 30.17 ?  353 LYS A CB  1 
ATOM   395  C  CG  . LYS A 1 47  ? -6.041  -9.524  -12.785 1.00 37.30 ?  353 LYS A CG  1 
ATOM   396  C  CD  . LYS A 1 47  ? -6.403  -8.931  -14.134 1.00 43.90 ?  353 LYS A CD  1 
ATOM   397  C  CE  . LYS A 1 47  ? -5.889  -9.793  -15.272 1.00 57.70 ?  353 LYS A CE  1 
ATOM   398  N  NZ  . LYS A 1 47  ? -6.235  -9.220  -16.602 1.00 62.59 1  353 LYS A NZ  1 
ATOM   399  N  N   . HIS A 1 48  ? -6.325  -6.355  -9.413  1.00 30.82 ?  354 HIS A N   1 
ATOM   400  C  CA  . HIS A 1 48  ? -6.963  -5.624  -8.327  1.00 28.07 ?  354 HIS A CA  1 
ATOM   401  C  C   . HIS A 1 48  ? -5.995  -4.649  -7.663  1.00 25.86 ?  354 HIS A C   1 
ATOM   402  O  O   . HIS A 1 48  ? -5.414  -4.959  -6.624  1.00 24.02 ?  354 HIS A O   1 
ATOM   403  C  CB  . HIS A 1 48  ? -7.528  -6.596  -7.290  1.00 25.25 ?  354 HIS A CB  1 
ATOM   404  C  CG  . HIS A 1 48  ? -8.480  -7.601  -7.860  1.00 34.04 ?  354 HIS A CG  1 
ATOM   405  N  ND1 . HIS A 1 48  ? -9.797  -7.305  -8.138  1.00 32.28 ?  354 HIS A ND1 1 
ATOM   406  C  CD2 . HIS A 1 48  ? -8.305  -8.899  -8.205  1.00 39.91 ?  354 HIS A CD2 1 
ATOM   407  C  CE1 . HIS A 1 48  ? -10.392 -8.378  -8.630  1.00 38.38 ?  354 HIS A CE1 1 
ATOM   408  N  NE2 . HIS A 1 48  ? -9.508  -9.358  -8.681  1.00 42.96 ?  354 HIS A NE2 1 
ATOM   409  N  N   . PRO A 1 49  ? -5.822  -3.461  -8.267  1.00 29.17 ?  355 PRO A N   1 
ATOM   410  C  CA  . PRO A 1 49  ? -4.940  -2.412  -7.741  1.00 23.60 ?  355 PRO A CA  1 
ATOM   411  C  C   . PRO A 1 49  ? -5.355  -1.953  -6.346  1.00 21.24 ?  355 PRO A C   1 
ATOM   412  O  O   . PRO A 1 49  ? -6.531  -2.043  -5.992  1.00 21.09 ?  355 PRO A O   1 
ATOM   413  C  CB  . PRO A 1 49  ? -5.099  -1.275  -8.758  1.00 23.74 ?  355 PRO A CB  1 
ATOM   414  C  CG  . PRO A 1 49  ? -5.565  -1.944  -10.005 1.00 26.61 ?  355 PRO A CG  1 
ATOM   415  C  CD  . PRO A 1 49  ? -6.438  -3.069  -9.546  1.00 25.47 ?  355 PRO A CD  1 
ATOM   416  N  N   . MET A 1 50  ? -4.393  -1.465  -5.570  1.00 20.97 ?  356 MET A N   1 
ATOM   417  C  CA  . MET A 1 50  ? -4.658  -1.015  -4.210  1.00 18.16 ?  356 MET A CA  1 
ATOM   418  C  C   . MET A 1 50  ? -3.551  -0.086  -3.723  1.00 20.77 ?  356 MET A C   1 
ATOM   419  O  O   . MET A 1 50  ? -2.379  -0.282  -4.046  1.00 23.47 ?  356 MET A O   1 
ATOM   420  C  CB  . MET A 1 50  ? -4.803  -2.217  -3.270  1.00 23.37 ?  356 MET A CB  1 
ATOM   421  C  CG  . MET A 1 50  ? -5.176  -1.859  -1.839  1.00 23.54 ?  356 MET A CG  1 
ATOM   422  S  SD  . MET A 1 50  ? -6.723  -0.940  -1.723  1.00 30.25 ?  356 MET A SD  1 
ATOM   423  C  CE  . MET A 1 50  ? -7.848  -2.062  -2.551  1.00 19.38 ?  356 MET A CE  1 
ATOM   424  N  N   . ASP A 1 51  ? -3.931  0.928   -2.953  1.00 20.69 ?  357 ASP A N   1 
ATOM   425  C  CA  . ASP A 1 51  ? -2.973  1.882   -2.410  1.00 21.76 ?  357 ASP A CA  1 
ATOM   426  C  C   . ASP A 1 51  ? -3.478  2.459   -1.092  1.00 24.53 ?  357 ASP A C   1 
ATOM   427  O  O   . ASP A 1 51  ? -4.581  2.141   -0.650  1.00 25.42 ?  357 ASP A O   1 
ATOM   428  C  CB  . ASP A 1 51  ? -2.708  3.002   -3.411  1.00 24.08 ?  357 ASP A CB  1 
ATOM   429  C  CG  . ASP A 1 51  ? -3.932  3.855   -3.661  1.00 28.72 ?  357 ASP A CG  1 
ATOM   430  O  OD1 . ASP A 1 51  ? -4.803  3.437   -4.453  1.00 25.28 ?  357 ASP A OD1 1 
ATOM   431  O  OD2 . ASP A 1 51  ? -4.026  4.944   -3.058  1.00 25.60 -1 357 ASP A OD2 1 
ATOM   432  N  N   . LEU A 1 52  ? -2.670  3.314   -0.472  1.00 26.62 ?  358 LEU A N   1 
ATOM   433  C  CA  . LEU A 1 52  ? -2.981  3.845   0.852   1.00 22.82 ?  358 LEU A CA  1 
ATOM   434  C  C   . LEU A 1 52  ? -4.159  4.818   0.850   1.00 25.63 ?  358 LEU A C   1 
ATOM   435  O  O   . LEU A 1 52  ? -4.906  4.893   1.826   1.00 27.36 ?  358 LEU A O   1 
ATOM   436  C  CB  . LEU A 1 52  ? -1.748  4.525   1.448   1.00 19.73 ?  358 LEU A CB  1 
ATOM   437  C  CG  . LEU A 1 52  ? -0.582  3.601   1.807   1.00 24.83 ?  358 LEU A CG  1 
ATOM   438  C  CD1 . LEU A 1 52  ? 0.626   4.401   2.279   1.00 19.02 ?  358 LEU A CD1 1 
ATOM   439  C  CD2 . LEU A 1 52  ? -1.005  2.589   2.861   1.00 17.70 ?  358 LEU A CD2 1 
ATOM   440  N  N   . SER A 1 53  ? -4.322  5.566   -0.238  1.00 26.31 ?  359 SER A N   1 
ATOM   441  C  CA  . SER A 1 53  ? -5.425  6.517   -0.342  1.00 28.33 ?  359 SER A CA  1 
ATOM   442  C  C   . SER A 1 53  ? -6.753  5.783   -0.457  1.00 29.17 ?  359 SER A C   1 
ATOM   443  O  O   . SER A 1 53  ? -7.768  6.222   0.085   1.00 30.89 ?  359 SER A O   1 
ATOM   444  C  CB  . SER A 1 53  ? -5.239  7.448   -1.542  1.00 21.66 ?  359 SER A CB  1 
ATOM   445  O  OG  . SER A 1 53  ? -5.509  6.773   -2.759  1.00 27.75 ?  359 SER A OG  1 
ATOM   446  N  N   . THR A 1 54  ? -6.736  4.665   -1.175  1.00 23.42 ?  360 THR A N   1 
ATOM   447  C  CA  . THR A 1 54  ? -7.914  3.822   -1.307  1.00 26.90 ?  360 THR A CA  1 
ATOM   448  C  C   . THR A 1 54  ? -8.261  3.190   0.036   1.00 32.66 ?  360 THR A C   1 
ATOM   449  O  O   . THR A 1 54  ? -9.429  3.124   0.415   1.00 35.27 ?  360 THR A O   1 
ATOM   450  C  CB  . THR A 1 54  ? -7.709  2.714   -2.359  1.00 24.84 ?  360 THR A CB  1 
ATOM   451  O  OG1 . THR A 1 54  ? -7.334  3.302   -3.611  1.00 30.56 ?  360 THR A OG1 1 
ATOM   452  C  CG2 . THR A 1 54  ? -8.987  1.906   -2.545  1.00 22.04 ?  360 THR A CG2 1 
ATOM   453  N  N   . VAL A 1 55  ? -7.239  2.732   0.753   1.00 26.33 ?  361 VAL A N   1 
ATOM   454  C  CA  . VAL A 1 55  ? -7.428  2.135   2.070   1.00 28.26 ?  361 VAL A CA  1 
ATOM   455  C  C   . VAL A 1 55  ? -7.995  3.165   3.042   1.00 32.27 ?  361 VAL A C   1 
ATOM   456  O  O   . VAL A 1 55  ? -8.866  2.851   3.852   1.00 33.48 ?  361 VAL A O   1 
ATOM   457  C  CB  . VAL A 1 55  ? -6.109  1.557   2.625   1.00 22.37 ?  361 VAL A CB  1 
ATOM   458  C  CG1 . VAL A 1 55  ? -6.273  1.133   4.073   1.00 21.58 ?  361 VAL A CG1 1 
ATOM   459  C  CG2 . VAL A 1 55  ? -5.651  0.382   1.774   1.00 22.82 ?  361 VAL A CG2 1 
ATOM   460  N  N   . LYS A 1 56  ? -7.509  4.399   2.945   1.00 31.36 ?  362 LYS A N   1 
ATOM   461  C  CA  . LYS A 1 56  ? -8.027  5.485   3.771   1.00 35.20 ?  362 LYS A CA  1 
ATOM   462  C  C   . LYS A 1 56  ? -9.477  5.792   3.414   1.00 38.24 ?  362 LYS A C   1 
ATOM   463  O  O   . LYS A 1 56  ? -10.299 6.060   4.290   1.00 39.01 ?  362 LYS A O   1 
ATOM   464  C  CB  . LYS A 1 56  ? -7.173  6.746   3.617   1.00 33.66 ?  362 LYS A CB  1 
ATOM   465  C  CG  . LYS A 1 56  ? -7.751  7.960   4.330   1.00 35.47 ?  362 LYS A CG  1 
ATOM   466  C  CD  . LYS A 1 56  ? -6.944  9.214   4.059   1.00 45.47 ?  362 LYS A CD  1 
ATOM   467  C  CE  . LYS A 1 56  ? -7.705  10.452  4.499   1.00 53.95 ?  362 LYS A CE  1 
ATOM   468  N  NZ  . LYS A 1 56  ? -8.057  10.421  5.943   1.00 53.62 1  362 LYS A NZ  1 
ATOM   469  N  N   . ARG A 1 57  ? -9.777  5.749   2.121   1.00 36.31 ?  363 ARG A N   1 
ATOM   470  C  CA  . ARG A 1 57  ? -11.119 6.026   1.626   1.00 35.18 ?  363 ARG A CA  1 
ATOM   471  C  C   . ARG A 1 57  ? -12.119 5.026   2.196   1.00 42.41 ?  363 ARG A C   1 
ATOM   472  O  O   . ARG A 1 57  ? -13.166 5.407   2.720   1.00 46.00 ?  363 ARG A O   1 
ATOM   473  C  CB  . ARG A 1 57  ? -11.135 5.985   0.097   1.00 37.50 ?  363 ARG A CB  1 
ATOM   474  C  CG  . ARG A 1 57  ? -11.990 7.057   -0.557  1.00 33.42 ?  363 ARG A CG  1 
ATOM   475  C  CD  . ARG A 1 57  ? -13.106 6.443   -1.382  1.00 42.80 ?  363 ARG A CD  1 
ATOM   476  N  NE  . ARG A 1 57  ? -12.619 5.367   -2.238  1.00 45.19 ?  363 ARG A NE  1 
ATOM   477  C  CZ  . ARG A 1 57  ? -13.287 4.242   -2.470  1.00 52.80 ?  363 ARG A CZ  1 
ATOM   478  N  NH1 . ARG A 1 57  ? -14.471 4.050   -1.908  1.00 51.70 1  363 ARG A NH1 1 
ATOM   479  N  NH2 . ARG A 1 57  ? -12.771 3.311   -3.260  1.00 43.30 ?  363 ARG A NH2 1 
ATOM   480  N  N   . LYS A 1 58  ? -11.779 3.745   2.100   1.00 41.96 ?  364 LYS A N   1 
ATOM   481  C  CA  . LYS A 1 58  ? -12.647 2.675   2.581   1.00 38.26 ?  364 LYS A CA  1 
ATOM   482  C  C   . LYS A 1 58  ? -12.735 2.671   4.103   1.00 40.25 ?  364 LYS A C   1 
ATOM   483  O  O   . LYS A 1 58  ? -13.764 2.308   4.672   1.00 44.73 ?  364 LYS A O   1 
ATOM   484  C  CB  . LYS A 1 58  ? -12.147 1.321   2.072   1.00 36.58 ?  364 LYS A CB  1 
ATOM   485  C  CG  . LYS A 1 58  ? -12.018 1.260   0.558   1.00 35.67 ?  364 LYS A CG  1 
ATOM   486  C  CD  . LYS A 1 58  ? -11.383 -0.035  0.080   1.00 33.91 ?  364 LYS A CD  1 
ATOM   487  C  CE  . LYS A 1 58  ? -12.343 -1.203  0.196   1.00 38.19 ?  364 LYS A CE  1 
ATOM   488  N  NZ  . LYS A 1 58  ? -11.964 -2.299  -0.737  1.00 36.84 1  364 LYS A NZ  1 
ATOM   489  N  N   . MET A 1 59  ? -11.651 3.077   4.757   1.00 39.24 ?  365 MET A N   1 
ATOM   490  C  CA  . MET A 1 59  ? -11.628 3.165   6.211   1.00 34.34 ?  365 MET A CA  1 
ATOM   491  C  C   . MET A 1 59  ? -12.518 4.301   6.698   1.00 43.10 ?  365 MET A C   1 
ATOM   492  O  O   . MET A 1 59  ? -13.260 4.147   7.667   1.00 50.24 ?  365 MET A O   1 
ATOM   493  C  CB  . MET A 1 59  ? -10.198 3.362   6.720   1.00 32.72 ?  365 MET A CB  1 
ATOM   494  C  CG  . MET A 1 59  ? -10.087 3.504   8.231   1.00 39.66 ?  365 MET A CG  1 
ATOM   495  S  SD  . MET A 1 59  ? -10.589 2.021   9.126   1.00 50.93 ?  365 MET A SD  1 
ATOM   496  C  CE  . MET A 1 59  ? -9.341  0.860   8.579   1.00 36.52 ?  365 MET A CE  1 
ATOM   497  N  N   . ASP A 1 60  ? -12.438 5.445   6.023   1.00 46.23 ?  366 ASP A N   1 
ATOM   498  C  CA  . ASP A 1 60  ? -13.280 6.588   6.360   1.00 45.27 ?  366 ASP A CA  1 
ATOM   499  C  C   . ASP A 1 60  ? -14.746 6.294   6.060   1.00 45.15 ?  366 ASP A C   1 
ATOM   500  O  O   . ASP A 1 60  ? -15.640 6.753   6.770   1.00 49.02 ?  366 ASP A O   1 
ATOM   501  C  CB  . ASP A 1 60  ? -12.829 7.837   5.597   1.00 47.66 ?  366 ASP A CB  1 
ATOM   502  C  CG  . ASP A 1 60  ? -11.477 8.348   6.059   1.00 43.57 ?  366 ASP A CG  1 
ATOM   503  O  OD1 . ASP A 1 60  ? -11.070 8.025   7.195   1.00 40.83 ?  366 ASP A OD1 1 
ATOM   504  O  OD2 . ASP A 1 60  ? -10.824 9.080   5.284   1.00 43.26 -1 366 ASP A OD2 1 
ATOM   505  N  N   . GLY A 1 61  ? -14.985 5.521   5.004   1.00 45.89 ?  367 GLY A N   1 
ATOM   506  C  CA  . GLY A 1 61  ? -16.334 5.174   4.597   1.00 46.29 ?  367 GLY A CA  1 
ATOM   507  C  C   . GLY A 1 61  ? -16.857 3.928   5.286   1.00 46.61 ?  367 GLY A C   1 
ATOM   508  O  O   . GLY A 1 61  ? -17.942 3.444   4.964   1.00 42.66 ?  367 GLY A O   1 
ATOM   509  N  N   . ARG A 1 62  ? -16.074 3.413   6.233   1.00 46.52 ?  368 ARG A N   1 
ATOM   510  C  CA  . ARG A 1 62  ? -16.440 2.240   7.029   1.00 44.60 ?  368 ARG A CA  1 
ATOM   511  C  C   . ARG A 1 62  ? -16.784 1.030   6.160   1.00 43.69 ?  368 ARG A C   1 
ATOM   512  O  O   . ARG A 1 62  ? -17.822 0.397   6.351   1.00 47.74 ?  368 ARG A O   1 
ATOM   513  C  CB  . ARG A 1 62  ? -17.618 2.559   7.958   1.00 39.92 ?  368 ARG A CB  1 
ATOM   514  C  CG  . ARG A 1 62  ? -17.528 3.897   8.690   1.00 42.74 ?  368 ARG A CG  1 
ATOM   515  C  CD  . ARG A 1 62  ? -16.222 4.053   9.459   1.00 49.39 ?  368 ARG A CD  1 
ATOM   516  N  NE  . ARG A 1 62  ? -16.349 5.014   10.552  1.00 56.99 ?  368 ARG A NE  1 
ATOM   517  C  CZ  . ARG A 1 62  ? -15.361 5.784   10.997  1.00 53.09 ?  368 ARG A CZ  1 
ATOM   518  N  NH1 . ARG A 1 62  ? -14.159 5.719   10.437  1.00 47.12 1  368 ARG A NH1 1 
ATOM   519  N  NH2 . ARG A 1 62  ? -15.576 6.623   12.001  1.00 60.65 ?  368 ARG A NH2 1 
ATOM   520  N  N   . GLU A 1 63  ? -15.911 0.709   5.209   1.00 43.11 ?  369 GLU A N   1 
ATOM   521  C  CA  . GLU A 1 63  ? -16.167 -0.392  4.283   1.00 37.42 ?  369 GLU A CA  1 
ATOM   522  C  C   . GLU A 1 63  ? -15.506 -1.692  4.725   1.00 34.64 ?  369 GLU A C   1 
ATOM   523  O  O   . GLU A 1 63  ? -15.603 -2.709  4.040   1.00 37.50 ?  369 GLU A O   1 
ATOM   524  C  CB  . GLU A 1 63  ? -15.690 -0.030  2.874   1.00 42.31 ?  369 GLU A CB  1 
ATOM   525  C  CG  . GLU A 1 63  ? -16.418 1.145   2.256   1.00 44.43 ?  369 GLU A CG  1 
ATOM   526  C  CD  . GLU A 1 63  ? -16.128 1.292   0.777   1.00 54.95 ?  369 GLU A CD  1 
ATOM   527  O  OE1 . GLU A 1 63  ? -15.949 0.256   0.101   1.00 50.90 ?  369 GLU A OE1 1 
ATOM   528  O  OE2 . GLU A 1 63  ? -16.077 2.443   0.293   1.00 52.40 -1 369 GLU A OE2 1 
ATOM   529  N  N   . TYR A 1 64  ? -14.836 -1.654  5.871   1.00 31.17 ?  370 TYR A N   1 
ATOM   530  C  CA  . TYR A 1 64  ? -14.132 -2.825  6.378   1.00 35.56 ?  370 TYR A CA  1 
ATOM   531  C  C   . TYR A 1 64  ? -14.923 -3.524  7.480   1.00 39.82 ?  370 TYR A C   1 
ATOM   532  O  O   . TYR A 1 64  ? -15.210 -2.928  8.520   1.00 37.01 ?  370 TYR A O   1 
ATOM   533  C  CB  . TYR A 1 64  ? -12.744 -2.429  6.886   1.00 33.22 ?  370 TYR A CB  1 
ATOM   534  C  CG  . TYR A 1 64  ? -11.765 -2.095  5.781   1.00 35.54 ?  370 TYR A CG  1 
ATOM   535  C  CD1 . TYR A 1 64  ? -11.688 -2.876  4.636   1.00 26.91 ?  370 TYR A CD1 1 
ATOM   536  C  CD2 . TYR A 1 64  ? -10.921 -0.997  5.881   1.00 31.26 ?  370 TYR A CD2 1 
ATOM   537  C  CE1 . TYR A 1 64  ? -10.794 -2.577  3.623   1.00 25.26 ?  370 TYR A CE1 1 
ATOM   538  C  CE2 . TYR A 1 64  ? -10.025 -0.689  4.873   1.00 33.64 ?  370 TYR A CE2 1 
ATOM   539  C  CZ  . TYR A 1 64  ? -9.966  -1.481  3.747   1.00 32.97 ?  370 TYR A CZ  1 
ATOM   540  O  OH  . TYR A 1 64  ? -9.077  -1.181  2.740   1.00 29.51 ?  370 TYR A OH  1 
ATOM   541  N  N   . PRO A 1 65  ? -15.284 -4.795  7.248   1.00 39.64 ?  371 PRO A N   1 
ATOM   542  C  CA  . PRO A 1 65  ? -16.030 -5.603  8.219   1.00 33.19 ?  371 PRO A CA  1 
ATOM   543  C  C   . PRO A 1 65  ? -15.215 -5.887  9.476   1.00 39.15 ?  371 PRO A C   1 
ATOM   544  O  O   . PRO A 1 65  ? -15.759 -5.875  10.580  1.00 38.55 ?  371 PRO A O   1 
ATOM   545  C  CB  . PRO A 1 65  ? -16.322 -6.895  7.451   1.00 33.86 ?  371 PRO A CB  1 
ATOM   546  C  CG  . PRO A 1 65  ? -15.253 -6.968  6.411   1.00 34.61 ?  371 PRO A CG  1 
ATOM   547  C  CD  . PRO A 1 65  ? -14.990 -5.545  6.014   1.00 34.51 ?  371 PRO A CD  1 
ATOM   548  N  N   . ASP A 1 66  ? -13.922 -6.137  9.300   1.00 38.28 ?  372 ASP A N   1 
ATOM   549  C  CA  . ASP A 1 66  ? -13.039 -6.447  10.418  1.00 39.59 ?  372 ASP A CA  1 
ATOM   550  C  C   . ASP A 1 66  ? -11.600 -6.040  10.115  1.00 39.21 ?  372 ASP A C   1 
ATOM   551  O  O   . ASP A 1 66  ? -11.324 -5.447  9.074   1.00 38.96 ?  372 ASP A O   1 
ATOM   552  C  CB  . ASP A 1 66  ? -13.109 -7.939  10.757  1.00 40.52 ?  372 ASP A CB  1 
ATOM   553  C  CG  . ASP A 1 66  ? -13.104 -8.820  9.523   1.00 44.04 ?  372 ASP A CG  1 
ATOM   554  O  OD1 . ASP A 1 66  ? -12.545 -8.403  8.486   1.00 38.86 ?  372 ASP A OD1 1 
ATOM   555  O  OD2 . ASP A 1 66  ? -13.662 -9.934  9.593   1.00 50.20 -1 372 ASP A OD2 1 
ATOM   556  N  N   . ALA A 1 67  ? -10.691 -6.359  11.032  1.00 36.48 ?  373 ALA A N   1 
ATOM   557  C  CA  . ALA A 1 67  ? -9.281  -6.026  10.861  1.00 32.27 ?  373 ALA A CA  1 
ATOM   558  C  C   . ALA A 1 67  ? -8.651  -6.868  9.758   1.00 34.26 ?  373 ALA A C   1 
ATOM   559  O  O   . ALA A 1 67  ? -7.693  -6.444  9.109   1.00 39.18 ?  373 ALA A O   1 
ATOM   560  C  CB  . ALA A 1 67  ? -8.528  -6.216  12.171  1.00 33.24 ?  373 ALA A CB  1 
ATOM   561  N  N   . GLN A 1 68  ? -9.199  -8.062  9.549   1.00 34.64 ?  374 GLN A N   1 
ATOM   562  C  CA  . GLN A 1 68  ? -8.707  -8.974  8.523   1.00 34.37 ?  374 GLN A CA  1 
ATOM   563  C  C   . GLN A 1 68  ? -8.947  -8.415  7.124   1.00 31.36 ?  374 GLN A C   1 
ATOM   564  O  O   . GLN A 1 68  ? -8.168  -8.661  6.203   1.00 25.90 ?  374 GLN A O   1 
ATOM   565  C  CB  . GLN A 1 68  ? -9.368  -10.349 8.659   1.00 37.70 ?  374 GLN A CB  1 
ATOM   566  C  CG  . GLN A 1 68  ? -9.008  -11.098 9.935   1.00 48.93 ?  374 GLN A CG  1 
ATOM   567  C  CD  . GLN A 1 68  ? -9.917  -10.752 11.098  1.00 51.10 ?  374 GLN A CD  1 
ATOM   568  O  OE1 . GLN A 1 68  ? -11.134 -10.663 10.945  1.00 52.79 ?  374 GLN A OE1 1 
ATOM   569  N  NE2 . GLN A 1 68  ? -9.327  -10.557 12.271  1.00 46.70 ?  374 GLN A NE2 1 
ATOM   570  N  N   . GLY A 1 69  ? -10.034 -7.665  6.971   1.00 32.41 ?  375 GLY A N   1 
ATOM   571  C  CA  . GLY A 1 69  ? -10.346 -7.026  5.706   1.00 25.64 ?  375 GLY A CA  1 
ATOM   572  C  C   . GLY A 1 69  ? -9.379  -5.896  5.415   1.00 24.82 ?  375 GLY A C   1 
ATOM   573  O  O   . GLY A 1 69  ? -9.000  -5.666  4.267   1.00 19.49 ?  375 GLY A O   1 
ATOM   574  N  N   . PHE A 1 70  ? -8.980  -5.192  6.471   1.00 27.74 ?  376 PHE A N   1 
ATOM   575  C  CA  . PHE A 1 70  ? -8.014  -4.106  6.360   1.00 29.70 ?  376 PHE A CA  1 
ATOM   576  C  C   . PHE A 1 70  ? -6.644  -4.632  5.953   1.00 31.82 ?  376 PHE A C   1 
ATOM   577  O  O   . PHE A 1 70  ? -6.022  -4.119  5.022   1.00 26.47 ?  376 PHE A O   1 
ATOM   578  C  CB  . PHE A 1 70  ? -7.918  -3.343  7.685   1.00 29.95 ?  376 PHE A CB  1 
ATOM   579  C  CG  . PHE A 1 70  ? -6.721  -2.436  7.786   1.00 28.23 ?  376 PHE A CG  1 
ATOM   580  C  CD1 . PHE A 1 70  ? -6.731  -1.184  7.195   1.00 28.92 ?  376 PHE A CD1 1 
ATOM   581  C  CD2 . PHE A 1 70  ? -5.593  -2.829  8.488   1.00 28.37 ?  376 PHE A CD2 1 
ATOM   582  C  CE1 . PHE A 1 70  ? -5.635  -0.347  7.292   1.00 30.27 ?  376 PHE A CE1 1 
ATOM   583  C  CE2 . PHE A 1 70  ? -4.494  -1.994  8.590   1.00 26.03 ?  376 PHE A CE2 1 
ATOM   584  C  CZ  . PHE A 1 70  ? -4.517  -0.753  7.991   1.00 28.91 ?  376 PHE A CZ  1 
ATOM   585  N  N   . ALA A 1 71  ? -6.182  -5.659  6.658   1.00 25.39 ?  377 ALA A N   1 
ATOM   586  C  CA  . ALA A 1 71  ? -4.876  -6.253  6.402   1.00 24.34 ?  377 ALA A CA  1 
ATOM   587  C  C   . ALA A 1 71  ? -4.797  -6.857  5.004   1.00 22.10 ?  377 ALA A C   1 
ATOM   588  O  O   . ALA A 1 71  ? -3.740  -6.845  4.376   1.00 27.18 ?  377 ALA A O   1 
ATOM   589  C  CB  . ALA A 1 71  ? -4.563  -7.309  7.452   1.00 24.60 ?  377 ALA A CB  1 
ATOM   590  N  N   . ALA A 1 72  ? -5.920  -7.386  4.526   1.00 20.73 ?  378 ALA A N   1 
ATOM   591  C  CA  . ALA A 1 72  ? -5.977  -8.011  3.211   1.00 19.05 ?  378 ALA A CA  1 
ATOM   592  C  C   . ALA A 1 72  ? -5.675  -7.007  2.105   1.00 20.68 ?  378 ALA A C   1 
ATOM   593  O  O   . ALA A 1 72  ? -4.955  -7.319  1.158   1.00 23.43 ?  378 ALA A O   1 
ATOM   594  C  CB  . ALA A 1 72  ? -7.340  -8.654  2.987   1.00 15.55 ?  378 ALA A CB  1 
ATOM   595  N  N   . ASP A 1 73  ? -6.233  -5.806  2.225   1.00 21.08 ?  379 ASP A N   1 
ATOM   596  C  CA  . ASP A 1 73  ? -6.005  -4.751  1.242   1.00 21.81 ?  379 ASP A CA  1 
ATOM   597  C  C   . ASP A 1 73  ? -4.574  -4.234  1.298   1.00 20.14 ?  379 ASP A C   1 
ATOM   598  O  O   . ASP A 1 73  ? -3.935  -4.045  0.264   1.00 20.37 ?  379 ASP A O   1 
ATOM   599  C  CB  . ASP A 1 73  ? -6.986  -3.594  1.454   1.00 24.68 ?  379 ASP A CB  1 
ATOM   600  C  CG  . ASP A 1 73  ? -8.293  -3.793  0.712   1.00 29.43 ?  379 ASP A CG  1 
ATOM   601  O  OD1 . ASP A 1 73  ? -8.322  -4.609  -0.232  1.00 26.85 ?  379 ASP A OD1 1 
ATOM   602  O  OD2 . ASP A 1 73  ? -9.285  -3.125  1.069   1.00 33.38 -1 379 ASP A OD2 1 
ATOM   603  N  N   . VAL A 1 74  ? -4.080  -4.006  2.510   1.00 19.36 ?  380 VAL A N   1 
ATOM   604  C  CA  . VAL A 1 74  ? -2.719  -3.518  2.709   1.00 19.25 ?  380 VAL A CA  1 
ATOM   605  C  C   . VAL A 1 74  ? -1.698  -4.496  2.131   1.00 24.11 ?  380 VAL A C   1 
ATOM   606  O  O   . VAL A 1 74  ? -0.702  -4.090  1.531   1.00 22.84 ?  380 VAL A O   1 
ATOM   607  C  CB  . VAL A 1 74  ? -2.420  -3.280  4.207   1.00 24.77 ?  380 VAL A CB  1 
ATOM   608  C  CG1 . VAL A 1 74  ? -0.972  -2.854  4.408   1.00 20.67 ?  380 VAL A CG1 1 
ATOM   609  C  CG2 . VAL A 1 74  ? -3.368  -2.234  4.776   1.00 20.87 ?  380 VAL A CG2 1 
ATOM   610  N  N   . ARG A 1 75  ? -1.960  -5.787  2.301   1.00 21.32 ?  381 ARG A N   1 
ATOM   611  C  CA  . ARG A 1 75  ? -1.078  -6.818  1.769   1.00 22.29 ?  381 ARG A CA  1 
ATOM   612  C  C   . ARG A 1 75  ? -1.256  -6.980  0.264   1.00 19.89 ?  381 ARG A C   1 
ATOM   613  O  O   . ARG A 1 75  ? -0.309  -7.320  -0.445  1.00 19.89 ?  381 ARG A O   1 
ATOM   614  C  CB  . ARG A 1 75  ? -1.322  -8.152  2.475   1.00 20.78 ?  381 ARG A CB  1 
ATOM   615  C  CG  . ARG A 1 75  ? -0.880  -8.164  3.926   1.00 23.18 ?  381 ARG A CG  1 
ATOM   616  C  CD  . ARG A 1 75  ? -0.796  -9.583  4.454   1.00 19.83 ?  381 ARG A CD  1 
ATOM   617  N  NE  . ARG A 1 75  ? -0.360  -9.630  5.846   1.00 18.90 ?  381 ARG A NE  1 
ATOM   618  C  CZ  . ARG A 1 75  ? -1.170  -9.853  6.877   1.00 21.14 ?  381 ARG A CZ  1 
ATOM   619  N  NH1 . ARG A 1 75  ? -2.464  -10.055 6.676   1.00 23.32 1  381 ARG A NH1 1 
ATOM   620  N  NH2 . ARG A 1 75  ? -0.682  -9.878  8.110   1.00 24.27 ?  381 ARG A NH2 1 
ATOM   621  N  N   . LEU A 1 76  ? -2.473  -6.742  -0.218  1.00 22.54 ?  382 LEU A N   1 
ATOM   622  C  CA  . LEU A 1 76  ? -2.745  -6.762  -1.651  1.00 20.58 ?  382 LEU A CA  1 
ATOM   623  C  C   . LEU A 1 76  ? -1.912  -5.697  -2.352  1.00 16.83 ?  382 LEU A C   1 
ATOM   624  O  O   . LEU A 1 76  ? -1.395  -5.915  -3.449  1.00 15.63 ?  382 LEU A O   1 
ATOM   625  C  CB  . LEU A 1 76  ? -4.233  -6.537  -1.924  1.00 17.23 ?  382 LEU A CB  1 
ATOM   626  C  CG  . LEU A 1 76  ? -4.635  -6.331  -3.387  1.00 21.33 ?  382 LEU A CG  1 
ATOM   627  C  CD1 . LEU A 1 76  ? -4.269  -7.545  -4.228  1.00 17.11 ?  382 LEU A CD1 1 
ATOM   628  C  CD2 . LEU A 1 76  ? -6.119  -6.020  -3.505  1.00 17.00 ?  382 LEU A CD2 1 
ATOM   629  N  N   . MET A 1 77  ? -1.788  -4.546  -1.700  1.00 19.60 ?  383 MET A N   1 
ATOM   630  C  CA  . MET A 1 77  ? -0.976  -3.443  -2.198  1.00 18.77 ?  383 MET A CA  1 
ATOM   631  C  C   . MET A 1 77  ? 0.482   -3.858  -2.366  1.00 19.42 ?  383 MET A C   1 
ATOM   632  O  O   . MET A 1 77  ? 1.100   -3.597  -3.399  1.00 17.61 ?  383 MET A O   1 
ATOM   633  C  CB  . MET A 1 77  ? -1.078  -2.251  -1.247  1.00 21.51 ?  383 MET A CB  1 
ATOM   634  C  CG  . MET A 1 77  ? -0.266  -1.038  -1.664  1.00 22.33 ?  383 MET A CG  1 
ATOM   635  S  SD  . MET A 1 77  ? -0.318  0.271   -0.427  1.00 23.40 ?  383 MET A SD  1 
ATOM   636  C  CE  . MET A 1 77  ? 0.535   -0.517  0.935   1.00 15.25 ?  383 MET A CE  1 
ATOM   637  N  N   . PHE A 1 78  ? 1.024   -4.506  -1.340  1.00 20.05 ?  384 PHE A N   1 
ATOM   638  C  CA  . PHE A 1 78  ? 2.401   -4.981  -1.365  1.00 16.40 ?  384 PHE A CA  1 
ATOM   639  C  C   . PHE A 1 78  ? 2.575   -6.121  -2.362  1.00 18.87 ?  384 PHE A C   1 
ATOM   640  O  O   . PHE A 1 78  ? 3.592   -6.203  -3.052  1.00 22.31 ?  384 PHE A O   1 
ATOM   641  C  CB  . PHE A 1 78  ? 2.836   -5.434  0.028   1.00 15.44 ?  384 PHE A CB  1 
ATOM   642  C  CG  . PHE A 1 78  ? 2.940   -4.314  1.023   1.00 14.79 ?  384 PHE A CG  1 
ATOM   643  C  CD1 . PHE A 1 78  ? 3.605   -3.143  0.700   1.00 17.78 ?  384 PHE A CD1 1 
ATOM   644  C  CD2 . PHE A 1 78  ? 2.365   -4.428  2.277   1.00 17.38 ?  384 PHE A CD2 1 
ATOM   645  C  CE1 . PHE A 1 78  ? 3.701   -2.109  1.615   1.00 19.47 ?  384 PHE A CE1 1 
ATOM   646  C  CE2 . PHE A 1 78  ? 2.456   -3.398  3.194   1.00 16.13 ?  384 PHE A CE2 1 
ATOM   647  C  CZ  . PHE A 1 78  ? 3.125   -2.237  2.863   1.00 19.47 ?  384 PHE A CZ  1 
ATOM   648  N  N   . SER A 1 79  ? 1.576   -6.997  -2.433  1.00 18.46 ?  385 SER A N   1 
ATOM   649  C  CA  . SER A 1 79  ? 1.614   -8.141  -3.339  1.00 17.08 ?  385 SER A CA  1 
ATOM   650  C  C   . SER A 1 79  ? 1.691   -7.697  -4.795  1.00 19.50 ?  385 SER A C   1 
ATOM   651  O  O   . SER A 1 79  ? 2.453   -8.256  -5.583  1.00 24.40 ?  385 SER A O   1 
ATOM   652  C  CB  . SER A 1 79  ? 0.388   -9.028  -3.124  1.00 17.56 ?  385 SER A CB  1 
ATOM   653  O  OG  . SER A 1 79  ? 0.335   -9.501  -1.789  1.00 33.98 ?  385 SER A OG  1 
ATOM   654  N  N   . ASN A 1 80  ? 0.898   -6.687  -5.141  1.00 19.40 ?  386 ASN A N   1 
ATOM   655  C  CA  . ASN A 1 80  ? 0.900   -6.128  -6.488  1.00 20.22 ?  386 ASN A CA  1 
ATOM   656  C  C   . ASN A 1 80  ? 2.261   -5.550  -6.856  1.00 22.56 ?  386 ASN A C   1 
ATOM   657  O  O   . ASN A 1 80  ? 2.718   -5.691  -7.990  1.00 26.18 ?  386 ASN A O   1 
ATOM   658  C  CB  . ASN A 1 80  ? -0.175  -5.050  -6.621  1.00 19.53 ?  386 ASN A CB  1 
ATOM   659  C  CG  . ASN A 1 80  ? -1.578  -5.606  -6.487  1.00 21.50 ?  386 ASN A CG  1 
ATOM   660  O  OD1 . ASN A 1 80  ? -1.850  -6.738  -6.890  1.00 27.26 ?  386 ASN A OD1 1 
ATOM   661  N  ND2 . ASN A 1 80  ? -2.479  -4.811  -5.923  1.00 20.10 ?  386 ASN A ND2 1 
ATOM   662  N  N   . CYS A 1 81  ? 2.904   -4.905  -5.887  1.00 20.22 ?  387 CYS A N   1 
ATOM   663  C  CA  . CYS A 1 81  ? 4.223   -4.315  -6.095  1.00 17.27 ?  387 CYS A CA  1 
ATOM   664  C  C   . CYS A 1 81  ? 5.270   -5.395  -6.351  1.00 22.82 ?  387 CYS A C   1 
ATOM   665  O  O   . CYS A 1 81  ? 6.103   -5.264  -7.248  1.00 25.35 ?  387 CYS A O   1 
ATOM   666  C  CB  . CYS A 1 81  ? 4.622   -3.463  -4.887  1.00 18.25 ?  387 CYS A CB  1 
ATOM   667  S  SG  . CYS A 1 81  ? 6.163   -2.536  -5.096  1.00 19.92 ?  387 CYS A SG  1 
ATOM   668  N  N   . TYR A 1 82  ? 5.217   -6.462  -5.560  1.00 17.51 ?  388 TYR A N   1 
ATOM   669  C  CA  . TYR A 1 82  ? 6.133   -7.584  -5.724  1.00 18.45 ?  388 TYR A CA  1 
ATOM   670  C  C   . TYR A 1 82  ? 5.880   -8.308  -7.042  1.00 20.65 ?  388 TYR A C   1 
ATOM   671  O  O   . TYR A 1 82  ? 6.812   -8.793  -7.684  1.00 27.93 ?  388 TYR A O   1 
ATOM   672  C  CB  . TYR A 1 82  ? 5.998   -8.573  -4.561  1.00 23.31 ?  388 TYR A CB  1 
ATOM   673  C  CG  . TYR A 1 82  ? 6.216   -7.976  -3.191  1.00 22.56 ?  388 TYR A CG  1 
ATOM   674  C  CD1 . TYR A 1 82  ? 7.121   -6.941  -2.996  1.00 15.81 ?  388 TYR A CD1 1 
ATOM   675  C  CD2 . TYR A 1 82  ? 5.515   -8.449  -2.089  1.00 15.68 ?  388 TYR A CD2 1 
ATOM   676  C  CE1 . TYR A 1 82  ? 7.321   -6.396  -1.742  1.00 15.29 ?  388 TYR A CE1 1 
ATOM   677  C  CE2 . TYR A 1 82  ? 5.708   -7.908  -0.832  1.00 17.29 ?  388 TYR A CE2 1 
ATOM   678  C  CZ  . TYR A 1 82  ? 6.611   -6.883  -0.665  1.00 17.11 ?  388 TYR A CZ  1 
ATOM   679  O  OH  . TYR A 1 82  ? 6.808   -6.342  0.585   1.00 19.03 ?  388 TYR A OH  1 
ATOM   680  N  N   . LYS A 1 83  ? 4.614   -8.376  -7.438  1.00 24.30 ?  389 LYS A N   1 
ATOM   681  C  CA  . LYS A 1 83  ? 4.225   -9.128  -8.626  1.00 25.23 ?  389 LYS A CA  1 
ATOM   682  C  C   . LYS A 1 83  ? 4.614   -8.419  -9.920  1.00 26.13 ?  389 LYS A C   1 
ATOM   683  O  O   . LYS A 1 83  ? 5.101   -9.051  -10.857 1.00 28.68 ?  389 LYS A O   1 
ATOM   684  C  CB  . LYS A 1 83  ? 2.716   -9.396  -8.616  1.00 19.87 ?  389 LYS A CB  1 
ATOM   685  C  CG  . LYS A 1 83  ? 2.217   -10.192 -9.815  1.00 18.71 ?  389 LYS A CG  1 
ATOM   686  C  CD  . LYS A 1 83  ? 0.784   -10.664 -9.613  1.00 30.40 ?  389 LYS A CD  1 
ATOM   687  C  CE  . LYS A 1 83  ? 0.332   -11.546 -10.767 1.00 46.14 ?  389 LYS A CE  1 
ATOM   688  N  NZ  . LYS A 1 83  ? -0.992  -12.181 -10.513 1.00 51.75 1  389 LYS A NZ  1 
ATOM   689  N  N   . TYR A 1 84  ? 4.400   -7.108  -9.970  1.00 19.49 ?  390 TYR A N   1 
ATOM   690  C  CA  . TYR A 1 84  ? 4.633   -6.356  -11.197 1.00 22.51 ?  390 TYR A CA  1 
ATOM   691  C  C   . TYR A 1 84  ? 6.105   -6.031  -11.428 1.00 19.34 ?  390 TYR A C   1 
ATOM   692  O  O   . TYR A 1 84  ? 6.624   -6.220  -12.527 1.00 22.52 ?  390 TYR A O   1 
ATOM   693  C  CB  . TYR A 1 84  ? 3.821   -5.059  -11.193 1.00 18.61 ?  390 TYR A CB  1 
ATOM   694  C  CG  . TYR A 1 84  ? 4.005   -4.250  -12.455 1.00 22.55 ?  390 TYR A CG  1 
ATOM   695  C  CD1 . TYR A 1 84  ? 3.430   -4.659  -13.649 1.00 25.12 ?  390 TYR A CD1 1 
ATOM   696  C  CD2 . TYR A 1 84  ? 4.761   -3.086  -12.456 1.00 20.12 ?  390 TYR A CD2 1 
ATOM   697  C  CE1 . TYR A 1 84  ? 3.597   -3.931  -14.806 1.00 25.10 ?  390 TYR A CE1 1 
ATOM   698  C  CE2 . TYR A 1 84  ? 4.933   -2.349  -13.612 1.00 24.74 ?  390 TYR A CE2 1 
ATOM   699  C  CZ  . TYR A 1 84  ? 4.348   -2.777  -14.784 1.00 30.99 ?  390 TYR A CZ  1 
ATOM   700  O  OH  . TYR A 1 84  ? 4.512   -2.053  -15.942 1.00 33.50 ?  390 TYR A OH  1 
ATOM   701  N  N   . ASN A 1 85  ? 6.770   -5.537  -10.390 1.00 20.32 ?  391 ASN A N   1 
ATOM   702  C  CA  . ASN A 1 85  ? 8.145   -5.068  -10.515 1.00 24.54 ?  391 ASN A CA  1 
ATOM   703  C  C   . ASN A 1 85  ? 9.177   -6.178  -10.339 1.00 24.23 ?  391 ASN A C   1 
ATOM   704  O  O   . ASN A 1 85  ? 8.945   -7.132  -9.595  1.00 30.38 ?  391 ASN A O   1 
ATOM   705  C  CB  . ASN A 1 85  ? 8.411   -3.952  -9.499  1.00 23.56 ?  391 ASN A CB  1 
ATOM   706  C  CG  . ASN A 1 85  ? 7.468   -2.777  -9.665  1.00 22.59 ?  391 ASN A CG  1 
ATOM   707  O  OD1 . ASN A 1 85  ? 7.675   -1.915  -10.520 1.00 21.44 ?  391 ASN A OD1 1 
ATOM   708  N  ND2 . ASN A 1 85  ? 6.429   -2.733  -8.841  1.00 17.33 ?  391 ASN A ND2 1 
ATOM   709  N  N   . PRO A 1 86  ? 10.322  -6.055  -11.032 1.00 19.52 ?  392 PRO A N   1 
ATOM   710  C  CA  . PRO A 1 86  ? 11.438  -6.991  -10.855 1.00 23.94 ?  392 PRO A CA  1 
ATOM   711  C  C   . PRO A 1 86  ? 11.953  -6.985  -9.418  1.00 22.37 ?  392 PRO A C   1 
ATOM   712  O  O   . PRO A 1 86  ? 11.901  -5.943  -8.762  1.00 20.38 ?  392 PRO A O   1 
ATOM   713  C  CB  . PRO A 1 86  ? 12.501  -6.466  -11.829 1.00 20.99 ?  392 PRO A CB  1 
ATOM   714  C  CG  . PRO A 1 86  ? 12.110  -5.048  -12.110 1.00 22.06 ?  392 PRO A CG  1 
ATOM   715  C  CD  . PRO A 1 86  ? 10.616  -5.036  -12.054 1.00 18.08 ?  392 PRO A CD  1 
ATOM   716  N  N   . PRO A 1 87  ? 12.438  -8.139  -8.934  1.00 25.43 ?  393 PRO A N   1 
ATOM   717  C  CA  . PRO A 1 87  ? 12.882  -8.317  -7.545  1.00 21.10 ?  393 PRO A CA  1 
ATOM   718  C  C   . PRO A 1 87  ? 13.970  -7.336  -7.108  1.00 22.07 ?  393 PRO A C   1 
ATOM   719  O  O   . PRO A 1 87  ? 14.111  -7.083  -5.911  1.00 22.93 ?  393 PRO A O   1 
ATOM   720  C  CB  . PRO A 1 87  ? 13.423  -9.750  -7.533  1.00 21.99 ?  393 PRO A CB  1 
ATOM   721  C  CG  . PRO A 1 87  ? 12.695  -10.435 -8.635  1.00 25.76 ?  393 PRO A CG  1 
ATOM   722  C  CD  . PRO A 1 87  ? 12.528  -9.394  -9.703  1.00 23.66 ?  393 PRO A CD  1 
ATOM   723  N  N   . ASP A 1 88  ? 14.721  -6.796  -8.062  1.00 21.15 ?  394 ASP A N   1 
ATOM   724  C  CA  . ASP A 1 88  ? 15.848  -5.924  -7.746  1.00 25.38 ?  394 ASP A CA  1 
ATOM   725  C  C   . ASP A 1 88  ? 15.465  -4.448  -7.741  1.00 21.27 ?  394 ASP A C   1 
ATOM   726  O  O   . ASP A 1 88  ? 16.288  -3.592  -7.416  1.00 22.52 ?  394 ASP A O   1 
ATOM   727  C  CB  . ASP A 1 88  ? 16.986  -6.154  -8.740  1.00 24.83 ?  394 ASP A CB  1 
ATOM   728  C  CG  . ASP A 1 88  ? 16.672  -5.612  -10.119 1.00 42.24 ?  394 ASP A CG  1 
ATOM   729  O  OD1 . ASP A 1 88  ? 15.859  -6.234  -10.835 1.00 38.43 ?  394 ASP A OD1 1 
ATOM   730  O  OD2 . ASP A 1 88  ? 17.243  -4.565  -10.489 1.00 46.55 -1 394 ASP A OD2 1 
ATOM   731  N  N   . HIS A 1 89  ? 14.218  -4.155  -8.094  1.00 23.49 ?  395 HIS A N   1 
ATOM   732  C  CA  . HIS A 1 89  ? 13.749  -2.776  -8.180  1.00 20.95 ?  395 HIS A CA  1 
ATOM   733  C  C   . HIS A 1 89  ? 13.699  -2.115  -6.803  1.00 20.71 ?  395 HIS A C   1 
ATOM   734  O  O   . HIS A 1 89  ? 13.373  -2.758  -5.805  1.00 24.70 ?  395 HIS A O   1 
ATOM   735  C  CB  . HIS A 1 89  ? 12.370  -2.723  -8.843  1.00 21.20 ?  395 HIS A CB  1 
ATOM   736  C  CG  . HIS A 1 89  ? 12.033  -1.390  -9.438  1.00 23.16 ?  395 HIS A CG  1 
ATOM   737  N  ND1 . HIS A 1 89  ? 11.856  -0.255  -8.677  1.00 21.59 ?  395 HIS A ND1 1 
ATOM   738  C  CD2 . HIS A 1 89  ? 11.833  -1.014  -10.725 1.00 20.52 ?  395 HIS A CD2 1 
ATOM   739  C  CE1 . HIS A 1 89  ? 11.566  0.763   -9.467  1.00 21.79 ?  395 HIS A CE1 1 
ATOM   740  N  NE2 . HIS A 1 89  ? 11.546  0.330   -10.715 1.00 22.55 ?  395 HIS A NE2 1 
ATOM   741  N  N   . GLU A 1 90  ? 14.027  -0.829  -6.763  1.00 19.01 ?  396 GLU A N   1 
ATOM   742  C  CA  . GLU A 1 90  ? 14.049  -0.066  -5.520  1.00 19.69 ?  396 GLU A CA  1 
ATOM   743  C  C   . GLU A 1 90  ? 12.666  0.052   -4.891  1.00 22.27 ?  396 GLU A C   1 
ATOM   744  O  O   . GLU A 1 90  ? 12.538  0.122   -3.668  1.00 21.87 ?  396 GLU A O   1 
ATOM   745  C  CB  . GLU A 1 90  ? 14.639  1.327   -5.771  1.00 18.96 ?  396 GLU A CB  1 
ATOM   746  C  CG  . GLU A 1 90  ? 14.436  2.346   -4.651  1.00 36.82 ?  396 GLU A CG  1 
ATOM   747  C  CD  . GLU A 1 90  ? 15.180  1.998   -3.376  1.00 38.69 ?  396 GLU A CD  1 
ATOM   748  O  OE1 . GLU A 1 90  ? 16.033  1.084   -3.400  1.00 43.80 ?  396 GLU A OE1 1 
ATOM   749  O  OE2 . GLU A 1 90  ? 14.908  2.649   -2.345  1.00 37.61 -1 396 GLU A OE2 1 
ATOM   750  N  N   . VAL A 1 91  ? 11.631  0.071   -5.726  1.00 19.79 ?  397 VAL A N   1 
ATOM   751  C  CA  . VAL A 1 91  ? 10.262  0.182   -5.237  1.00 20.86 ?  397 VAL A CA  1 
ATOM   752  C  C   . VAL A 1 91  ? 9.868   -1.076  -4.462  1.00 17.77 ?  397 VAL A C   1 
ATOM   753  O  O   . VAL A 1 91  ? 8.983   -1.037  -3.607  1.00 17.33 ?  397 VAL A O   1 
ATOM   754  C  CB  . VAL A 1 91  ? 9.263   0.426   -6.395  1.00 22.58 ?  397 VAL A CB  1 
ATOM   755  C  CG1 . VAL A 1 91  ? 9.010   -0.857  -7.176  1.00 20.52 ?  397 VAL A CG1 1 
ATOM   756  C  CG2 . VAL A 1 91  ? 7.958   0.994   -5.863  1.00 19.16 ?  397 VAL A CG2 1 
ATOM   757  N  N   . VAL A 1 92  ? 10.536  -2.186  -4.757  1.00 20.65 ?  398 VAL A N   1 
ATOM   758  C  CA  . VAL A 1 92  ? 10.314  -3.428  -4.029  1.00 23.34 ?  398 VAL A CA  1 
ATOM   759  C  C   . VAL A 1 92  ? 10.955  -3.328  -2.649  1.00 20.70 ?  398 VAL A C   1 
ATOM   760  O  O   . VAL A 1 92  ? 10.375  -3.751  -1.648  1.00 18.79 ?  398 VAL A O   1 
ATOM   761  C  CB  . VAL A 1 92  ? 10.881  -4.644  -4.787  1.00 23.82 ?  398 VAL A CB  1 
ATOM   762  C  CG1 . VAL A 1 92  ? 10.920  -5.873  -3.893  1.00 18.96 ?  398 VAL A CG1 1 
ATOM   763  C  CG2 . VAL A 1 92  ? 10.064  -4.913  -6.042  1.00 17.18 ?  398 VAL A CG2 1 
ATOM   764  N  N   . ALA A 1 93  ? 12.152  -2.749  -2.604  1.00 20.28 ?  399 ALA A N   1 
ATOM   765  C  CA  . ALA A 1 93  ? 12.857  -2.529  -1.346  1.00 17.22 ?  399 ALA A CA  1 
ATOM   766  C  C   . ALA A 1 93  ? 12.070  -1.573  -0.454  1.00 19.62 ?  399 ALA A C   1 
ATOM   767  O  O   . ALA A 1 93  ? 12.057  -1.717  0.768   1.00 21.52 ?  399 ALA A O   1 
ATOM   768  C  CB  . ALA A 1 93  ? 14.255  -1.989  -1.606  1.00 18.90 ?  399 ALA A CB  1 
ATOM   769  N  N   . MET A 1 94  ? 11.418  -0.598  -1.080  1.00 20.92 ?  400 MET A N   1 
ATOM   770  C  CA  . MET A 1 94  ? 10.565  0.346   -0.369  1.00 19.47 ?  400 MET A CA  1 
ATOM   771  C  C   . MET A 1 94  ? 9.347   -0.354  0.218   1.00 15.10 ?  400 MET A C   1 
ATOM   772  O  O   . MET A 1 94  ? 8.981   -0.124  1.371   1.00 16.70 ?  400 MET A O   1 
ATOM   773  C  CB  . MET A 1 94  ? 10.119  1.473   -1.303  1.00 19.10 ?  400 MET A CB  1 
ATOM   774  C  CG  . MET A 1 94  ? 11.215  2.459   -1.661  1.00 17.66 ?  400 MET A CG  1 
ATOM   775  S  SD  . MET A 1 94  ? 10.713  3.592   -2.967  1.00 26.81 ?  400 MET A SD  1 
ATOM   776  C  CE  . MET A 1 94  ? 11.932  4.889   -2.773  1.00 26.90 ?  400 MET A CE  1 
ATOM   777  N  N   . ALA A 1 95  ? 8.725   -1.209  -0.588  1.00 16.70 ?  401 ALA A N   1 
ATOM   778  C  CA  . ALA A 1 95  ? 7.550   -1.960  -0.167  1.00 17.43 ?  401 ALA A CA  1 
ATOM   779  C  C   . ALA A 1 95  ? 7.866   -2.857  1.023   1.00 20.15 ?  401 ALA A C   1 
ATOM   780  O  O   . ALA A 1 95  ? 7.059   -2.995  1.942   1.00 21.97 ?  401 ALA A O   1 
ATOM   781  C  CB  . ALA A 1 95  ? 7.011   -2.790  -1.324  1.00 14.80 ?  401 ALA A CB  1 
ATOM   782  N  N   . ARG A 1 96  ? 9.049   -3.461  0.997   1.00 18.67 ?  402 ARG A N   1 
ATOM   783  C  CA  . ARG A 1 96  ? 9.468   -4.385  2.043   1.00 21.08 ?  402 ARG A CA  1 
ATOM   784  C  C   . ARG A 1 96  ? 9.694   -3.681  3.375   1.00 16.20 ?  402 ARG A C   1 
ATOM   785  O  O   . ARG A 1 96  ? 9.345   -4.213  4.427   1.00 23.88 ?  402 ARG A O   1 
ATOM   786  C  CB  . ARG A 1 96  ? 10.738  -5.127  1.617   1.00 22.90 ?  402 ARG A CB  1 
ATOM   787  C  CG  . ARG A 1 96  ? 10.466  -6.450  0.921   1.00 25.37 ?  402 ARG A CG  1 
ATOM   788  C  CD  . ARG A 1 96  ? 11.711  -7.014  0.260   1.00 29.79 ?  402 ARG A CD  1 
ATOM   789  N  NE  . ARG A 1 96  ? 11.460  -8.333  -0.318  1.00 37.08 ?  402 ARG A NE  1 
ATOM   790  C  CZ  . ARG A 1 96  ? 12.251  -8.926  -1.206  1.00 37.70 ?  402 ARG A CZ  1 
ATOM   791  N  NH1 . ARG A 1 96  ? 13.348  -8.315  -1.632  1.00 38.07 1  402 ARG A NH1 1 
ATOM   792  N  NH2 . ARG A 1 96  ? 11.941  -10.129 -1.673  1.00 40.05 ?  402 ARG A NH2 1 
ATOM   793  N  N   . LYS A 1 97  ? 10.274  -2.486  3.330   1.00 16.11 ?  403 LYS A N   1 
ATOM   794  C  CA  . LYS A 1 97  ? 10.524  -1.736  4.554   1.00 22.59 ?  403 LYS A CA  1 
ATOM   795  C  C   . LYS A 1 97  ? 9.221   -1.194  5.128   1.00 22.46 ?  403 LYS A C   1 
ATOM   796  O  O   . LYS A 1 97  ? 9.049   -1.135  6.345   1.00 25.43 ?  403 LYS A O   1 
ATOM   797  C  CB  . LYS A 1 97  ? 11.514  -0.594  4.307   1.00 19.49 ?  403 LYS A CB  1 
ATOM   798  C  CG  . LYS A 1 97  ? 11.967  0.100   5.585   1.00 25.55 ?  403 LYS A CG  1 
ATOM   799  C  CD  . LYS A 1 97  ? 13.239  0.905   5.375   1.00 41.12 ?  403 LYS A CD  1 
ATOM   800  C  CE  . LYS A 1 97  ? 13.826  1.353   6.704   1.00 46.55 ?  403 LYS A CE  1 
ATOM   801  N  NZ  . LYS A 1 97  ? 15.122  2.070   6.540   1.00 54.40 1  403 LYS A NZ  1 
ATOM   802  N  N   . LEU A 1 98  ? 8.299   -0.805  4.253   1.00 17.98 ?  404 LEU A N   1 
ATOM   803  C  CA  . LEU A 1 98  ? 7.000   -0.317  4.702   1.00 19.69 ?  404 LEU A CA  1 
ATOM   804  C  C   . LEU A 1 98  ? 6.149   -1.460  5.249   1.00 23.21 ?  404 LEU A C   1 
ATOM   805  O  O   . LEU A 1 98  ? 5.405   -1.283  6.214   1.00 25.04 ?  404 LEU A O   1 
ATOM   806  C  CB  . LEU A 1 98  ? 6.259   0.397   3.569   1.00 20.72 ?  404 LEU A CB  1 
ATOM   807  C  CG  . LEU A 1 98  ? 4.925   1.040   3.957   1.00 16.45 ?  404 LEU A CG  1 
ATOM   808  C  CD1 . LEU A 1 98  ? 5.120   2.041   5.087   1.00 20.03 ?  404 LEU A CD1 1 
ATOM   809  C  CD2 . LEU A 1 98  ? 4.262   1.704   2.758   1.00 17.85 ?  404 LEU A CD2 1 
ATOM   810  N  N   . GLN A 1 99  ? 6.264   -2.634  4.633   1.00 19.19 ?  405 GLN A N   1 
ATOM   811  C  CA  . GLN A 1 99  ? 5.518   -3.803  5.088   1.00 19.59 ?  405 GLN A CA  1 
ATOM   812  C  C   . GLN A 1 99  ? 6.048   -4.283  6.436   1.00 22.37 ?  405 GLN A C   1 
ATOM   813  O  O   . GLN A 1 99  ? 5.300   -4.833  7.243   1.00 22.25 ?  405 GLN A O   1 
ATOM   814  C  CB  . GLN A 1 99  ? 5.583   -4.933  4.056   1.00 17.91 ?  405 GLN A CB  1 
ATOM   815  C  CG  . GLN A 1 99  ? 4.672   -6.114  4.372   1.00 16.44 ?  405 GLN A CG  1 
ATOM   816  C  CD  . GLN A 1 99  ? 4.587   -7.115  3.237   1.00 19.65 ?  405 GLN A CD  1 
ATOM   817  O  OE1 . GLN A 1 99  ? 5.376   -7.074  2.294   1.00 22.15 ?  405 GLN A OE1 1 
ATOM   818  N  NE2 . GLN A 1 99  ? 3.618   -8.022  3.320   1.00 18.60 ?  405 GLN A NE2 1 
ATOM   819  N  N   . ASP A 1 100 ? 7.340   -4.071  6.673   1.00 20.40 ?  406 ASP A N   1 
ATOM   820  C  CA  . ASP A 1 100 ? 7.931   -4.364  7.976   1.00 24.87 ?  406 ASP A CA  1 
ATOM   821  C  C   . ASP A 1 100 ? 7.236   -3.551  9.059   1.00 26.17 ?  406 ASP A C   1 
ATOM   822  O  O   . ASP A 1 100 ? 6.928   -4.061  10.135  1.00 29.91 ?  406 ASP A O   1 
ATOM   823  C  CB  . ASP A 1 100 ? 9.433   -4.067  7.980   1.00 29.20 ?  406 ASP A CB  1 
ATOM   824  C  CG  . ASP A 1 100 ? 10.230  -5.061  7.156   1.00 30.75 ?  406 ASP A CG  1 
ATOM   825  O  OD1 . ASP A 1 100 ? 9.679   -6.126  6.808   1.00 37.15 ?  406 ASP A OD1 1 
ATOM   826  O  OD2 . ASP A 1 100 ? 11.410  -4.778  6.860   1.00 34.29 -1 406 ASP A OD2 1 
ATOM   827  N  N   . VAL A 1 101 ? 6.990   -2.280  8.754   1.00 25.76 ?  407 VAL A N   1 
ATOM   828  C  CA  . VAL A 1 101 ? 6.288   -1.385  9.664   1.00 25.06 ?  407 VAL A CA  1 
ATOM   829  C  C   . VAL A 1 101 ? 4.859   -1.863  9.901   1.00 25.37 ?  407 VAL A C   1 
ATOM   830  O  O   . VAL A 1 101 ? 4.389   -1.893  11.037  1.00 26.51 ?  407 VAL A O   1 
ATOM   831  C  CB  . VAL A 1 101 ? 6.257   0.060   9.123   1.00 26.89 ?  407 VAL A CB  1 
ATOM   832  C  CG1 . VAL A 1 101 ? 5.441   0.958   10.039  1.00 21.90 ?  407 VAL A CG1 1 
ATOM   833  C  CG2 . VAL A 1 101 ? 7.672   0.598   8.962   1.00 21.04 ?  407 VAL A CG2 1 
ATOM   834  N  N   . PHE A 1 102 ? 4.174   -2.246  8.826   1.00 24.54 ?  408 PHE A N   1 
ATOM   835  C  CA  . PHE A 1 102 ? 2.782   -2.679  8.924   1.00 23.89 ?  408 PHE A CA  1 
ATOM   836  C  C   . PHE A 1 102 ? 2.622   -3.955  9.743   1.00 21.83 ?  408 PHE A C   1 
ATOM   837  O  O   . PHE A 1 102 ? 1.835   -3.997  10.688  1.00 22.75 ?  408 PHE A O   1 
ATOM   838  C  CB  . PHE A 1 102 ? 2.184   -2.892  7.533   1.00 18.44 ?  408 PHE A CB  1 
ATOM   839  C  CG  . PHE A 1 102 ? 0.890   -3.658  7.543   1.00 21.87 ?  408 PHE A CG  1 
ATOM   840  C  CD1 . PHE A 1 102 ? -0.284  -3.057  7.967   1.00 23.15 ?  408 PHE A CD1 1 
ATOM   841  C  CD2 . PHE A 1 102 ? 0.846   -4.982  7.131   1.00 23.87 ?  408 PHE A CD2 1 
ATOM   842  C  CE1 . PHE A 1 102 ? -1.475  -3.759  7.980   1.00 25.60 ?  408 PHE A CE1 1 
ATOM   843  C  CE2 . PHE A 1 102 ? -0.341  -5.689  7.142   1.00 25.47 ?  408 PHE A CE2 1 
ATOM   844  C  CZ  . PHE A 1 102 ? -1.502  -5.077  7.568   1.00 24.70 ?  408 PHE A CZ  1 
ATOM   845  N  N   . GLU A 1 103 ? 3.360   -4.994  9.367   1.00 22.24 ?  409 GLU A N   1 
ATOM   846  C  CA  . GLU A 1 103 ? 3.247   -6.293  10.022  1.00 20.11 ?  409 GLU A CA  1 
ATOM   847  C  C   . GLU A 1 103 ? 3.605   -6.210  11.504  1.00 22.24 ?  409 GLU A C   1 
ATOM   848  O  O   . GLU A 1 103 ? 3.023   -6.909  12.331  1.00 24.05 ?  409 GLU A O   1 
ATOM   849  C  CB  . GLU A 1 103 ? 4.139   -7.323  9.323   1.00 15.55 ?  409 GLU A CB  1 
ATOM   850  C  CG  . GLU A 1 103 ? 3.822   -7.555  7.848   1.00 15.59 ?  409 GLU A CG  1 
ATOM   851  C  CD  . GLU A 1 103 ? 2.530   -8.321  7.624   1.00 22.70 ?  409 GLU A CD  1 
ATOM   852  O  OE1 . GLU A 1 103 ? 1.939   -8.810  8.610   1.00 25.70 ?  409 GLU A OE1 1 
ATOM   853  O  OE2 . GLU A 1 103 ? 2.107   -8.436  6.455   1.00 23.48 -1 409 GLU A OE2 1 
ATOM   854  N  N   . MET A 1 104 ? 4.559   -5.345  11.833  1.00 22.85 ?  410 MET A N   1 
ATOM   855  C  CA  . MET A 1 104 ? 4.990   -5.170  13.216  1.00 24.58 ?  410 MET A CA  1 
ATOM   856  C  C   . MET A 1 104 ? 3.911   -4.494  14.056  1.00 26.26 ?  410 MET A C   1 
ATOM   857  O  O   . MET A 1 104 ? 3.667   -4.884  15.197  1.00 34.30 ?  410 MET A O   1 
ATOM   858  C  CB  . MET A 1 104 ? 6.285   -4.356  13.274  1.00 24.21 ?  410 MET A CB  1 
ATOM   859  C  CG  . MET A 1 104 ? 6.798   -4.101  14.683  1.00 38.87 ?  410 MET A CG  1 
ATOM   860  S  SD  . MET A 1 104 ? 7.092   -5.631  15.592  1.00 50.14 ?  410 MET A SD  1 
ATOM   861  C  CE  . MET A 1 104 ? 8.302   -6.426  14.541  1.00 25.73 ?  410 MET A CE  1 
ATOM   862  N  N   . ARG A 1 105 ? 3.275   -3.476  13.486  1.00 24.23 ?  411 ARG A N   1 
ATOM   863  C  CA  . ARG A 1 105 ? 2.174   -2.788  14.152  1.00 26.29 ?  411 ARG A CA  1 
ATOM   864  C  C   . ARG A 1 105 ? 0.958   -3.702  14.286  1.00 27.38 ?  411 ARG A C   1 
ATOM   865  O  O   . ARG A 1 105 ? 0.338   -3.774  15.346  1.00 31.17 ?  411 ARG A O   1 
ATOM   866  C  CB  . ARG A 1 105 ? 1.782   -1.523  13.386  1.00 25.52 ?  411 ARG A CB  1 
ATOM   867  C  CG  . ARG A 1 105 ? 2.844   -0.436  13.347  1.00 29.22 ?  411 ARG A CG  1 
ATOM   868  C  CD  . ARG A 1 105 ? 3.122   0.128   14.727  1.00 31.75 ?  411 ARG A CD  1 
ATOM   869  N  NE  . ARG A 1 105 ? 4.058   1.247   14.674  1.00 41.64 ?  411 ARG A NE  1 
ATOM   870  C  CZ  . ARG A 1 105 ? 5.379   1.112   14.620  1.00 54.22 ?  411 ARG A CZ  1 
ATOM   871  N  NH1 . ARG A 1 105 ? 5.921   -0.098  14.606  1.00 48.25 1  411 ARG A NH1 1 
ATOM   872  N  NH2 . ARG A 1 105 ? 6.158   2.186   14.579  1.00 55.89 ?  411 ARG A NH2 1 
ATOM   873  N  N   . PHE A 1 106 ? 0.629   -4.397  13.201  1.00 23.09 ?  412 PHE A N   1 
ATOM   874  C  CA  . PHE A 1 106 ? -0.573  -5.224  13.139  1.00 20.52 ?  412 PHE A CA  1 
ATOM   875  C  C   . PHE A 1 106 ? -0.513  -6.404  14.104  1.00 25.22 ?  412 PHE A C   1 
ATOM   876  O  O   . PHE A 1 106 ? -1.528  -6.801  14.675  1.00 29.54 ?  412 PHE A O   1 
ATOM   877  C  CB  . PHE A 1 106 ? -0.794  -5.726  11.710  1.00 20.57 ?  412 PHE A CB  1 
ATOM   878  C  CG  . PHE A 1 106 ? -2.115  -6.407  11.502  1.00 22.48 ?  412 PHE A CG  1 
ATOM   879  C  CD1 . PHE A 1 106 ? -3.298  -5.688  11.563  1.00 28.14 ?  412 PHE A CD1 1 
ATOM   880  C  CD2 . PHE A 1 106 ? -2.176  -7.764  11.235  1.00 19.97 ?  412 PHE A CD2 1 
ATOM   881  C  CE1 . PHE A 1 106 ? -4.517  -6.311  11.367  1.00 31.14 ?  412 PHE A CE1 1 
ATOM   882  C  CE2 . PHE A 1 106 ? -3.391  -8.392  11.038  1.00 23.98 ?  412 PHE A CE2 1 
ATOM   883  C  CZ  . PHE A 1 106 ? -4.562  -7.665  11.104  1.00 28.85 ?  412 PHE A CZ  1 
ATOM   884  N  N   . ALA A 1 107 ? 0.682   -6.955  14.283  1.00 23.77 ?  413 ALA A N   1 
ATOM   885  C  CA  . ALA A 1 107 ? 0.869   -8.102  15.161  1.00 25.70 ?  413 ALA A CA  1 
ATOM   886  C  C   . ALA A 1 107 ? 0.689   -7.717  16.627  1.00 30.03 ?  413 ALA A C   1 
ATOM   887  O  O   . ALA A 1 107 ? 0.212   -8.517  17.433  1.00 35.57 ?  413 ALA A O   1 
ATOM   888  C  CB  . ALA A 1 107 ? 2.242   -8.718  14.942  1.00 18.99 ?  413 ALA A CB  1 
ATOM   889  N  N   . LYS A 1 108 ? 1.068   -6.489  16.966  1.00 31.54 ?  414 LYS A N   1 
ATOM   890  C  CA  . LYS A 1 108 ? 0.975   -6.019  18.344  1.00 27.82 ?  414 LYS A CA  1 
ATOM   891  C  C   . LYS A 1 108 ? -0.360  -5.337  18.631  1.00 27.43 ?  414 LYS A C   1 
ATOM   892  O  O   . LYS A 1 108 ? -0.473  -4.548  19.568  1.00 30.74 ?  414 LYS A O   1 
ATOM   893  C  CB  . LYS A 1 108 ? 2.125   -5.062  18.663  1.00 28.65 ?  414 LYS A CB  1 
ATOM   894  C  CG  . LYS A 1 108 ? 3.497   -5.718  18.644  1.00 32.36 ?  414 LYS A CG  1 
ATOM   895  C  CD  . LYS A 1 108 ? 4.579   -4.745  19.076  1.00 34.48 ?  414 LYS A CD  1 
ATOM   896  C  CE  . LYS A 1 108 ? 5.950   -5.396  19.041  1.00 27.51 ?  414 LYS A CE  1 
ATOM   897  N  NZ  . LYS A 1 108 ? 6.025   -6.580  19.942  1.00 34.48 1  414 LYS A NZ  1 
ATOM   898  N  N   . MET A 1 109 ? -1.368  -5.648  17.823  1.00 28.02 ?  415 MET A N   1 
ATOM   899  C  CA  . MET A 1 109 ? -2.711  -5.122  18.035  1.00 29.11 ?  415 MET A CA  1 
ATOM   900  C  C   . MET A 1 109 ? -3.360  -5.785  19.245  1.00 38.62 ?  415 MET A C   1 
ATOM   901  O  O   . MET A 1 109 ? -3.494  -7.007  19.287  1.00 40.34 ?  415 MET A O   1 
ATOM   902  C  CB  . MET A 1 109 ? -3.574  -5.334  16.789  1.00 32.42 ?  415 MET A CB  1 
ATOM   903  C  CG  . MET A 1 109 ? -5.012  -4.863  16.942  1.00 38.95 ?  415 MET A CG  1 
ATOM   904  S  SD  . MET A 1 109 ? -6.017  -5.184  15.478  1.00 41.51 ?  415 MET A SD  1 
ATOM   905  C  CE  . MET A 1 109 ? -5.952  -6.973  15.406  1.00 41.37 ?  415 MET A CE  1 
ATOM   906  N  N   . PRO A 1 110 ? -3.761  -4.976  20.238  1.00 46.78 ?  416 PRO A N   1 
ATOM   907  C  CA  . PRO A 1 110 ? -4.412  -5.486  21.449  1.00 46.51 ?  416 PRO A CA  1 
ATOM   908  C  C   . PRO A 1 110 ? -5.759  -6.136  21.151  1.00 51.89 ?  416 PRO A C   1 
ATOM   909  O  O   . PRO A 1 110 ? -6.546  -5.621  20.357  1.00 51.90 ?  416 PRO A O   1 
ATOM   910  C  CB  . PRO A 1 110 ? -4.596  -4.229  22.310  1.00 43.45 ?  416 PRO A CB  1 
ATOM   911  C  CG  . PRO A 1 110 ? -3.623  -3.238  21.762  1.00 48.61 ?  416 PRO A CG  1 
ATOM   912  C  CD  . PRO A 1 110 ? -3.550  -3.521  20.297  1.00 41.72 ?  416 PRO A CD  1 
ATOM   913  O  OXT . PRO A 1 110 ? -6.095  -7.188  21.696  1.00 54.42 -1 416 PRO A OXT 1 
ATOM   914  N  N   . ALA B 2 1   ? 10.023  -4.469  -22.438 1.00 43.87 ?  15  ALA B N   1 
ATOM   915  C  CA  . ALA B 2 1   ? 9.113   -4.590  -21.305 1.00 54.52 ?  15  ALA B CA  1 
ATOM   916  C  C   . ALA B 2 1   ? 9.172   -3.348  -20.423 1.00 54.96 ?  15  ALA B C   1 
ATOM   917  O  O   . ALA B 2 1   ? 10.254  -2.899  -20.046 1.00 51.77 ?  15  ALA B O   1 
ATOM   918  C  CB  . ALA B 2 1   ? 9.439   -5.832  -20.496 1.00 44.34 ?  15  ALA B CB  1 
ATOM   919  N  N   . PRO B 2 2   ? 7.998   -2.788  -20.093 1.00 44.59 ?  16  PRO B N   1 
ATOM   920  C  CA  . PRO B 2 2   ? 7.881   -1.560  -19.298 1.00 43.54 ?  16  PRO B CA  1 
ATOM   921  C  C   . PRO B 2 2   ? 8.413   -1.703  -17.874 1.00 43.53 ?  16  PRO B C   1 
ATOM   922  O  O   . PRO B 2 2   ? 8.058   -2.648  -17.169 1.00 36.26 ?  16  PRO B O   1 
ATOM   923  C  CB  . PRO B 2 2   ? 6.371   -1.295  -19.282 1.00 36.74 ?  16  PRO B CB  1 
ATOM   924  C  CG  . PRO B 2 2   ? 5.832   -2.049  -20.447 1.00 38.11 ?  16  PRO B CG  1 
ATOM   925  C  CD  . PRO B 2 2   ? 6.683   -3.273  -20.544 1.00 33.17 ?  16  PRO B CD  1 
ATOM   926  N  N   . ARG B 2 3   ? 9.256   -0.761  -17.463 1.00 34.61 ?  17  ARG B N   1 
ATOM   927  C  CA  . ARG B 2 3   ? 9.763   -0.714  -16.097 1.00 36.22 ?  17  ARG B CA  1 
ATOM   928  C  C   . ARG B 2 3   ? 9.425   0.635   -15.474 1.00 37.90 ?  17  ARG B C   1 
ATOM   929  O  O   . ARG B 2 3   ? 9.695   1.681   -16.066 1.00 41.64 ?  17  ARG B O   1 
ATOM   930  C  CB  . ARG B 2 3   ? 11.274  -0.951  -16.069 1.00 39.65 ?  17  ARG B CB  1 
ATOM   931  C  CG  . ARG B 2 3   ? 11.904  -0.826  -14.691 1.00 37.25 ?  17  ARG B CG  1 
ATOM   932  C  CD  . ARG B 2 3   ? 13.421  -0.911  -14.774 1.00 37.39 ?  17  ARG B CD  1 
ATOM   933  N  NE  . ARG B 2 3   ? 13.946  -2.134  -14.173 1.00 38.79 ?  17  ARG B NE  1 
ATOM   934  C  CZ  . ARG B 2 3   ? 14.522  -2.191  -12.976 1.00 40.66 ?  17  ARG B CZ  1 
ATOM   935  N  NH1 . ARG B 2 3   ? 14.655  -1.090  -12.250 1.00 42.11 1  17  ARG B NH1 1 
ATOM   936  N  NH2 . ARG B 2 3   ? 14.970  -3.348  -12.507 1.00 36.12 ?  17  ARG B NH2 1 
HETATM 937  O  OH  . ALY B 2 4   ? 4.403   -0.736  -8.111  1.00 17.61 ?  18  ALY B OH  1 
HETATM 938  C  CH  . ALY B 2 4   ? 4.478   0.456   -7.751  1.00 23.52 ?  18  ALY B CH  1 
HETATM 939  C  CH3 . ALY B 2 4   ? 3.872   0.918   -6.447  1.00 20.16 ?  18  ALY B CH3 1 
HETATM 940  N  NZ  . ALY B 2 4   ? 5.117   1.413   -8.522  1.00 26.89 ?  18  ALY B NZ  1 
HETATM 941  C  CE  . ALY B 2 4   ? 5.748   1.146   -9.785  1.00 22.74 ?  18  ALY B CE  1 
HETATM 942  C  CD  . ALY B 2 4   ? 6.884   2.115   -10.128 1.00 27.89 ?  18  ALY B CD  1 
HETATM 943  C  CG  . ALY B 2 4   ? 7.827   1.517   -11.155 1.00 27.55 ?  18  ALY B CG  1 
HETATM 944  C  CB  . ALY B 2 4   ? 7.324   1.783   -12.556 1.00 34.39 ?  18  ALY B CB  1 
HETATM 945  C  CA  . ALY B 2 4   ? 8.420   1.851   -13.645 1.00 36.57 ?  18  ALY B CA  1 
HETATM 946  N  N   . ALY B 2 4   ? 8.825   0.617   -14.288 1.00 32.67 ?  18  ALY B N   1 
HETATM 947  C  C   . ALY B 2 4   ? 9.645   2.599   -13.132 1.00 34.94 ?  18  ALY B C   1 
HETATM 948  O  O   . ALY B 2 4   ? 10.579  2.080   -12.514 1.00 30.70 ?  18  ALY B O   1 
ATOM   949  N  N   . GLN B 2 5   ? 9.641   3.894   -13.432 1.00 41.01 ?  19  GLN B N   1 
ATOM   950  C  CA  . GLN B 2 5   ? 10.770  4.763   -13.121 1.00 38.71 ?  19  GLN B CA  1 
ATOM   951  C  C   . GLN B 2 5   ? 10.413  5.777   -12.037 1.00 39.75 ?  19  GLN B C   1 
ATOM   952  O  O   . GLN B 2 5   ? 9.627   6.697   -12.267 1.00 40.22 ?  19  GLN B O   1 
ATOM   953  C  CB  . GLN B 2 5   ? 11.246  5.488   -14.382 1.00 36.97 ?  19  GLN B CB  1 
ATOM   954  C  CG  . GLN B 2 5   ? 11.568  4.574   -15.555 1.00 49.22 ?  19  GLN B CG  1 
ATOM   955  C  CD  . GLN B 2 5   ? 12.830  3.761   -15.342 1.00 61.98 ?  19  GLN B CD  1 
ATOM   956  O  OE1 . GLN B 2 5   ? 13.617  4.037   -14.435 1.00 63.94 ?  19  GLN B OE1 1 
ATOM   957  N  NE2 . GLN B 2 5   ? 13.031  2.753   -16.181 1.00 57.38 ?  19  GLN B NE2 1 
ATOM   958  N  N   . LEU B 2 6   ? 10.999  5.603   -10.857 1.00 39.97 ?  20  LEU B N   1 
ATOM   959  C  CA  . LEU B 2 6   ? 10.712  6.469   -9.719  1.00 33.47 ?  20  LEU B CA  1 
ATOM   960  C  C   . LEU B 2 6   ? 11.422  7.813   -9.827  1.00 40.75 ?  20  LEU B C   1 
ATOM   961  O  O   . LEU B 2 6   ? 11.047  8.774   -9.154  1.00 35.94 ?  20  LEU B O   1 
ATOM   962  C  CB  . LEU B 2 6   ? 11.114  5.781   -8.413  1.00 38.44 ?  20  LEU B CB  1 
ATOM   963  C  CG  . LEU B 2 6   ? 10.494  4.414   -8.122  1.00 35.44 ?  20  LEU B CG  1 
ATOM   964  C  CD1 . LEU B 2 6   ? 11.011  3.870   -6.799  1.00 29.37 ?  20  LEU B CD1 1 
ATOM   965  C  CD2 . LEU B 2 6   ? 8.978   4.496   -8.114  1.00 26.32 ?  20  LEU B CD2 1 
ATOM   966  N  N   . ALA B 2 7   ? 12.451  7.870   -10.669 1.00 50.40 ?  21  ALA B N   1 
ATOM   967  C  CA  . ALA B 2 7   ? 13.272  9.070   -10.817 1.00 49.65 ?  21  ALA B CA  1 
ATOM   968  C  C   . ALA B 2 7   ? 12.431  10.298  -11.153 1.00 42.68 ?  21  ALA B C   1 
ATOM   969  O  O   . ALA B 2 7   ? 11.494  10.223  -11.947 1.00 43.69 ?  21  ALA B O   1 
ATOM   970  C  CB  . ALA B 2 7   ? 14.335  8.852   -11.880 1.00 43.25 ?  21  ALA B CB  1 
ATOM   971  N  N   . THR B 2 8   ? 12.775  11.422  -10.534 1.00 48.39 ?  22  THR B N   1 
ATOM   972  C  CA  . THR B 2 8   ? 12.008  12.654  -10.677 1.00 59.64 ?  22  THR B CA  1 
ATOM   973  C  C   . THR B 2 8   ? 12.102  13.259  -12.075 1.00 59.94 ?  22  THR B C   1 
ATOM   974  O  O   . THR B 2 8   ? 13.053  13.006  -12.816 1.00 53.99 ?  22  THR B O   1 
ATOM   975  C  CB  . THR B 2 8   ? 12.461  13.710  -9.653  1.00 53.44 ?  22  THR B CB  1 
ATOM   976  O  OG1 . THR B 2 8   ? 12.312  15.017  -10.221 1.00 50.72 ?  22  THR B OG1 1 
ATOM   977  C  CG2 . THR B 2 8   ? 13.918  13.500  -9.284  1.00 36.78 ?  22  THR B CG2 1 
ATOM   978  N  N   . LYS B 2 9   ? 11.108  14.072  -12.417 1.00 65.06 ?  23  LYS B N   1 
ATOM   979  C  CA  . LYS B 2 9   ? 11.023  14.683  -13.737 1.00 64.77 ?  23  LYS B CA  1 
ATOM   980  C  C   . LYS B 2 9   ? 11.092  16.205  -13.644 1.00 60.46 ?  23  LYS B C   1 
ATOM   981  O  O   . LYS B 2 9   ? 12.125  16.808  -13.945 1.00 51.72 ?  23  LYS B O   1 
ATOM   982  C  CB  . LYS B 2 9   ? 9.733   14.256  -14.433 1.00 64.18 ?  23  LYS B CB  1 
ATOM   983  C  CG  . LYS B 2 9   ? 9.506   12.751  -14.421 1.00 67.23 ?  23  LYS B CG  1 
ATOM   984  C  CD  . LYS B 2 9   ? 8.078   12.374  -14.797 1.00 75.14 ?  23  LYS B CD  1 
ATOM   985  C  CE  . LYS B 2 9   ? 7.853   12.374  -16.303 1.00 68.37 ?  23  LYS B CE  1 
ATOM   986  N  NZ  . LYS B 2 9   ? 7.748   13.738  -16.886 1.00 63.96 ?  23  LYS B NZ  1 
HETATM 987  C  C1  . EDO C 3 .   ? -11.262 -8.077  14.320  1.00 39.48 ?  501 EDO A C1  1 
HETATM 988  O  O1  . EDO C 3 .   ? -10.671 -8.527  13.096  1.00 36.88 ?  501 EDO A O1  1 
HETATM 989  C  C2  . EDO C 3 .   ? -12.132 -6.856  14.042  1.00 36.40 ?  501 EDO A C2  1 
HETATM 990  O  O2  . EDO C 3 .   ? -12.939 -6.568  15.189  1.00 40.84 ?  501 EDO A O2  1 
HETATM 991  CL CL  . CL  D 4 .   ? 3.270   13.597  10.614  1.00 52.62 ?  502 CL  A CL  1 
HETATM 992  O  O   . HOH E 5 .   ? 4.761   8.216   4.664   1.00 21.29 ?  601 HOH A O   1 
HETATM 993  O  O   . HOH E 5 .   ? -21.040 0.625   7.691   1.00 39.39 ?  602 HOH A O   1 
HETATM 994  O  O   . HOH E 5 .   ? -2.393  7.963   16.613  1.00 28.68 ?  603 HOH A O   1 
HETATM 995  O  O   . HOH E 5 .   ? 8.168   -7.926  7.423   1.00 29.63 ?  604 HOH A O   1 
HETATM 996  O  O   . HOH E 5 .   ? 0.966   3.275   -5.522  1.00 22.12 ?  605 HOH A O   1 
HETATM 997  O  O   . HOH E 5 .   ? 6.670   -7.560  22.089  1.00 32.33 ?  606 HOH A O   1 
HETATM 998  O  O   . HOH E 5 .   ? -5.911  -7.737  -19.026 1.00 47.31 ?  607 HOH A O   1 
HETATM 999  O  O   . HOH E 5 .   ? 1.076   -1.819  -5.382  1.00 23.31 ?  608 HOH A O   1 
HETATM 1000 O  O   . HOH E 5 .   ? 13.992  -2.921  2.176   1.00 25.33 ?  609 HOH A O   1 
HETATM 1001 O  O   . HOH E 5 .   ? 14.760  -4.712  -4.551  1.00 19.57 ?  610 HOH A O   1 
HETATM 1002 O  O   . HOH E 5 .   ? 0.135   0.717   -4.437  1.00 27.80 ?  611 HOH A O   1 
HETATM 1003 O  O   . HOH E 5 .   ? -8.989  2.303   21.593  1.00 43.97 ?  612 HOH A O   1 
HETATM 1004 O  O   . HOH E 5 .   ? -3.909  -7.665  -8.460  1.00 25.54 ?  613 HOH A O   1 
HETATM 1005 O  O   . HOH E 5 .   ? -1.823  -1.413  -7.049  1.00 18.26 ?  614 HOH A O   1 
HETATM 1006 O  O   . HOH E 5 .   ? -4.721  -9.838  0.019   1.00 25.83 ?  615 HOH A O   1 
HETATM 1007 O  O   . HOH E 5 .   ? -2.126  11.008  -15.321 1.00 34.99 ?  616 HOH A O   1 
HETATM 1008 O  O   . HOH E 5 .   ? 1.523   -9.092  11.360  1.00 22.70 ?  617 HOH A O   1 
HETATM 1009 O  O   . HOH E 5 .   ? 14.141  -5.634  -1.559  1.00 22.78 ?  618 HOH A O   1 
HETATM 1010 O  O   . HOH E 5 .   ? -5.232  1.524   -6.471  1.00 25.57 ?  619 HOH A O   1 
HETATM 1011 O  O   . HOH E 5 .   ? -0.417  10.863  8.530   1.00 34.00 ?  620 HOH A O   1 
HETATM 1012 O  O   . HOH E 5 .   ? -1.317  -11.410 -0.530  1.00 30.13 ?  621 HOH A O   1 
HETATM 1013 O  O   . HOH E 5 .   ? -8.919  -3.488  -5.534  1.00 31.32 ?  622 HOH A O   1 
HETATM 1014 O  O   . HOH E 5 .   ? 2.685   -11.533 8.796   1.00 19.01 ?  623 HOH A O   1 
HETATM 1015 O  O   . HOH E 5 .   ? 8.934   -1.967  -13.053 1.00 29.40 ?  624 HOH A O   1 
HETATM 1016 O  O   . HOH E 5 .   ? -10.290 -6.457  1.855   1.00 30.08 ?  625 HOH A O   1 
HETATM 1017 O  O   . HOH E 5 .   ? -14.557 -0.130  -2.361  1.00 40.56 ?  626 HOH A O   1 
HETATM 1018 O  O   . HOH E 5 .   ? -4.990  -9.048  17.953  1.00 39.88 ?  627 HOH A O   1 
HETATM 1019 O  O   . HOH E 5 .   ? -2.402  1.293   -7.308  1.00 26.07 ?  628 HOH A O   1 
HETATM 1020 O  O   . HOH E 5 .   ? -6.529  -11.058 6.361   1.00 21.87 ?  629 HOH A O   1 
HETATM 1021 O  O   . HOH E 5 .   ? 5.473   -7.909  -14.625 1.00 31.34 ?  630 HOH A O   1 
HETATM 1022 O  O   . HOH E 5 .   ? 7.988   -4.166  -14.205 1.00 23.25 ?  631 HOH A O   1 
HETATM 1023 O  O   . HOH E 5 .   ? -1.403  -9.597  -5.973  1.00 27.87 ?  632 HOH A O   1 
HETATM 1024 O  O   . HOH E 5 .   ? 2.112   6.430   -9.450  1.00 30.02 ?  633 HOH A O   1 
HETATM 1025 O  O   . HOH E 5 .   ? 11.689  8.245   6.082   1.00 25.85 ?  634 HOH A O   1 
HETATM 1026 O  O   . HOH E 5 .   ? -3.309  1.556   -10.160 1.00 26.54 ?  635 HOH A O   1 
HETATM 1027 O  O   . HOH E 5 .   ? -3.576  4.142   -13.857 1.00 35.86 ?  636 HOH A O   1 
HETATM 1028 O  O   . HOH E 5 .   ? 12.265  5.682   9.007   1.00 36.73 ?  637 HOH A O   1 
HETATM 1029 O  O   . HOH E 5 .   ? 11.450  11.011  5.629   1.00 25.49 ?  638 HOH A O   1 
HETATM 1030 O  O   . HOH E 5 .   ? -3.501  -9.840  -10.070 1.00 33.17 ?  639 HOH A O   1 
HETATM 1031 O  O   . HOH E 5 .   ? 15.387  0.451   -9.440  1.00 22.07 ?  640 HOH A O   1 
HETATM 1032 O  O   . HOH E 5 .   ? -4.382  -11.072 4.189   1.00 23.26 ?  641 HOH A O   1 
HETATM 1033 O  O   . HOH E 5 .   ? -4.592  -11.524 8.938   1.00 37.19 ?  642 HOH A O   1 
HETATM 1034 O  O   . HOH E 5 .   ? -21.396 0.092   5.426   1.00 33.93 ?  643 HOH A O   1 
HETATM 1035 O  O   . HOH E 5 .   ? -7.253  -9.303  -1.249  1.00 34.08 ?  644 HOH A O   1 
HETATM 1036 O  O   . HOH E 5 .   ? 1.893   10.686  -4.347  1.00 35.24 ?  645 HOH A O   1 
HETATM 1037 O  O   . HOH E 5 .   ? 9.677   -9.060  -13.708 1.00 28.44 ?  646 HOH A O   1 
HETATM 1038 O  O   . HOH E 5 .   ? 15.330  -4.774  0.358   1.00 29.96 ?  647 HOH A O   1 
HETATM 1039 O  O   . HOH F 5 .   ? 2.247   -2.176  -7.822  1.00 20.31 ?  101 HOH B O   1 
HETATM 1040 O  O   . HOH F 5 .   ? 8.896   9.812   -12.598 1.00 43.11 ?  102 HOH B O   1 
HETATM 1041 O  O   . HOH F 5 .   ? 15.735  12.659  -12.220 1.00 41.70 ?  103 HOH B O   1 
HETATM 1042 O  O   . HOH F 5 .   ? 13.206  3.959   -10.533 1.00 26.60 ?  104 HOH B O   1 
HETATM 1043 O  O   . HOH F 5 .   ? 4.351   4.290   -7.712  1.00 27.95 ?  105 HOH B O   1 
# 
